data_2LEK
#
_entry.id   2LEK
#
_entity_poly.entity_id   1
_entity_poly.type   'polypeptide(L)'
_entity_poly.pdbx_seq_one_letter_code
;MLVTINGEQREVQSASVAALMTELDCTDGHYAVALNYDVVPRGKWDETPVTAGDEIEILTPRQGGLEHHHHHH
;
_entity_poly.pdbx_strand_id   A
#
# COMPACT_ATOMS: atom_id res chain seq x y z
N MET A 1 -5.70 -6.09 12.43
CA MET A 1 -4.93 -7.27 12.05
C MET A 1 -3.44 -6.93 11.97
N LEU A 2 -2.59 -7.84 12.45
CA LEU A 2 -1.14 -7.70 12.44
C LEU A 2 -0.61 -8.07 11.05
N VAL A 3 -0.32 -7.06 10.23
CA VAL A 3 0.19 -7.24 8.85
C VAL A 3 1.53 -6.52 8.68
N THR A 4 2.47 -7.19 8.00
CA THR A 4 3.81 -6.67 7.75
C THR A 4 3.74 -5.57 6.68
N ILE A 5 3.70 -4.31 7.13
CA ILE A 5 3.62 -3.15 6.25
C ILE A 5 5.04 -2.60 5.99
N ASN A 6 5.52 -2.81 4.75
CA ASN A 6 6.81 -2.29 4.26
C ASN A 6 8.00 -2.88 5.08
N GLY A 7 7.81 -4.10 5.61
CA GLY A 7 8.83 -4.79 6.41
C GLY A 7 8.63 -4.63 7.93
N GLU A 8 7.66 -3.79 8.34
CA GLU A 8 7.31 -3.58 9.76
C GLU A 8 5.98 -4.29 10.05
N GLN A 9 6.00 -5.35 10.89
CA GLN A 9 4.77 -6.01 11.36
C GLN A 9 3.96 -5.03 12.22
N ARG A 10 2.89 -4.47 11.62
CA ARG A 10 2.11 -3.36 12.19
C ARG A 10 0.66 -3.81 12.41
N GLU A 11 0.17 -3.61 13.64
CA GLU A 11 -1.19 -3.96 14.07
C GLU A 11 -2.15 -2.81 13.72
N VAL A 12 -2.93 -3.01 12.64
CA VAL A 12 -3.86 -1.98 12.11
C VAL A 12 -5.31 -2.34 12.45
N GLN A 13 -6.23 -1.38 12.22
CA GLN A 13 -7.68 -1.54 12.51
C GLN A 13 -8.52 -1.61 11.22
N SER A 14 -7.87 -1.44 10.06
CA SER A 14 -8.54 -1.42 8.74
C SER A 14 -8.56 -2.83 8.10
N ALA A 15 -9.75 -3.24 7.65
CA ALA A 15 -10.00 -4.56 7.00
C ALA A 15 -9.98 -4.46 5.46
N SER A 16 -9.88 -3.23 4.93
CA SER A 16 -9.82 -2.96 3.48
C SER A 16 -8.57 -2.17 3.16
N VAL A 17 -7.99 -2.39 1.96
CA VAL A 17 -6.75 -1.75 1.50
C VAL A 17 -6.97 -0.24 1.23
N ALA A 18 -8.17 0.13 0.75
CA ALA A 18 -8.58 1.53 0.60
C ALA A 18 -8.51 2.23 1.97
N ALA A 19 -9.17 1.58 2.94
CA ALA A 19 -9.23 2.06 4.32
C ALA A 19 -7.86 2.01 5.01
N LEU A 20 -7.00 1.07 4.59
CA LEU A 20 -5.65 0.88 5.14
C LEU A 20 -4.75 2.05 4.76
N MET A 21 -4.70 2.34 3.46
CA MET A 21 -3.91 3.45 2.92
C MET A 21 -4.45 4.80 3.48
N THR A 22 -5.78 4.91 3.68
CA THR A 22 -6.42 6.12 4.26
C THR A 22 -6.07 6.26 5.76
N GLU A 23 -5.99 5.11 6.45
CA GLU A 23 -5.64 5.03 7.88
C GLU A 23 -4.18 5.42 8.11
N LEU A 24 -3.33 5.07 7.14
CA LEU A 24 -1.88 5.35 7.15
C LEU A 24 -1.54 6.67 6.43
N ASP A 25 -2.59 7.36 5.87
CA ASP A 25 -2.44 8.68 5.18
C ASP A 25 -1.68 8.57 3.82
N CYS A 26 -1.54 7.34 3.31
CA CYS A 26 -0.77 7.03 2.09
C CYS A 26 -1.67 7.04 0.83
N THR A 27 -2.65 7.97 0.75
CA THR A 27 -3.61 8.02 -0.39
C THR A 27 -3.38 9.20 -1.35
N ASP A 28 -2.49 10.13 -0.99
CA ASP A 28 -2.26 11.38 -1.76
C ASP A 28 -0.86 11.38 -2.39
N GLY A 29 -0.47 12.52 -3.02
CA GLY A 29 0.84 12.67 -3.65
C GLY A 29 1.08 11.61 -4.73
N HIS A 30 1.90 10.60 -4.41
CA HIS A 30 2.09 9.41 -5.26
C HIS A 30 2.54 8.22 -4.38
N TYR A 31 1.56 7.50 -3.81
CA TYR A 31 1.80 6.24 -3.09
C TYR A 31 1.05 5.10 -3.78
N ALA A 32 1.51 3.89 -3.53
CA ALA A 32 0.96 2.65 -4.09
C ALA A 32 1.08 1.55 -3.04
N VAL A 33 0.30 0.48 -3.20
CA VAL A 33 0.32 -0.68 -2.29
C VAL A 33 0.80 -1.92 -3.06
N ALA A 34 1.67 -2.71 -2.43
CA ALA A 34 2.15 -3.97 -2.99
C ALA A 34 1.74 -5.11 -2.04
N LEU A 35 0.66 -5.79 -2.41
CA LEU A 35 0.08 -6.89 -1.64
C LEU A 35 0.77 -8.17 -2.09
N ASN A 36 1.66 -8.73 -1.22
CA ASN A 36 2.53 -9.88 -1.55
C ASN A 36 3.50 -9.51 -2.70
N TYR A 37 4.00 -8.24 -2.66
CA TYR A 37 4.89 -7.65 -3.71
C TYR A 37 4.14 -7.31 -5.03
N ASP A 38 2.86 -7.69 -5.12
CA ASP A 38 2.02 -7.44 -6.30
C ASP A 38 1.28 -6.12 -6.11
N VAL A 39 1.65 -5.10 -6.91
CA VAL A 39 1.07 -3.76 -6.81
C VAL A 39 -0.40 -3.77 -7.24
N VAL A 40 -1.27 -3.32 -6.33
CA VAL A 40 -2.70 -3.16 -6.57
C VAL A 40 -2.95 -1.75 -7.09
N PRO A 41 -3.52 -1.61 -8.34
CA PRO A 41 -3.97 -0.29 -8.86
C PRO A 41 -4.97 0.38 -7.90
N ARG A 42 -4.90 1.73 -7.81
CA ARG A 42 -5.70 2.51 -6.86
C ARG A 42 -7.22 2.27 -7.02
N GLY A 43 -7.64 1.99 -8.26
CA GLY A 43 -9.03 1.70 -8.59
C GLY A 43 -9.54 0.36 -8.06
N LYS A 44 -8.65 -0.43 -7.41
CA LYS A 44 -8.98 -1.75 -6.84
C LYS A 44 -8.76 -1.81 -5.31
N TRP A 45 -8.24 -0.71 -4.71
CA TRP A 45 -7.96 -0.62 -3.25
C TRP A 45 -9.22 -0.96 -2.40
N ASP A 46 -10.38 -0.46 -2.82
CA ASP A 46 -11.68 -0.68 -2.11
C ASP A 46 -12.17 -2.13 -2.31
N GLU A 47 -11.90 -2.68 -3.51
CA GLU A 47 -12.24 -4.09 -3.86
C GLU A 47 -11.36 -5.09 -3.08
N THR A 48 -10.16 -4.65 -2.69
CA THR A 48 -9.16 -5.53 -2.07
C THR A 48 -9.23 -5.37 -0.53
N PRO A 49 -9.57 -6.46 0.24
CA PRO A 49 -9.43 -6.46 1.71
C PRO A 49 -7.97 -6.77 2.14
N VAL A 50 -7.65 -6.42 3.40
CA VAL A 50 -6.40 -6.80 4.06
C VAL A 50 -6.62 -8.16 4.78
N THR A 51 -5.57 -8.99 4.85
CA THR A 51 -5.63 -10.31 5.51
C THR A 51 -4.54 -10.39 6.58
N ALA A 52 -4.89 -10.89 7.78
CA ALA A 52 -3.97 -10.98 8.94
C ALA A 52 -2.74 -11.86 8.62
N GLY A 53 -1.54 -11.30 8.86
CA GLY A 53 -0.26 -11.98 8.62
C GLY A 53 0.27 -11.79 7.19
N ASP A 54 -0.38 -10.90 6.41
CA ASP A 54 0.01 -10.60 5.02
C ASP A 54 1.11 -9.53 5.02
N GLU A 55 1.76 -9.32 3.86
CA GLU A 55 2.82 -8.33 3.70
C GLU A 55 2.38 -7.24 2.71
N ILE A 56 1.97 -6.09 3.28
CA ILE A 56 1.53 -4.90 2.53
C ILE A 56 2.71 -3.91 2.42
N GLU A 57 3.42 -3.93 1.30
CA GLU A 57 4.58 -3.05 1.06
C GLU A 57 4.11 -1.76 0.38
N ILE A 58 4.13 -0.63 1.10
CA ILE A 58 3.72 0.67 0.52
C ILE A 58 4.85 1.21 -0.36
N LEU A 59 4.63 1.22 -1.67
CA LEU A 59 5.60 1.74 -2.64
C LEU A 59 5.37 3.23 -2.89
N THR A 60 6.46 3.97 -3.06
CA THR A 60 6.46 5.36 -3.50
C THR A 60 6.97 5.40 -4.96
N PRO A 61 6.06 5.19 -5.97
CA PRO A 61 6.45 4.98 -7.39
C PRO A 61 7.23 6.18 -7.99
N ARG A 62 8.37 5.87 -8.65
CA ARG A 62 9.23 6.86 -9.31
C ARG A 62 8.55 7.33 -10.60
N GLN A 63 7.89 8.50 -10.52
CA GLN A 63 7.12 9.09 -11.63
C GLN A 63 7.51 10.57 -11.86
N GLY A 64 8.72 10.95 -11.38
CA GLY A 64 9.23 12.31 -11.52
C GLY A 64 9.52 12.64 -12.99
N GLY A 65 10.46 11.87 -13.58
CA GLY A 65 10.78 11.99 -15.02
C GLY A 65 9.89 11.11 -15.89
N LEU A 66 8.59 11.10 -15.57
CA LEU A 66 7.56 10.38 -16.32
C LEU A 66 6.67 11.47 -16.94
N GLU A 67 6.59 11.51 -18.26
CA GLU A 67 5.84 12.54 -19.03
C GLU A 67 4.37 12.71 -18.56
N HIS A 68 3.74 11.61 -18.11
CA HIS A 68 2.32 11.58 -17.72
C HIS A 68 2.07 12.35 -16.39
N HIS A 69 3.18 12.64 -15.64
CA HIS A 69 3.14 13.35 -14.31
C HIS A 69 2.28 14.64 -14.37
N HIS A 70 2.26 15.25 -15.57
CA HIS A 70 1.43 16.39 -15.90
C HIS A 70 1.35 16.46 -17.42
N HIS A 71 0.15 16.32 -17.97
CA HIS A 71 -0.10 16.41 -19.42
C HIS A 71 -1.34 17.29 -19.64
N HIS A 72 -1.17 18.43 -20.34
CA HIS A 72 -2.28 19.32 -20.70
C HIS A 72 -3.32 18.56 -21.57
N HIS A 73 -4.61 18.68 -21.19
CA HIS A 73 -5.73 17.94 -21.82
C HIS A 73 -5.53 16.39 -21.63
N MET A 1 -6.06 -7.25 13.21
CA MET A 1 -5.11 -8.33 12.93
C MET A 1 -3.70 -7.76 12.64
N LEU A 2 -2.66 -8.51 13.05
CA LEU A 2 -1.26 -8.13 12.85
C LEU A 2 -0.84 -8.43 11.41
N VAL A 3 -0.55 -7.38 10.64
CA VAL A 3 -0.08 -7.47 9.23
C VAL A 3 1.40 -7.00 9.16
N THR A 4 2.03 -7.01 7.97
CA THR A 4 3.42 -6.53 7.80
C THR A 4 3.46 -5.38 6.78
N ILE A 5 3.56 -4.14 7.29
CA ILE A 5 3.54 -2.91 6.48
C ILE A 5 4.99 -2.46 6.18
N ASN A 6 5.37 -2.45 4.87
CA ASN A 6 6.69 -1.97 4.37
C ASN A 6 7.87 -2.79 4.93
N GLY A 7 7.60 -4.03 5.37
CA GLY A 7 8.62 -4.92 5.94
C GLY A 7 8.72 -4.84 7.47
N GLU A 8 7.86 -4.02 8.09
CA GLU A 8 7.72 -3.95 9.56
C GLU A 8 6.28 -4.28 9.97
N GLN A 9 6.11 -5.25 10.88
CA GLN A 9 4.77 -5.68 11.33
C GLN A 9 4.08 -4.61 12.17
N ARG A 10 2.78 -4.39 11.87
CA ARG A 10 1.92 -3.45 12.58
C ARG A 10 0.48 -4.01 12.61
N GLU A 11 -0.19 -3.92 13.75
CA GLU A 11 -1.56 -4.40 13.93
C GLU A 11 -2.54 -3.36 13.41
N VAL A 12 -3.39 -3.76 12.46
CA VAL A 12 -4.43 -2.91 11.86
C VAL A 12 -5.78 -3.64 11.90
N GLN A 13 -6.90 -2.90 11.79
CA GLN A 13 -8.26 -3.50 11.74
C GLN A 13 -8.99 -3.13 10.43
N SER A 14 -8.31 -2.32 9.59
CA SER A 14 -8.83 -1.89 8.28
C SER A 14 -8.94 -3.10 7.33
N ALA A 15 -10.17 -3.53 7.06
CA ALA A 15 -10.47 -4.72 6.25
C ALA A 15 -10.26 -4.49 4.73
N SER A 16 -10.23 -3.22 4.30
CA SER A 16 -9.93 -2.85 2.91
C SER A 16 -8.58 -2.12 2.88
N VAL A 17 -7.87 -2.26 1.74
CA VAL A 17 -6.57 -1.60 1.53
C VAL A 17 -6.73 -0.08 1.43
N ALA A 18 -7.88 0.39 0.87
CA ALA A 18 -8.21 1.83 0.78
C ALA A 18 -8.28 2.47 2.17
N ALA A 19 -8.98 1.77 3.09
CA ALA A 19 -9.10 2.19 4.49
C ALA A 19 -7.72 2.30 5.15
N LEU A 20 -6.87 1.27 4.90
CA LEU A 20 -5.51 1.21 5.44
C LEU A 20 -4.63 2.36 4.92
N MET A 21 -4.70 2.63 3.61
CA MET A 21 -3.89 3.69 2.96
C MET A 21 -4.28 5.08 3.53
N THR A 22 -5.54 5.22 3.99
CA THR A 22 -6.04 6.45 4.63
C THR A 22 -5.49 6.62 6.05
N GLU A 23 -5.40 5.50 6.80
CA GLU A 23 -4.81 5.48 8.15
C GLU A 23 -3.31 5.84 8.08
N LEU A 24 -2.65 5.34 7.02
CA LEU A 24 -1.21 5.51 6.81
C LEU A 24 -0.90 6.77 5.97
N ASP A 25 -1.97 7.48 5.53
CA ASP A 25 -1.88 8.80 4.86
C ASP A 25 -1.15 8.77 3.51
N CYS A 26 -1.22 7.61 2.84
CA CYS A 26 -0.63 7.38 1.51
C CYS A 26 -1.73 7.11 0.45
N THR A 27 -2.97 7.55 0.75
CA THR A 27 -4.14 7.30 -0.12
C THR A 27 -4.22 8.36 -1.24
N ASP A 28 -3.19 8.37 -2.09
CA ASP A 28 -3.02 9.38 -3.14
C ASP A 28 -2.50 8.71 -4.43
N GLY A 29 -2.72 9.38 -5.59
CA GLY A 29 -2.41 8.82 -6.91
C GLY A 29 -0.92 8.69 -7.20
N HIS A 30 -0.09 9.51 -6.52
CA HIS A 30 1.37 9.43 -6.64
C HIS A 30 1.91 8.17 -5.96
N TYR A 31 1.13 7.66 -4.99
CA TYR A 31 1.43 6.43 -4.26
C TYR A 31 0.78 5.23 -4.93
N ALA A 32 1.34 4.06 -4.63
CA ALA A 32 0.76 2.76 -4.96
C ALA A 32 0.86 1.87 -3.71
N VAL A 33 0.46 0.61 -3.82
CA VAL A 33 0.56 -0.36 -2.72
C VAL A 33 0.83 -1.75 -3.29
N ALA A 34 1.38 -2.65 -2.46
CA ALA A 34 1.65 -4.04 -2.85
C ALA A 34 1.14 -4.99 -1.76
N LEU A 35 0.07 -5.74 -2.08
CA LEU A 35 -0.48 -6.78 -1.19
C LEU A 35 0.23 -8.11 -1.50
N ASN A 36 1.08 -8.56 -0.55
CA ASN A 36 1.90 -9.79 -0.66
C ASN A 36 2.72 -9.82 -1.95
N TYR A 37 3.67 -8.87 -2.06
CA TYR A 37 4.66 -8.76 -3.17
C TYR A 37 4.00 -8.36 -4.52
N ASP A 38 2.67 -8.14 -4.51
CA ASP A 38 1.87 -7.94 -5.73
C ASP A 38 1.20 -6.56 -5.67
N VAL A 39 1.57 -5.69 -6.62
CA VAL A 39 1.13 -4.30 -6.67
C VAL A 39 -0.37 -4.21 -7.02
N VAL A 40 -1.15 -3.62 -6.10
CA VAL A 40 -2.58 -3.37 -6.28
C VAL A 40 -2.77 -1.95 -6.86
N PRO A 41 -3.48 -1.79 -8.03
CA PRO A 41 -3.78 -0.47 -8.62
C PRO A 41 -4.81 0.30 -7.76
N ARG A 42 -4.77 1.64 -7.86
CA ARG A 42 -5.54 2.55 -6.99
C ARG A 42 -7.06 2.27 -7.03
N GLY A 43 -7.57 1.99 -8.24
CA GLY A 43 -9.00 1.69 -8.45
C GLY A 43 -9.41 0.29 -8.00
N LYS A 44 -8.55 -0.38 -7.22
CA LYS A 44 -8.86 -1.68 -6.62
C LYS A 44 -8.69 -1.66 -5.08
N TRP A 45 -7.96 -0.66 -4.54
CA TRP A 45 -7.64 -0.56 -3.08
C TRP A 45 -8.88 -0.83 -2.18
N ASP A 46 -10.02 -0.26 -2.59
CA ASP A 46 -11.31 -0.38 -1.89
C ASP A 46 -11.80 -1.84 -1.86
N GLU A 47 -11.76 -2.48 -3.04
CA GLU A 47 -12.28 -3.85 -3.24
C GLU A 47 -11.20 -4.92 -2.97
N THR A 48 -9.99 -4.49 -2.60
CA THR A 48 -8.90 -5.42 -2.22
C THR A 48 -8.86 -5.55 -0.69
N PRO A 49 -9.03 -6.80 -0.12
CA PRO A 49 -9.03 -7.00 1.34
C PRO A 49 -7.62 -7.17 1.96
N VAL A 50 -7.46 -6.68 3.20
CA VAL A 50 -6.23 -6.84 4.00
C VAL A 50 -6.29 -8.17 4.77
N THR A 51 -5.22 -8.97 4.68
CA THR A 51 -5.17 -10.34 5.22
C THR A 51 -4.33 -10.35 6.53
N ALA A 52 -4.69 -11.21 7.48
CA ALA A 52 -3.96 -11.37 8.75
C ALA A 52 -2.56 -12.00 8.50
N GLY A 53 -1.50 -11.23 8.82
CA GLY A 53 -0.12 -11.68 8.65
C GLY A 53 0.32 -11.66 7.20
N ASP A 54 -0.18 -10.67 6.43
CA ASP A 54 0.24 -10.47 5.03
C ASP A 54 1.53 -9.63 4.95
N GLU A 55 1.83 -9.12 3.76
CA GLU A 55 2.90 -8.11 3.58
C GLU A 55 2.41 -6.98 2.65
N ILE A 56 1.89 -5.89 3.25
CA ILE A 56 1.44 -4.69 2.51
C ILE A 56 2.57 -3.65 2.46
N GLU A 57 3.27 -3.58 1.33
CA GLU A 57 4.34 -2.61 1.07
C GLU A 57 3.76 -1.40 0.34
N ILE A 58 3.76 -0.23 0.98
CA ILE A 58 3.32 1.02 0.36
C ILE A 58 4.43 1.54 -0.55
N LEU A 59 4.06 1.86 -1.78
CA LEU A 59 4.96 2.38 -2.79
C LEU A 59 4.73 3.88 -2.99
N THR A 60 5.81 4.57 -3.31
CA THR A 60 5.80 5.95 -3.76
C THR A 60 6.88 6.07 -4.86
N PRO A 61 6.58 5.55 -6.09
CA PRO A 61 7.57 5.46 -7.18
C PRO A 61 8.02 6.86 -7.65
N ARG A 62 9.31 7.18 -7.49
CA ARG A 62 9.91 8.46 -7.94
C ARG A 62 9.66 8.65 -9.45
N GLN A 63 9.85 7.56 -10.19
CA GLN A 63 9.49 7.50 -11.62
C GLN A 63 7.95 7.48 -11.79
N GLY A 64 7.34 8.67 -11.82
CA GLY A 64 5.90 8.82 -12.06
C GLY A 64 5.64 9.47 -13.42
N GLY A 65 6.06 8.77 -14.48
CA GLY A 65 5.95 9.24 -15.86
C GLY A 65 6.75 8.36 -16.80
N LEU A 66 6.92 8.83 -18.05
CA LEU A 66 7.64 8.10 -19.13
C LEU A 66 7.10 6.66 -19.27
N GLU A 67 5.78 6.58 -19.47
CA GLU A 67 5.02 5.32 -19.48
C GLU A 67 4.99 4.70 -20.88
N HIS A 68 6.19 4.31 -21.36
CA HIS A 68 6.38 3.68 -22.67
C HIS A 68 5.87 2.24 -22.63
N HIS A 69 6.23 1.53 -21.55
CA HIS A 69 5.64 0.23 -21.20
C HIS A 69 4.77 0.43 -19.96
N HIS A 70 3.54 0.95 -20.17
CA HIS A 70 2.59 1.18 -19.07
C HIS A 70 2.07 -0.16 -18.51
N HIS A 71 2.71 -0.63 -17.42
CA HIS A 71 2.38 -1.90 -16.78
C HIS A 71 1.10 -1.75 -15.94
N HIS A 72 0.00 -2.32 -16.45
CA HIS A 72 -1.28 -2.37 -15.74
C HIS A 72 -1.39 -3.71 -15.01
N HIS A 73 -1.96 -3.69 -13.81
CA HIS A 73 -2.25 -4.90 -13.03
C HIS A 73 -3.75 -5.24 -13.21
N MET A 1 -5.99 -6.23 12.86
CA MET A 1 -5.10 -7.42 12.87
C MET A 1 -3.64 -7.00 12.61
N LEU A 2 -2.71 -7.95 12.84
CA LEU A 2 -1.27 -7.75 12.61
C LEU A 2 -0.94 -8.07 11.14
N VAL A 3 -0.27 -7.13 10.47
CA VAL A 3 0.16 -7.25 9.05
C VAL A 3 1.60 -6.70 8.90
N THR A 4 2.47 -7.38 8.13
CA THR A 4 3.87 -6.95 7.95
C THR A 4 3.92 -5.79 6.94
N ILE A 5 3.98 -4.55 7.43
CA ILE A 5 4.00 -3.36 6.55
C ILE A 5 5.46 -2.93 6.30
N ASN A 6 5.94 -3.25 5.08
CA ASN A 6 7.28 -2.84 4.59
C ASN A 6 8.41 -3.44 5.46
N GLY A 7 8.17 -4.69 5.92
CA GLY A 7 9.12 -5.39 6.78
C GLY A 7 9.01 -5.01 8.25
N GLU A 8 7.94 -4.28 8.60
CA GLU A 8 7.63 -3.89 9.98
C GLU A 8 6.16 -4.24 10.28
N GLN A 9 5.95 -5.25 11.13
CA GLN A 9 4.62 -5.72 11.53
C GLN A 9 3.87 -4.62 12.33
N ARG A 10 2.72 -4.17 11.82
CA ARG A 10 1.93 -3.08 12.41
C ARG A 10 0.48 -3.54 12.64
N GLU A 11 -0.21 -2.86 13.55
CA GLU A 11 -1.60 -3.15 13.93
C GLU A 11 -2.56 -2.22 13.17
N VAL A 12 -3.37 -2.80 12.29
CA VAL A 12 -4.36 -2.07 11.46
C VAL A 12 -5.79 -2.60 11.74
N GLN A 13 -6.79 -1.71 11.66
CA GLN A 13 -8.23 -2.06 11.83
C GLN A 13 -8.99 -1.73 10.53
N SER A 14 -8.23 -1.67 9.44
CA SER A 14 -8.71 -1.30 8.11
C SER A 14 -9.47 -2.44 7.43
N ALA A 15 -8.87 -3.66 7.44
CA ALA A 15 -9.44 -4.89 6.85
C ALA A 15 -9.57 -4.85 5.29
N SER A 16 -9.14 -3.72 4.68
CA SER A 16 -9.18 -3.48 3.23
C SER A 16 -8.10 -2.46 2.86
N VAL A 17 -7.64 -2.54 1.60
CA VAL A 17 -6.48 -1.75 1.11
C VAL A 17 -6.81 -0.23 0.99
N ALA A 18 -8.07 0.11 0.63
CA ALA A 18 -8.52 1.52 0.56
C ALA A 18 -8.52 2.14 1.97
N ALA A 19 -9.21 1.46 2.90
CA ALA A 19 -9.27 1.85 4.31
C ALA A 19 -7.86 1.88 4.93
N LEU A 20 -7.00 0.97 4.45
CA LEU A 20 -5.60 0.82 4.90
C LEU A 20 -4.78 2.07 4.66
N MET A 21 -4.67 2.48 3.38
CA MET A 21 -3.81 3.60 2.99
C MET A 21 -4.40 4.94 3.43
N THR A 22 -5.73 4.98 3.69
CA THR A 22 -6.39 6.11 4.35
C THR A 22 -5.97 6.19 5.84
N GLU A 23 -5.91 5.01 6.48
CA GLU A 23 -5.63 4.84 7.91
C GLU A 23 -4.15 5.13 8.23
N LEU A 24 -3.27 4.74 7.30
CA LEU A 24 -1.81 4.97 7.39
C LEU A 24 -1.46 6.42 6.98
N ASP A 25 -2.49 7.15 6.50
CA ASP A 25 -2.39 8.55 6.00
C ASP A 25 -1.51 8.61 4.71
N CYS A 26 -1.45 7.48 4.01
CA CYS A 26 -0.62 7.28 2.82
C CYS A 26 -1.42 7.59 1.52
N THR A 27 -2.32 8.58 1.57
CA THR A 27 -3.12 9.04 0.40
C THR A 27 -2.81 10.52 0.10
N ASP A 28 -1.72 11.04 0.67
CA ASP A 28 -1.33 12.47 0.56
C ASP A 28 -0.62 12.79 -0.78
N GLY A 29 -0.44 11.79 -1.66
CA GLY A 29 0.20 11.98 -2.97
C GLY A 29 -0.05 10.81 -3.91
N HIS A 30 0.89 10.56 -4.83
CA HIS A 30 0.76 9.51 -5.87
C HIS A 30 1.36 8.18 -5.33
N TYR A 31 0.78 7.68 -4.24
CA TYR A 31 1.27 6.46 -3.56
C TYR A 31 0.56 5.21 -4.12
N ALA A 32 1.23 4.08 -3.96
CA ALA A 32 0.72 2.76 -4.35
C ALA A 32 1.01 1.78 -3.21
N VAL A 33 0.52 0.55 -3.37
CA VAL A 33 0.64 -0.51 -2.37
C VAL A 33 1.07 -1.81 -3.04
N ALA A 34 1.88 -2.59 -2.35
CA ALA A 34 2.27 -3.94 -2.78
C ALA A 34 1.76 -4.93 -1.73
N LEU A 35 0.64 -5.58 -2.04
CA LEU A 35 0.01 -6.55 -1.15
C LEU A 35 0.44 -7.97 -1.58
N ASN A 36 1.23 -8.64 -0.73
CA ASN A 36 1.75 -10.00 -0.96
C ASN A 36 2.50 -10.09 -2.29
N TYR A 37 3.51 -9.20 -2.43
CA TYR A 37 4.45 -9.17 -3.57
C TYR A 37 3.72 -8.88 -4.90
N ASP A 38 2.68 -8.05 -4.84
CA ASP A 38 1.90 -7.64 -6.02
C ASP A 38 1.29 -6.25 -5.79
N VAL A 39 1.56 -5.32 -6.72
CA VAL A 39 1.03 -3.95 -6.64
C VAL A 39 -0.47 -3.94 -6.96
N VAL A 40 -1.26 -3.36 -6.04
CA VAL A 40 -2.70 -3.18 -6.24
C VAL A 40 -2.93 -1.74 -6.77
N PRO A 41 -3.48 -1.58 -8.01
CA PRO A 41 -3.84 -0.26 -8.56
C PRO A 41 -4.95 0.40 -7.71
N ARG A 42 -4.97 1.76 -7.73
CA ARG A 42 -5.77 2.57 -6.79
C ARG A 42 -7.28 2.32 -6.91
N GLY A 43 -7.75 2.14 -8.16
CA GLY A 43 -9.17 1.84 -8.41
C GLY A 43 -9.61 0.44 -7.96
N LYS A 44 -8.67 -0.36 -7.42
CA LYS A 44 -8.95 -1.72 -6.88
C LYS A 44 -8.74 -1.79 -5.36
N TRP A 45 -8.15 -0.74 -4.75
CA TRP A 45 -7.87 -0.69 -3.28
C TRP A 45 -9.14 -1.03 -2.45
N ASP A 46 -10.28 -0.50 -2.90
CA ASP A 46 -11.60 -0.70 -2.27
C ASP A 46 -12.11 -2.13 -2.48
N GLU A 47 -11.87 -2.69 -3.66
CA GLU A 47 -12.27 -4.06 -4.03
C GLU A 47 -11.35 -5.13 -3.42
N THR A 48 -10.18 -4.73 -2.92
CA THR A 48 -9.19 -5.67 -2.38
C THR A 48 -9.17 -5.57 -0.84
N PRO A 49 -9.48 -6.68 -0.09
CA PRO A 49 -9.33 -6.70 1.38
C PRO A 49 -7.87 -6.98 1.82
N VAL A 50 -7.59 -6.78 3.12
CA VAL A 50 -6.31 -7.15 3.78
C VAL A 50 -6.61 -8.17 4.88
N THR A 51 -5.74 -9.16 5.02
CA THR A 51 -5.88 -10.25 6.00
C THR A 51 -4.62 -10.28 6.89
N ALA A 52 -4.76 -10.80 8.12
CA ALA A 52 -3.62 -10.99 9.05
C ALA A 52 -2.55 -11.88 8.42
N GLY A 53 -1.29 -11.39 8.41
CA GLY A 53 -0.16 -12.10 7.80
C GLY A 53 0.24 -11.55 6.43
N ASP A 54 -0.51 -10.56 5.92
CA ASP A 54 -0.21 -9.94 4.62
C ASP A 54 0.98 -8.98 4.71
N GLU A 55 1.85 -9.03 3.69
CA GLU A 55 2.98 -8.13 3.55
C GLU A 55 2.55 -6.91 2.70
N ILE A 56 2.46 -5.76 3.35
CA ILE A 56 2.05 -4.50 2.72
C ILE A 56 3.27 -3.58 2.58
N GLU A 57 3.88 -3.56 1.40
CA GLU A 57 4.96 -2.61 1.08
C GLU A 57 4.37 -1.41 0.34
N ILE A 58 4.48 -0.22 0.94
CA ILE A 58 4.00 1.02 0.30
C ILE A 58 5.02 1.43 -0.78
N LEU A 59 4.52 1.93 -1.91
CA LEU A 59 5.36 2.32 -3.06
C LEU A 59 5.09 3.76 -3.46
N THR A 60 6.09 4.42 -4.03
CA THR A 60 5.95 5.70 -4.70
C THR A 60 6.47 5.51 -6.14
N PRO A 61 5.61 5.02 -7.09
CA PRO A 61 6.06 4.65 -8.45
C PRO A 61 6.54 5.90 -9.23
N ARG A 62 7.82 5.92 -9.56
CA ARG A 62 8.47 7.06 -10.19
C ARG A 62 9.72 6.56 -10.92
N GLN A 63 9.66 6.62 -12.26
CA GLN A 63 10.78 6.33 -13.18
C GLN A 63 11.24 4.83 -13.14
N GLY A 64 10.47 3.98 -12.45
CA GLY A 64 10.75 2.55 -12.38
C GLY A 64 11.36 2.08 -11.05
N GLY A 65 11.37 2.98 -10.05
CA GLY A 65 11.78 2.63 -8.70
C GLY A 65 13.27 2.30 -8.57
N LEU A 66 13.57 1.05 -8.16
CA LEU A 66 14.96 0.60 -7.88
C LEU A 66 15.72 0.40 -9.19
N GLU A 67 15.11 -0.38 -10.09
CA GLU A 67 15.70 -0.72 -11.38
C GLU A 67 15.65 0.47 -12.33
N HIS A 68 16.72 0.66 -13.10
CA HIS A 68 16.83 1.73 -14.11
C HIS A 68 16.89 1.15 -15.53
N HIS A 69 17.05 -0.18 -15.62
CA HIS A 69 17.18 -0.91 -16.90
C HIS A 69 15.95 -1.82 -17.08
N HIS A 70 14.87 -1.24 -17.61
CA HIS A 70 13.56 -1.94 -17.72
C HIS A 70 13.43 -2.60 -19.09
N HIS A 71 12.76 -3.77 -19.13
CA HIS A 71 12.39 -4.46 -20.37
C HIS A 71 10.86 -4.64 -20.36
N HIS A 72 10.38 -5.40 -19.37
CA HIS A 72 8.95 -5.52 -19.04
C HIS A 72 8.84 -5.50 -17.51
N HIS A 73 8.82 -4.28 -16.94
CA HIS A 73 8.90 -4.01 -15.50
C HIS A 73 10.26 -4.52 -14.95
N MET A 1 -5.76 -7.75 13.60
CA MET A 1 -5.10 -8.25 12.37
C MET A 1 -3.63 -7.84 12.38
N LEU A 2 -2.74 -8.74 12.85
CA LEU A 2 -1.30 -8.51 12.82
C LEU A 2 -0.80 -8.78 11.38
N VAL A 3 -0.52 -7.71 10.64
CA VAL A 3 0.07 -7.77 9.29
C VAL A 3 1.52 -7.27 9.36
N THR A 4 2.22 -7.28 8.21
CA THR A 4 3.59 -6.78 8.09
C THR A 4 3.62 -5.70 7.01
N ILE A 5 3.61 -4.43 7.43
CA ILE A 5 3.59 -3.27 6.53
C ILE A 5 5.03 -2.78 6.30
N ASN A 6 5.54 -3.00 5.06
CA ASN A 6 6.87 -2.53 4.59
C ASN A 6 8.00 -3.24 5.37
N GLY A 7 7.76 -4.52 5.73
CA GLY A 7 8.73 -5.31 6.50
C GLY A 7 8.62 -5.12 8.00
N GLU A 8 7.64 -4.31 8.45
CA GLU A 8 7.44 -4.01 9.89
C GLU A 8 6.08 -4.55 10.36
N GLN A 9 6.10 -5.44 11.36
CA GLN A 9 4.89 -6.05 11.95
C GLN A 9 4.03 -4.96 12.63
N ARG A 10 2.84 -4.71 12.07
CA ARG A 10 1.88 -3.71 12.57
C ARG A 10 0.52 -4.38 12.83
N GLU A 11 -0.06 -4.08 14.00
CA GLU A 11 -1.41 -4.50 14.38
C GLU A 11 -2.42 -3.48 13.83
N VAL A 12 -3.28 -3.93 12.89
CA VAL A 12 -4.29 -3.10 12.22
C VAL A 12 -5.67 -3.76 12.40
N GLN A 13 -6.73 -3.01 12.05
CA GLN A 13 -8.12 -3.53 12.05
C GLN A 13 -8.75 -3.30 10.65
N SER A 14 -7.93 -2.82 9.70
CA SER A 14 -8.34 -2.52 8.33
C SER A 14 -8.43 -3.81 7.51
N ALA A 15 -9.67 -4.27 7.26
CA ALA A 15 -9.93 -5.39 6.32
C ALA A 15 -9.99 -4.90 4.86
N SER A 16 -9.74 -3.59 4.67
CA SER A 16 -9.67 -2.94 3.35
C SER A 16 -8.32 -2.24 3.20
N VAL A 17 -7.68 -2.43 2.03
CA VAL A 17 -6.43 -1.74 1.66
C VAL A 17 -6.69 -0.23 1.55
N ALA A 18 -7.82 0.15 0.92
CA ALA A 18 -8.23 1.56 0.72
C ALA A 18 -8.28 2.32 2.04
N ALA A 19 -8.97 1.72 3.03
CA ALA A 19 -9.14 2.31 4.37
C ALA A 19 -7.79 2.50 5.07
N LEU A 20 -6.94 1.45 5.01
CA LEU A 20 -5.60 1.44 5.65
C LEU A 20 -4.70 2.57 5.08
N MET A 21 -4.67 2.70 3.74
CA MET A 21 -3.82 3.68 3.06
C MET A 21 -4.35 5.12 3.26
N THR A 22 -5.66 5.27 3.55
CA THR A 22 -6.26 6.57 3.94
C THR A 22 -5.76 6.98 5.34
N GLU A 23 -5.69 5.99 6.26
CA GLU A 23 -5.23 6.19 7.65
C GLU A 23 -3.73 6.50 7.72
N LEU A 24 -2.96 5.83 6.84
CA LEU A 24 -1.50 6.01 6.72
C LEU A 24 -1.17 7.25 5.85
N ASP A 25 -2.22 7.88 5.25
CA ASP A 25 -2.10 9.11 4.41
C ASP A 25 -1.40 8.81 3.05
N CYS A 26 -1.24 7.50 2.76
CA CYS A 26 -0.52 7.00 1.58
C CYS A 26 -1.50 6.72 0.43
N THR A 27 -2.55 7.54 0.34
CA THR A 27 -3.51 7.52 -0.78
C THR A 27 -3.64 8.93 -1.40
N ASP A 28 -3.11 9.95 -0.67
CA ASP A 28 -3.22 11.37 -1.07
C ASP A 28 -2.51 11.62 -2.40
N GLY A 29 -1.16 11.51 -2.37
CA GLY A 29 -0.34 11.73 -3.54
C GLY A 29 -0.16 10.49 -4.40
N HIS A 30 0.83 10.52 -5.30
CA HIS A 30 1.09 9.43 -6.26
C HIS A 30 1.75 8.23 -5.54
N TYR A 31 0.90 7.37 -4.95
CA TYR A 31 1.33 6.20 -4.17
C TYR A 31 0.70 4.92 -4.74
N ALA A 32 1.43 3.81 -4.59
CA ALA A 32 0.93 2.46 -4.85
C ALA A 32 1.00 1.65 -3.56
N VAL A 33 0.35 0.50 -3.57
CA VAL A 33 0.46 -0.51 -2.52
C VAL A 33 0.94 -1.82 -3.15
N ALA A 34 1.56 -2.69 -2.35
CA ALA A 34 1.93 -4.02 -2.77
C ALA A 34 1.45 -5.02 -1.71
N LEU A 35 0.32 -5.70 -1.98
CA LEU A 35 -0.28 -6.66 -1.05
C LEU A 35 0.32 -8.04 -1.36
N ASN A 36 1.18 -8.52 -0.43
CA ASN A 36 2.04 -9.73 -0.62
C ASN A 36 2.98 -9.50 -1.83
N TYR A 37 3.49 -8.26 -1.93
CA TYR A 37 4.39 -7.75 -3.02
C TYR A 37 3.66 -7.52 -4.36
N ASP A 38 2.39 -7.96 -4.47
CA ASP A 38 1.57 -7.74 -5.66
C ASP A 38 1.04 -6.30 -5.67
N VAL A 39 1.57 -5.48 -6.59
CA VAL A 39 1.21 -4.08 -6.71
C VAL A 39 -0.25 -3.95 -7.20
N VAL A 40 -1.08 -3.28 -6.39
CA VAL A 40 -2.51 -3.08 -6.66
C VAL A 40 -2.72 -1.62 -7.10
N PRO A 41 -3.50 -1.36 -8.22
CA PRO A 41 -3.88 0.01 -8.63
C PRO A 41 -4.92 0.62 -7.66
N ARG A 42 -4.88 1.96 -7.51
CA ARG A 42 -5.60 2.67 -6.42
C ARG A 42 -7.13 2.51 -6.48
N GLY A 43 -7.66 2.44 -7.71
CA GLY A 43 -9.10 2.22 -7.93
C GLY A 43 -9.59 0.90 -7.34
N LYS A 44 -8.69 -0.10 -7.27
CA LYS A 44 -8.99 -1.47 -6.81
C LYS A 44 -8.69 -1.67 -5.32
N TRP A 45 -8.11 -0.66 -4.63
CA TRP A 45 -7.82 -0.74 -3.16
C TRP A 45 -9.11 -1.01 -2.36
N ASP A 46 -10.25 -0.51 -2.92
CA ASP A 46 -11.60 -0.73 -2.37
C ASP A 46 -12.02 -2.20 -2.50
N GLU A 47 -11.66 -2.80 -3.66
CA GLU A 47 -11.96 -4.20 -3.99
C GLU A 47 -11.00 -5.19 -3.30
N THR A 48 -9.78 -4.70 -2.97
CA THR A 48 -8.67 -5.53 -2.47
C THR A 48 -8.69 -5.56 -0.93
N PRO A 49 -9.02 -6.73 -0.29
CA PRO A 49 -9.09 -6.84 1.19
C PRO A 49 -7.70 -7.03 1.83
N VAL A 50 -7.67 -6.96 3.17
CA VAL A 50 -6.48 -7.24 3.98
C VAL A 50 -6.81 -8.39 4.97
N THR A 51 -5.88 -9.31 5.14
CA THR A 51 -5.95 -10.40 6.14
C THR A 51 -4.64 -10.39 6.95
N ALA A 52 -4.74 -10.84 8.22
CA ALA A 52 -3.60 -10.87 9.15
C ALA A 52 -2.47 -11.78 8.62
N GLY A 53 -1.26 -11.21 8.46
CA GLY A 53 -0.11 -11.95 7.91
C GLY A 53 0.37 -11.41 6.58
N ASP A 54 -0.46 -10.56 5.93
CA ASP A 54 -0.12 -9.97 4.61
C ASP A 54 1.07 -9.01 4.68
N GLU A 55 1.96 -9.07 3.68
CA GLU A 55 3.10 -8.15 3.55
C GLU A 55 2.65 -6.94 2.67
N ILE A 56 2.30 -5.83 3.32
CA ILE A 56 1.79 -4.62 2.66
C ILE A 56 2.95 -3.62 2.50
N GLU A 57 3.58 -3.61 1.32
CA GLU A 57 4.68 -2.69 0.97
C GLU A 57 4.12 -1.44 0.26
N ILE A 58 4.32 -0.25 0.84
CA ILE A 58 3.85 1.02 0.27
C ILE A 58 4.92 1.54 -0.70
N LEU A 59 4.48 2.01 -1.87
CA LEU A 59 5.35 2.54 -2.93
C LEU A 59 4.99 4.00 -3.21
N THR A 60 5.98 4.76 -3.67
CA THR A 60 5.79 6.10 -4.24
C THR A 60 6.45 6.08 -5.63
N PRO A 61 5.72 5.58 -6.69
CA PRO A 61 6.32 5.32 -8.02
C PRO A 61 6.86 6.62 -8.67
N ARG A 62 8.19 6.64 -8.88
CA ARG A 62 8.93 7.78 -9.48
C ARG A 62 8.74 9.05 -8.62
N GLN A 63 9.40 9.09 -7.44
CA GLN A 63 9.26 10.21 -6.50
C GLN A 63 10.23 11.35 -6.87
N GLY A 64 11.47 10.97 -7.27
CA GLY A 64 12.54 11.91 -7.61
C GLY A 64 12.22 12.73 -8.85
N GLY A 65 11.91 14.00 -8.65
CA GLY A 65 11.52 14.93 -9.72
C GLY A 65 11.45 16.35 -9.21
N LEU A 66 12.63 16.88 -8.81
CA LEU A 66 12.80 18.26 -8.28
C LEU A 66 12.15 19.30 -9.22
N GLU A 67 12.35 19.11 -10.54
CA GLU A 67 11.70 19.95 -11.58
C GLU A 67 10.59 19.16 -12.28
N HIS A 68 10.84 17.86 -12.54
CA HIS A 68 9.91 16.98 -13.28
C HIS A 68 8.66 16.60 -12.46
N HIS A 69 8.46 17.22 -11.28
CA HIS A 69 7.24 17.05 -10.47
C HIS A 69 5.98 17.35 -11.31
N HIS A 70 6.06 18.39 -12.19
CA HIS A 70 5.03 18.64 -13.21
C HIS A 70 5.41 17.81 -14.45
N HIS A 71 4.81 16.61 -14.57
CA HIS A 71 5.20 15.59 -15.57
C HIS A 71 4.54 15.84 -16.95
N HIS A 72 3.67 16.88 -17.04
CA HIS A 72 2.88 17.20 -18.25
C HIS A 72 1.98 16.01 -18.63
N HIS A 73 0.79 15.93 -18.00
CA HIS A 73 -0.18 14.82 -18.21
C HIS A 73 -1.62 15.40 -18.30
N MET A 1 -5.92 -7.01 12.67
CA MET A 1 -5.00 -7.98 12.06
C MET A 1 -3.57 -7.41 12.00
N LEU A 2 -2.59 -8.21 12.43
CA LEU A 2 -1.16 -7.87 12.33
C LEU A 2 -0.70 -8.15 10.89
N VAL A 3 -0.26 -7.11 10.19
CA VAL A 3 0.25 -7.19 8.80
C VAL A 3 1.61 -6.45 8.68
N THR A 4 2.51 -7.02 7.86
CA THR A 4 3.85 -6.47 7.61
C THR A 4 3.73 -5.34 6.57
N ILE A 5 3.71 -4.07 7.03
CA ILE A 5 3.60 -2.90 6.15
C ILE A 5 4.97 -2.22 6.04
N ASN A 6 5.57 -2.32 4.83
CA ASN A 6 6.92 -1.77 4.50
C ASN A 6 8.02 -2.47 5.32
N GLY A 7 7.73 -3.69 5.80
CA GLY A 7 8.65 -4.44 6.66
C GLY A 7 8.38 -4.25 8.14
N GLU A 8 7.58 -3.23 8.49
CA GLU A 8 7.23 -2.96 9.90
C GLU A 8 6.02 -3.80 10.31
N GLN A 9 6.10 -4.44 11.48
CA GLN A 9 5.00 -5.24 12.04
C GLN A 9 3.93 -4.29 12.59
N ARG A 10 2.86 -4.09 11.80
CA ARG A 10 1.77 -3.14 12.11
C ARG A 10 0.53 -3.89 12.58
N GLU A 11 -0.22 -3.28 13.50
CA GLU A 11 -1.51 -3.79 13.96
C GLU A 11 -2.60 -2.86 13.42
N VAL A 12 -3.32 -3.32 12.40
CA VAL A 12 -4.36 -2.54 11.71
C VAL A 12 -5.73 -3.17 11.95
N GLN A 13 -6.79 -2.41 11.66
CA GLN A 13 -8.19 -2.89 11.74
C GLN A 13 -8.92 -2.59 10.40
N SER A 14 -8.12 -2.17 9.42
CA SER A 14 -8.59 -1.64 8.13
C SER A 14 -9.49 -2.64 7.38
N ALA A 15 -9.01 -3.89 7.27
CA ALA A 15 -9.71 -4.99 6.55
C ALA A 15 -9.90 -4.69 5.04
N SER A 16 -9.27 -3.60 4.54
CA SER A 16 -9.39 -3.12 3.15
C SER A 16 -8.20 -2.19 2.87
N VAL A 17 -7.64 -2.27 1.65
CA VAL A 17 -6.43 -1.52 1.27
C VAL A 17 -6.71 -0.01 1.11
N ALA A 18 -7.92 0.35 0.66
CA ALA A 18 -8.33 1.77 0.52
C ALA A 18 -8.36 2.44 1.89
N ALA A 19 -9.10 1.81 2.83
CA ALA A 19 -9.19 2.23 4.24
C ALA A 19 -7.79 2.34 4.85
N LEU A 20 -6.96 1.32 4.58
CA LEU A 20 -5.61 1.18 5.13
C LEU A 20 -4.72 2.37 4.76
N MET A 21 -4.60 2.65 3.47
CA MET A 21 -3.70 3.70 2.95
C MET A 21 -4.21 5.11 3.33
N THR A 22 -5.50 5.23 3.68
CA THR A 22 -6.07 6.46 4.28
C THR A 22 -5.60 6.62 5.75
N GLU A 23 -5.68 5.52 6.52
CA GLU A 23 -5.37 5.50 7.98
C GLU A 23 -3.87 5.67 8.24
N LEU A 24 -3.05 5.12 7.34
CA LEU A 24 -1.58 5.27 7.36
C LEU A 24 -1.15 6.64 6.81
N ASP A 25 -2.10 7.34 6.16
CA ASP A 25 -1.87 8.59 5.40
C ASP A 25 -0.93 8.34 4.19
N CYS A 26 -0.94 7.08 3.74
CA CYS A 26 -0.13 6.57 2.63
C CYS A 26 -0.87 6.74 1.29
N THR A 27 -1.53 7.89 1.15
CA THR A 27 -2.33 8.24 -0.03
C THR A 27 -2.07 9.73 -0.41
N ASP A 28 -0.88 10.23 -0.02
CA ASP A 28 -0.45 11.62 -0.29
C ASP A 28 0.28 11.71 -1.65
N GLY A 29 -0.51 11.88 -2.72
CA GLY A 29 0.02 12.01 -4.08
C GLY A 29 0.73 10.76 -4.60
N HIS A 30 2.08 10.78 -4.58
CA HIS A 30 2.92 9.68 -5.09
C HIS A 30 2.95 8.48 -4.11
N TYR A 31 1.87 7.68 -4.11
CA TYR A 31 1.78 6.44 -3.31
C TYR A 31 1.07 5.34 -4.11
N ALA A 32 1.59 4.11 -4.00
CA ALA A 32 1.00 2.90 -4.58
C ALA A 32 1.11 1.77 -3.55
N VAL A 33 0.59 0.57 -3.87
CA VAL A 33 0.66 -0.59 -2.97
C VAL A 33 0.99 -1.87 -3.75
N ALA A 34 1.70 -2.78 -3.08
CA ALA A 34 2.01 -4.12 -3.55
C ALA A 34 1.63 -5.11 -2.45
N LEU A 35 0.51 -5.83 -2.65
CA LEU A 35 0.03 -6.81 -1.69
C LEU A 35 0.73 -8.14 -2.02
N ASN A 36 1.70 -8.51 -1.16
CA ASN A 36 2.55 -9.71 -1.30
C ASN A 36 3.25 -9.73 -2.67
N TYR A 37 3.95 -8.61 -2.99
CA TYR A 37 4.68 -8.35 -4.27
C TYR A 37 3.75 -8.03 -5.47
N ASP A 38 2.45 -8.35 -5.35
CA ASP A 38 1.47 -8.12 -6.44
C ASP A 38 0.89 -6.71 -6.29
N VAL A 39 1.27 -5.81 -7.20
CA VAL A 39 0.87 -4.40 -7.16
C VAL A 39 -0.62 -4.24 -7.50
N VAL A 40 -1.39 -3.72 -6.53
CA VAL A 40 -2.85 -3.56 -6.63
C VAL A 40 -3.17 -2.13 -7.10
N PRO A 41 -3.85 -1.94 -8.28
CA PRO A 41 -4.25 -0.59 -8.75
C PRO A 41 -5.31 0.06 -7.83
N ARG A 42 -5.35 1.41 -7.84
CA ARG A 42 -6.20 2.22 -6.92
C ARG A 42 -7.70 1.89 -7.09
N GLY A 43 -8.08 1.58 -8.33
CA GLY A 43 -9.46 1.20 -8.66
C GLY A 43 -9.89 -0.15 -8.05
N LYS A 44 -8.99 -0.80 -7.28
CA LYS A 44 -9.27 -2.07 -6.60
C LYS A 44 -8.93 -2.02 -5.10
N TRP A 45 -8.25 -0.95 -4.62
CA TRP A 45 -7.83 -0.82 -3.19
C TRP A 45 -9.00 -1.11 -2.21
N ASP A 46 -10.17 -0.57 -2.57
CA ASP A 46 -11.43 -0.76 -1.83
C ASP A 46 -11.93 -2.22 -1.92
N GLU A 47 -11.82 -2.81 -3.12
CA GLU A 47 -12.29 -4.18 -3.41
C GLU A 47 -11.34 -5.25 -2.80
N THR A 48 -10.11 -4.84 -2.50
CA THR A 48 -9.05 -5.74 -2.01
C THR A 48 -9.03 -5.69 -0.46
N PRO A 49 -9.35 -6.82 0.24
CA PRO A 49 -9.31 -6.86 1.72
C PRO A 49 -7.88 -6.96 2.28
N VAL A 50 -7.77 -6.80 3.62
CA VAL A 50 -6.52 -6.92 4.38
C VAL A 50 -6.72 -7.97 5.49
N THR A 51 -6.15 -9.16 5.29
CA THR A 51 -6.26 -10.29 6.22
C THR A 51 -5.00 -10.37 7.10
N ALA A 52 -5.10 -11.18 8.17
CA ALA A 52 -4.03 -11.36 9.15
C ALA A 52 -2.77 -12.01 8.53
N GLY A 53 -1.66 -11.26 8.52
CA GLY A 53 -0.36 -11.78 8.11
C GLY A 53 0.02 -11.45 6.67
N ASP A 54 -0.63 -10.44 6.06
CA ASP A 54 -0.23 -9.94 4.71
C ASP A 54 1.06 -9.12 4.77
N GLU A 55 1.93 -9.31 3.75
CA GLU A 55 3.06 -8.41 3.51
C GLU A 55 2.60 -7.29 2.57
N ILE A 56 2.16 -6.17 3.15
CA ILE A 56 1.63 -5.02 2.41
C ILE A 56 2.74 -3.98 2.21
N GLU A 57 3.33 -3.96 1.02
CA GLU A 57 4.39 -3.03 0.65
C GLU A 57 3.77 -1.74 0.08
N ILE A 58 3.76 -0.68 0.89
CA ILE A 58 3.29 0.63 0.44
C ILE A 58 4.41 1.26 -0.39
N LEU A 59 4.23 1.30 -1.70
CA LEU A 59 5.17 1.92 -2.62
C LEU A 59 5.09 3.45 -2.52
N THR A 60 6.24 4.12 -2.62
CA THR A 60 6.34 5.59 -2.74
C THR A 60 7.03 5.94 -4.07
N PRO A 61 6.38 5.69 -5.26
CA PRO A 61 7.05 5.87 -6.57
C PRO A 61 7.31 7.37 -6.83
N ARG A 62 8.60 7.74 -6.89
CA ARG A 62 9.06 9.14 -7.01
C ARG A 62 8.44 9.81 -8.26
N GLN A 63 8.48 9.07 -9.36
CA GLN A 63 7.93 9.49 -10.65
C GLN A 63 7.19 8.28 -11.26
N GLY A 64 6.19 8.55 -12.12
CA GLY A 64 5.49 7.51 -12.87
C GLY A 64 6.22 7.09 -14.13
N GLY A 65 5.52 6.40 -15.03
CA GLY A 65 6.12 5.95 -16.29
C GLY A 65 5.49 4.66 -16.80
N LEU A 66 4.70 4.78 -17.88
CA LEU A 66 4.06 3.63 -18.60
C LEU A 66 5.07 2.48 -18.85
N GLU A 67 6.32 2.86 -19.13
CA GLU A 67 7.46 1.92 -19.19
C GLU A 67 8.71 2.69 -18.72
N HIS A 68 9.81 1.97 -18.45
CA HIS A 68 11.11 2.57 -18.10
C HIS A 68 12.08 2.36 -19.27
N HIS A 69 12.05 3.26 -20.26
CA HIS A 69 13.11 3.36 -21.28
C HIS A 69 14.31 4.04 -20.61
N HIS A 70 15.51 3.40 -20.73
CA HIS A 70 16.74 3.71 -19.97
C HIS A 70 16.44 3.84 -18.44
N HIS A 71 16.88 2.81 -17.66
CA HIS A 71 16.48 2.59 -16.22
C HIS A 71 16.32 3.89 -15.42
N HIS A 72 17.39 4.69 -15.37
CA HIS A 72 17.43 5.98 -14.66
C HIS A 72 17.01 5.83 -13.18
N HIS A 73 18.00 5.65 -12.28
CA HIS A 73 17.73 5.39 -10.85
C HIS A 73 17.01 6.59 -10.17
N MET A 1 -6.38 -6.89 12.60
CA MET A 1 -5.46 -8.03 12.34
C MET A 1 -3.99 -7.56 12.35
N LEU A 2 -3.07 -8.44 12.84
CA LEU A 2 -1.63 -8.21 12.79
C LEU A 2 -1.15 -8.49 11.36
N VAL A 3 -0.63 -7.45 10.70
CA VAL A 3 -0.13 -7.50 9.32
C VAL A 3 1.35 -7.09 9.31
N THR A 4 1.95 -7.01 8.12
CA THR A 4 3.32 -6.48 7.96
C THR A 4 3.32 -5.36 6.90
N ILE A 5 3.35 -4.10 7.38
CA ILE A 5 3.30 -2.89 6.50
C ILE A 5 4.72 -2.37 6.24
N ASN A 6 5.15 -2.43 4.97
CA ASN A 6 6.49 -1.99 4.52
C ASN A 6 7.62 -2.61 5.38
N GLY A 7 7.55 -3.96 5.49
CA GLY A 7 8.55 -4.74 6.23
C GLY A 7 8.40 -4.67 7.75
N GLU A 8 7.41 -3.89 8.24
CA GLU A 8 7.17 -3.70 9.69
C GLU A 8 5.91 -4.46 10.12
N GLN A 9 6.09 -5.54 10.90
CA GLN A 9 4.98 -6.33 11.46
C GLN A 9 4.18 -5.47 12.47
N ARG A 10 3.03 -4.94 12.04
CA ARG A 10 2.25 -3.96 12.78
C ARG A 10 0.78 -4.33 12.70
N GLU A 11 0.07 -4.23 13.83
CA GLU A 11 -1.35 -4.56 13.92
C GLU A 11 -2.18 -3.34 13.49
N VAL A 12 -3.15 -3.57 12.61
CA VAL A 12 -4.19 -2.60 12.19
C VAL A 12 -5.57 -3.21 12.42
N GLN A 13 -6.61 -2.42 12.16
CA GLN A 13 -8.01 -2.91 12.19
C GLN A 13 -8.66 -2.73 10.80
N SER A 14 -7.82 -2.33 9.81
CA SER A 14 -8.25 -2.15 8.43
C SER A 14 -8.61 -3.49 7.79
N ALA A 15 -9.90 -3.68 7.49
CA ALA A 15 -10.39 -4.83 6.71
C ALA A 15 -10.27 -4.56 5.19
N SER A 16 -10.08 -3.27 4.82
CA SER A 16 -9.96 -2.83 3.42
C SER A 16 -8.61 -2.13 3.21
N VAL A 17 -7.98 -2.36 2.04
CA VAL A 17 -6.73 -1.71 1.66
C VAL A 17 -6.96 -0.21 1.38
N ALA A 18 -8.18 0.13 0.91
CA ALA A 18 -8.60 1.54 0.71
C ALA A 18 -8.52 2.32 2.04
N ALA A 19 -9.16 1.75 3.08
CA ALA A 19 -9.15 2.31 4.44
C ALA A 19 -7.75 2.33 5.03
N LEU A 20 -6.97 1.27 4.75
CA LEU A 20 -5.60 1.14 5.29
C LEU A 20 -4.70 2.27 4.78
N MET A 21 -4.66 2.43 3.45
CA MET A 21 -3.81 3.45 2.80
C MET A 21 -4.24 4.88 3.24
N THR A 22 -5.55 5.06 3.51
CA THR A 22 -6.10 6.34 4.00
C THR A 22 -5.65 6.60 5.46
N GLU A 23 -5.65 5.55 6.27
CA GLU A 23 -5.21 5.62 7.68
C GLU A 23 -3.68 5.71 7.79
N LEU A 24 -2.96 5.30 6.74
CA LEU A 24 -1.50 5.48 6.65
C LEU A 24 -1.17 6.87 6.03
N ASP A 25 -2.23 7.58 5.59
CA ASP A 25 -2.16 8.93 4.98
C ASP A 25 -1.31 8.88 3.67
N CYS A 26 -1.38 7.73 3.00
CA CYS A 26 -0.66 7.43 1.78
C CYS A 26 -1.64 7.42 0.57
N THR A 27 -2.61 8.38 0.60
CA THR A 27 -3.65 8.52 -0.44
C THR A 27 -3.67 9.93 -1.08
N ASP A 28 -2.77 10.83 -0.63
CA ASP A 28 -2.83 12.27 -1.01
C ASP A 28 -2.20 12.57 -2.39
N GLY A 29 -1.59 11.56 -3.04
CA GLY A 29 -0.93 11.76 -4.33
C GLY A 29 -0.53 10.46 -5.00
N HIS A 30 0.60 10.48 -5.74
CA HIS A 30 1.04 9.29 -6.51
C HIS A 30 1.68 8.24 -5.58
N TYR A 31 0.85 7.29 -5.15
CA TYR A 31 1.26 6.18 -4.28
C TYR A 31 0.75 4.85 -4.86
N ALA A 32 1.21 3.74 -4.25
CA ALA A 32 0.75 2.37 -4.51
C ALA A 32 1.01 1.52 -3.27
N VAL A 33 0.64 0.23 -3.34
CA VAL A 33 0.88 -0.72 -2.26
C VAL A 33 1.13 -2.12 -2.84
N ALA A 34 2.33 -2.67 -2.58
CA ALA A 34 2.62 -4.06 -2.91
C ALA A 34 2.02 -4.96 -1.82
N LEU A 35 0.83 -5.50 -2.10
CA LEU A 35 0.17 -6.47 -1.24
C LEU A 35 0.56 -7.87 -1.69
N ASN A 36 1.19 -8.62 -0.76
CA ASN A 36 1.78 -9.95 -1.01
C ASN A 36 2.94 -9.83 -2.04
N TYR A 37 3.54 -8.61 -2.08
CA TYR A 37 4.61 -8.19 -3.02
C TYR A 37 4.08 -7.92 -4.45
N ASP A 38 2.74 -7.93 -4.62
CA ASP A 38 2.08 -7.65 -5.91
C ASP A 38 1.44 -6.24 -5.84
N VAL A 39 1.77 -5.37 -6.83
CA VAL A 39 1.40 -3.95 -6.82
C VAL A 39 -0.10 -3.76 -7.10
N VAL A 40 -0.79 -3.08 -6.16
CA VAL A 40 -2.23 -2.81 -6.23
C VAL A 40 -2.45 -1.31 -6.56
N PRO A 41 -3.09 -0.98 -7.73
CA PRO A 41 -3.47 0.42 -8.07
C PRO A 41 -4.65 0.93 -7.19
N ARG A 42 -4.84 2.28 -7.19
CA ARG A 42 -5.79 2.98 -6.30
C ARG A 42 -7.23 2.44 -6.44
N GLY A 43 -7.65 2.22 -7.69
CA GLY A 43 -9.00 1.75 -7.99
C GLY A 43 -9.31 0.37 -7.39
N LYS A 44 -8.25 -0.46 -7.26
CA LYS A 44 -8.38 -1.83 -6.73
C LYS A 44 -8.40 -1.83 -5.19
N TRP A 45 -7.79 -0.80 -4.55
CA TRP A 45 -7.66 -0.70 -3.05
C TRP A 45 -9.01 -0.96 -2.34
N ASP A 46 -10.08 -0.48 -2.99
CA ASP A 46 -11.46 -0.65 -2.52
C ASP A 46 -11.86 -2.13 -2.51
N GLU A 47 -11.69 -2.77 -3.67
CA GLU A 47 -12.11 -4.18 -3.90
C GLU A 47 -11.02 -5.19 -3.46
N THR A 48 -9.92 -4.68 -2.89
CA THR A 48 -8.84 -5.49 -2.31
C THR A 48 -8.90 -5.37 -0.78
N PRO A 49 -9.19 -6.48 -0.03
CA PRO A 49 -9.18 -6.46 1.45
C PRO A 49 -7.77 -6.70 2.05
N VAL A 50 -7.61 -6.42 3.36
CA VAL A 50 -6.39 -6.73 4.13
C VAL A 50 -6.58 -8.08 4.84
N THR A 51 -5.48 -8.84 5.02
CA THR A 51 -5.50 -10.21 5.56
C THR A 51 -4.59 -10.31 6.80
N ALA A 52 -4.93 -11.17 7.77
CA ALA A 52 -4.08 -11.44 8.93
C ALA A 52 -2.73 -12.08 8.51
N GLY A 53 -1.65 -11.33 8.71
CA GLY A 53 -0.29 -11.82 8.45
C GLY A 53 0.08 -11.83 6.98
N ASP A 54 -0.33 -10.79 6.25
CA ASP A 54 0.08 -10.58 4.83
C ASP A 54 1.31 -9.65 4.73
N GLU A 55 1.95 -9.64 3.55
CA GLU A 55 3.14 -8.81 3.28
C GLU A 55 2.74 -7.56 2.48
N ILE A 56 2.34 -6.54 3.22
CA ILE A 56 1.98 -5.21 2.69
C ILE A 56 3.27 -4.38 2.56
N GLU A 57 3.37 -3.55 1.52
CA GLU A 57 4.51 -2.64 1.35
C GLU A 57 4.03 -1.37 0.67
N ILE A 58 4.48 -0.22 1.16
CA ILE A 58 4.14 1.07 0.57
C ILE A 58 5.08 1.36 -0.60
N LEU A 59 4.49 1.80 -1.70
CA LEU A 59 5.20 2.17 -2.91
C LEU A 59 4.84 3.60 -3.31
N THR A 60 5.80 4.26 -3.95
CA THR A 60 5.62 5.57 -4.57
C THR A 60 6.08 5.45 -6.05
N PRO A 61 5.16 5.08 -6.99
CA PRO A 61 5.47 5.08 -8.43
C PRO A 61 5.52 6.51 -8.98
N ARG A 62 6.44 6.78 -9.94
CA ARG A 62 6.69 8.13 -10.51
C ARG A 62 7.29 9.10 -9.45
N GLN A 63 7.93 8.51 -8.42
CA GLN A 63 8.56 9.25 -7.32
C GLN A 63 9.86 9.91 -7.78
N GLY A 64 10.06 11.17 -7.38
CA GLY A 64 11.27 11.92 -7.66
C GLY A 64 11.09 12.95 -8.77
N GLY A 65 10.01 12.80 -9.59
CA GLY A 65 9.71 13.68 -10.71
C GLY A 65 9.75 15.17 -10.34
N LEU A 66 10.59 15.92 -11.06
CA LEU A 66 10.89 17.33 -10.75
C LEU A 66 10.09 18.29 -11.64
N GLU A 67 8.96 17.82 -12.23
CA GLU A 67 8.08 18.66 -13.06
C GLU A 67 7.35 19.72 -12.18
N HIS A 68 7.98 20.90 -12.11
CA HIS A 68 7.45 22.14 -11.52
C HIS A 68 7.45 22.07 -9.98
N HIS A 69 6.49 21.35 -9.38
CA HIS A 69 6.32 21.29 -7.91
C HIS A 69 5.96 19.88 -7.46
N HIS A 70 6.18 19.60 -6.17
CA HIS A 70 5.81 18.34 -5.53
C HIS A 70 4.65 18.60 -4.57
N HIS A 71 3.43 18.17 -4.94
CA HIS A 71 2.24 18.32 -4.11
C HIS A 71 2.21 17.21 -3.02
N HIS A 72 3.06 17.41 -1.99
CA HIS A 72 3.15 16.52 -0.80
C HIS A 72 3.55 17.37 0.42
N HIS A 73 3.55 16.74 1.60
CA HIS A 73 3.82 17.40 2.89
C HIS A 73 4.67 16.47 3.79
N MET A 1 -5.93 -6.98 12.92
CA MET A 1 -5.11 -7.90 12.12
C MET A 1 -3.64 -7.41 12.05
N LEU A 2 -2.72 -8.28 12.49
CA LEU A 2 -1.28 -8.00 12.49
C LEU A 2 -0.73 -8.37 11.10
N VAL A 3 -0.40 -7.35 10.32
CA VAL A 3 0.17 -7.49 8.96
C VAL A 3 1.56 -6.84 8.92
N THR A 4 2.38 -7.19 7.91
CA THR A 4 3.72 -6.60 7.71
C THR A 4 3.62 -5.41 6.75
N ILE A 5 3.63 -4.18 7.30
CA ILE A 5 3.53 -2.95 6.49
C ILE A 5 4.93 -2.34 6.30
N ASN A 6 5.46 -2.46 5.05
CA ASN A 6 6.75 -1.88 4.61
C ASN A 6 7.96 -2.56 5.29
N GLY A 7 7.74 -3.80 5.76
CA GLY A 7 8.79 -4.55 6.48
C GLY A 7 8.72 -4.36 7.98
N GLU A 8 7.70 -3.63 8.44
CA GLU A 8 7.43 -3.38 9.85
C GLU A 8 6.04 -3.94 10.20
N GLN A 9 6.00 -5.02 11.02
CA GLN A 9 4.73 -5.61 11.47
C GLN A 9 3.91 -4.57 12.27
N ARG A 10 2.80 -4.16 11.67
CA ARG A 10 1.86 -3.17 12.23
C ARG A 10 0.49 -3.83 12.39
N GLU A 11 -0.12 -3.69 13.58
CA GLU A 11 -1.52 -4.07 13.81
C GLU A 11 -2.42 -2.96 13.27
N VAL A 12 -3.33 -3.33 12.37
CA VAL A 12 -4.36 -2.43 11.80
C VAL A 12 -5.72 -3.13 11.86
N GLN A 13 -6.80 -2.36 11.71
CA GLN A 13 -8.18 -2.91 11.74
C GLN A 13 -8.88 -2.75 10.39
N SER A 14 -8.21 -2.14 9.40
CA SER A 14 -8.74 -1.99 8.04
C SER A 14 -8.76 -3.34 7.32
N ALA A 15 -9.98 -3.79 6.96
CA ALA A 15 -10.22 -5.00 6.16
C ALA A 15 -10.33 -4.65 4.65
N SER A 16 -9.92 -3.43 4.28
CA SER A 16 -9.81 -2.97 2.88
C SER A 16 -8.57 -2.09 2.74
N VAL A 17 -7.87 -2.24 1.60
CA VAL A 17 -6.57 -1.59 1.34
C VAL A 17 -6.68 -0.04 1.24
N ALA A 18 -7.83 0.46 0.73
CA ALA A 18 -8.08 1.91 0.64
C ALA A 18 -8.20 2.53 2.02
N ALA A 19 -8.98 1.86 2.91
CA ALA A 19 -9.14 2.27 4.31
C ALA A 19 -7.79 2.23 5.05
N LEU A 20 -6.98 1.22 4.71
CA LEU A 20 -5.64 1.03 5.29
C LEU A 20 -4.70 2.21 4.94
N MET A 21 -4.66 2.53 3.65
CA MET A 21 -3.83 3.62 3.12
C MET A 21 -4.41 4.98 3.51
N THR A 22 -5.70 5.02 3.93
CA THR A 22 -6.28 6.20 4.59
C THR A 22 -5.69 6.37 5.99
N GLU A 23 -5.61 5.24 6.74
CA GLU A 23 -5.10 5.24 8.12
C GLU A 23 -3.60 5.60 8.20
N LEU A 24 -2.86 5.25 7.15
CA LEU A 24 -1.41 5.48 7.06
C LEU A 24 -1.08 6.75 6.22
N ASP A 25 -2.14 7.42 5.69
CA ASP A 25 -2.05 8.66 4.86
C ASP A 25 -1.27 8.39 3.53
N CYS A 26 -1.29 7.13 3.10
CA CYS A 26 -0.66 6.66 1.85
C CYS A 26 -1.66 6.73 0.67
N THR A 27 -2.76 7.45 0.89
CA THR A 27 -3.79 7.70 -0.11
C THR A 27 -3.77 9.19 -0.53
N ASP A 28 -2.98 9.98 0.21
CA ASP A 28 -2.85 11.43 0.02
C ASP A 28 -2.15 11.75 -1.31
N GLY A 29 -0.88 11.34 -1.40
CA GLY A 29 -0.09 11.54 -2.61
C GLY A 29 -0.14 10.32 -3.51
N HIS A 30 0.85 10.20 -4.38
CA HIS A 30 0.94 9.12 -5.35
C HIS A 30 1.71 7.95 -4.77
N TYR A 31 0.96 6.95 -4.26
CA TYR A 31 1.53 5.74 -3.66
C TYR A 31 1.01 4.50 -4.39
N ALA A 32 1.85 3.48 -4.42
CA ALA A 32 1.51 2.15 -4.93
C ALA A 32 1.67 1.17 -3.77
N VAL A 33 0.70 0.29 -3.58
CA VAL A 33 0.75 -0.73 -2.55
C VAL A 33 1.05 -2.08 -3.21
N ALA A 34 1.91 -2.86 -2.59
CA ALA A 34 2.20 -4.22 -3.01
C ALA A 34 1.68 -5.17 -1.94
N LEU A 35 0.51 -5.77 -2.19
CA LEU A 35 -0.12 -6.70 -1.25
C LEU A 35 0.45 -8.08 -1.56
N ASN A 36 1.30 -8.57 -0.62
CA ASN A 36 2.08 -9.81 -0.79
C ASN A 36 3.01 -9.69 -2.00
N TYR A 37 3.59 -8.47 -2.15
CA TYR A 37 4.55 -8.09 -3.22
C TYR A 37 3.90 -8.03 -4.62
N ASP A 38 2.56 -8.03 -4.67
CA ASP A 38 1.79 -7.85 -5.91
C ASP A 38 1.08 -6.50 -5.85
N VAL A 39 1.43 -5.59 -6.77
CA VAL A 39 0.91 -4.22 -6.78
C VAL A 39 -0.59 -4.20 -7.09
N VAL A 40 -1.35 -3.52 -6.21
CA VAL A 40 -2.79 -3.29 -6.35
C VAL A 40 -3.00 -1.83 -6.79
N PRO A 41 -3.78 -1.56 -7.89
CA PRO A 41 -4.08 -0.19 -8.36
C PRO A 41 -5.16 0.49 -7.49
N ARG A 42 -5.23 1.84 -7.57
CA ARG A 42 -6.03 2.67 -6.65
C ARG A 42 -7.52 2.31 -6.66
N GLY A 43 -8.07 2.08 -7.87
CA GLY A 43 -9.47 1.67 -8.03
C GLY A 43 -9.79 0.34 -7.34
N LYS A 44 -8.78 -0.52 -7.24
CA LYS A 44 -8.92 -1.85 -6.64
C LYS A 44 -8.67 -1.83 -5.12
N TRP A 45 -8.06 -0.74 -4.57
CA TRP A 45 -7.74 -0.64 -3.11
C TRP A 45 -9.00 -0.90 -2.23
N ASP A 46 -10.14 -0.30 -2.63
CA ASP A 46 -11.45 -0.47 -1.95
C ASP A 46 -11.95 -1.91 -2.11
N GLU A 47 -11.79 -2.44 -3.32
CA GLU A 47 -12.27 -3.79 -3.73
C GLU A 47 -11.38 -4.92 -3.16
N THR A 48 -10.14 -4.59 -2.80
CA THR A 48 -9.14 -5.57 -2.33
C THR A 48 -9.16 -5.60 -0.79
N PRO A 49 -9.52 -6.77 -0.17
CA PRO A 49 -9.52 -6.92 1.30
C PRO A 49 -8.09 -6.90 1.89
N VAL A 50 -8.01 -6.82 3.23
CA VAL A 50 -6.77 -7.03 3.99
C VAL A 50 -7.01 -8.17 4.98
N THR A 51 -6.05 -9.09 5.07
CA THR A 51 -6.06 -10.22 6.01
C THR A 51 -4.74 -10.25 6.78
N ALA A 52 -4.77 -10.84 7.98
CA ALA A 52 -3.60 -10.87 8.88
C ALA A 52 -2.42 -11.64 8.24
N GLY A 53 -1.20 -11.06 8.34
CA GLY A 53 0.03 -11.70 7.86
C GLY A 53 0.53 -11.19 6.51
N ASP A 54 -0.31 -10.41 5.78
CA ASP A 54 0.04 -9.90 4.44
C ASP A 54 1.28 -8.99 4.44
N GLU A 55 2.17 -9.18 3.42
CA GLU A 55 3.33 -8.30 3.17
C GLU A 55 2.86 -7.07 2.39
N ILE A 56 2.31 -6.10 3.10
CA ILE A 56 1.78 -4.86 2.52
C ILE A 56 2.91 -3.84 2.43
N GLU A 57 3.55 -3.78 1.25
CA GLU A 57 4.74 -2.95 1.02
C GLU A 57 4.29 -1.71 0.24
N ILE A 58 4.24 -0.56 0.92
CA ILE A 58 3.70 0.67 0.30
C ILE A 58 4.86 1.48 -0.33
N LEU A 59 4.98 1.36 -1.64
CA LEU A 59 5.96 2.08 -2.44
C LEU A 59 5.48 3.52 -2.72
N THR A 60 6.45 4.41 -2.94
CA THR A 60 6.21 5.75 -3.46
C THR A 60 6.78 5.79 -4.90
N PRO A 61 5.96 5.47 -5.93
CA PRO A 61 6.43 5.34 -7.34
C PRO A 61 6.87 6.70 -7.93
N ARG A 62 8.01 6.68 -8.63
CA ARG A 62 8.54 7.88 -9.30
C ARG A 62 7.68 8.18 -10.54
N GLN A 63 7.10 9.38 -10.58
CA GLN A 63 6.30 9.86 -11.70
C GLN A 63 7.21 10.05 -12.93
N GLY A 64 7.13 9.10 -13.88
CA GLY A 64 8.01 9.10 -15.05
C GLY A 64 7.87 7.82 -15.85
N GLY A 65 7.50 7.95 -17.14
CA GLY A 65 7.47 6.84 -18.09
C GLY A 65 6.18 6.02 -17.98
N LEU A 66 6.01 5.33 -16.84
CA LEU A 66 4.79 4.57 -16.51
C LEU A 66 3.59 5.54 -16.43
N GLU A 67 3.69 6.49 -15.49
CA GLU A 67 2.67 7.52 -15.27
C GLU A 67 2.88 8.76 -16.15
N HIS A 68 3.43 8.57 -17.36
CA HIS A 68 3.60 9.66 -18.34
C HIS A 68 2.23 10.01 -18.96
N HIS A 69 1.58 11.02 -18.38
CA HIS A 69 0.29 11.52 -18.87
C HIS A 69 0.55 12.72 -19.80
N HIS A 70 0.31 12.52 -21.11
CA HIS A 70 0.35 13.59 -22.13
C HIS A 70 -0.56 14.77 -21.71
N HIS A 71 -1.70 14.39 -21.13
CA HIS A 71 -2.60 15.32 -20.43
C HIS A 71 -2.39 15.14 -18.92
N HIS A 72 -1.33 15.77 -18.41
CA HIS A 72 -0.97 15.73 -16.99
C HIS A 72 -1.80 16.78 -16.21
N HIS A 73 -3.00 16.36 -15.80
CA HIS A 73 -3.95 17.18 -15.04
C HIS A 73 -4.86 16.26 -14.18
N MET A 1 -6.31 -6.41 12.57
CA MET A 1 -5.41 -7.57 12.44
C MET A 1 -3.95 -7.12 12.38
N LEU A 2 -3.03 -8.06 12.64
CA LEU A 2 -1.59 -7.85 12.49
C LEU A 2 -1.20 -8.24 11.05
N VAL A 3 -0.50 -7.33 10.35
CA VAL A 3 -0.05 -7.51 8.95
C VAL A 3 1.37 -6.95 8.80
N THR A 4 2.09 -7.40 7.76
CA THR A 4 3.46 -6.95 7.51
C THR A 4 3.44 -5.75 6.54
N ILE A 5 3.53 -4.52 7.08
CA ILE A 5 3.47 -3.28 6.29
C ILE A 5 4.86 -2.67 6.17
N ASN A 6 5.36 -2.52 4.92
CA ASN A 6 6.73 -2.01 4.61
C ASN A 6 7.83 -2.95 5.14
N GLY A 7 7.49 -4.22 5.38
CA GLY A 7 8.43 -5.20 5.93
C GLY A 7 8.46 -5.27 7.46
N GLU A 8 7.63 -4.45 8.14
CA GLU A 8 7.54 -4.44 9.62
C GLU A 8 6.15 -4.90 10.06
N GLN A 9 6.02 -5.32 11.32
CA GLN A 9 4.73 -5.76 11.89
C GLN A 9 3.92 -4.53 12.31
N ARG A 10 2.75 -4.36 11.70
CA ARG A 10 1.80 -3.27 11.97
C ARG A 10 0.41 -3.85 12.25
N GLU A 11 -0.15 -3.48 13.40
CA GLU A 11 -1.52 -3.88 13.78
C GLU A 11 -2.49 -2.77 13.38
N VAL A 12 -3.37 -3.06 12.41
CA VAL A 12 -4.34 -2.09 11.84
C VAL A 12 -5.78 -2.60 12.01
N GLN A 13 -6.73 -1.66 11.99
CA GLN A 13 -8.18 -1.95 12.16
C GLN A 13 -8.96 -1.69 10.85
N SER A 14 -8.23 -1.23 9.83
CA SER A 14 -8.78 -0.68 8.58
C SER A 14 -9.64 -1.70 7.81
N ALA A 15 -9.11 -2.96 7.70
CA ALA A 15 -9.78 -4.12 7.05
C ALA A 15 -9.78 -4.04 5.50
N SER A 16 -10.04 -2.85 4.93
CA SER A 16 -9.90 -2.60 3.48
C SER A 16 -8.56 -1.94 3.24
N VAL A 17 -7.95 -2.25 2.07
CA VAL A 17 -6.68 -1.63 1.67
C VAL A 17 -6.89 -0.13 1.36
N ALA A 18 -8.08 0.24 0.87
CA ALA A 18 -8.45 1.66 0.65
C ALA A 18 -8.45 2.42 1.98
N ALA A 19 -9.15 1.83 2.98
CA ALA A 19 -9.22 2.36 4.35
C ALA A 19 -7.83 2.38 5.01
N LEU A 20 -6.97 1.41 4.64
CA LEU A 20 -5.60 1.28 5.16
C LEU A 20 -4.70 2.43 4.66
N MET A 21 -4.75 2.68 3.34
CA MET A 21 -3.95 3.72 2.68
C MET A 21 -4.45 5.12 3.11
N THR A 22 -5.70 5.22 3.57
CA THR A 22 -6.25 6.47 4.12
C THR A 22 -5.84 6.66 5.59
N GLU A 23 -5.84 5.56 6.37
CA GLU A 23 -5.45 5.55 7.80
C GLU A 23 -3.97 5.95 7.96
N LEU A 24 -3.14 5.39 7.07
CA LEU A 24 -1.68 5.66 7.02
C LEU A 24 -1.36 6.88 6.13
N ASP A 25 -2.43 7.49 5.57
CA ASP A 25 -2.37 8.77 4.80
C ASP A 25 -1.54 8.63 3.50
N CYS A 26 -1.37 7.39 3.05
CA CYS A 26 -0.58 7.04 1.84
C CYS A 26 -1.40 7.23 0.54
N THR A 27 -2.46 8.04 0.59
CA THR A 27 -3.24 8.43 -0.58
C THR A 27 -2.77 9.80 -1.11
N ASP A 28 -2.30 10.65 -0.17
CA ASP A 28 -1.94 12.06 -0.41
C ASP A 28 -0.87 12.20 -1.50
N GLY A 29 0.32 11.60 -1.26
CA GLY A 29 1.45 11.70 -2.20
C GLY A 29 1.43 10.63 -3.29
N HIS A 30 0.23 10.07 -3.58
CA HIS A 30 0.03 9.01 -4.60
C HIS A 30 0.97 7.83 -4.36
N TYR A 31 0.81 7.15 -3.22
CA TYR A 31 1.57 5.93 -2.93
C TYR A 31 0.79 4.74 -3.45
N ALA A 32 1.50 3.68 -3.77
CA ALA A 32 0.91 2.42 -4.20
C ALA A 32 1.11 1.40 -3.08
N VAL A 33 0.21 0.46 -3.04
CA VAL A 33 0.28 -0.68 -2.13
C VAL A 33 0.71 -1.89 -2.94
N ALA A 34 1.47 -2.77 -2.34
CA ALA A 34 1.91 -4.02 -2.97
C ALA A 34 1.55 -5.19 -2.08
N LEU A 35 0.48 -5.89 -2.43
CA LEU A 35 -0.03 -7.01 -1.65
C LEU A 35 0.73 -8.25 -2.10
N ASN A 36 1.50 -8.84 -1.15
CA ASN A 36 2.45 -9.96 -1.40
C ASN A 36 3.59 -9.49 -2.32
N TYR A 37 3.90 -8.17 -2.24
CA TYR A 37 4.92 -7.47 -3.07
C TYR A 37 4.50 -7.36 -4.56
N ASP A 38 3.18 -7.44 -4.83
CA ASP A 38 2.59 -7.21 -6.16
C ASP A 38 1.70 -5.96 -6.09
N VAL A 39 2.08 -4.89 -6.84
CA VAL A 39 1.45 -3.56 -6.76
C VAL A 39 -0.01 -3.58 -7.25
N VAL A 40 -0.92 -3.19 -6.35
CA VAL A 40 -2.36 -3.08 -6.61
C VAL A 40 -2.71 -1.61 -6.97
N PRO A 41 -3.39 -1.35 -8.14
CA PRO A 41 -3.86 0.00 -8.52
C PRO A 41 -4.93 0.57 -7.57
N ARG A 42 -5.05 1.91 -7.55
CA ARG A 42 -5.89 2.66 -6.58
C ARG A 42 -7.36 2.25 -6.65
N GLY A 43 -7.88 2.05 -7.88
CA GLY A 43 -9.27 1.66 -8.10
C GLY A 43 -9.65 0.32 -7.48
N LYS A 44 -8.64 -0.51 -7.14
CA LYS A 44 -8.87 -1.86 -6.59
C LYS A 44 -8.63 -1.92 -5.06
N TRP A 45 -8.11 -0.85 -4.46
CA TRP A 45 -7.82 -0.81 -3.00
C TRP A 45 -9.08 -1.16 -2.15
N ASP A 46 -10.24 -0.67 -2.63
CA ASP A 46 -11.56 -0.93 -2.01
C ASP A 46 -11.91 -2.44 -2.05
N GLU A 47 -11.77 -3.06 -3.23
CA GLU A 47 -12.09 -4.49 -3.46
C GLU A 47 -10.92 -5.43 -3.07
N THR A 48 -9.81 -4.87 -2.55
CA THR A 48 -8.66 -5.65 -2.04
C THR A 48 -8.67 -5.64 -0.49
N PRO A 49 -8.71 -6.85 0.17
CA PRO A 49 -8.72 -6.94 1.67
C PRO A 49 -7.34 -6.82 2.34
N VAL A 50 -7.35 -6.52 3.65
CA VAL A 50 -6.18 -6.52 4.54
C VAL A 50 -6.29 -7.76 5.44
N THR A 51 -5.67 -8.87 5.04
CA THR A 51 -5.77 -10.15 5.76
C THR A 51 -4.47 -10.38 6.54
N ALA A 52 -4.61 -10.96 7.75
CA ALA A 52 -3.54 -11.04 8.75
C ALA A 52 -2.30 -11.81 8.27
N GLY A 53 -1.12 -11.17 8.40
CA GLY A 53 0.16 -11.77 8.04
C GLY A 53 0.53 -11.65 6.57
N ASP A 54 -0.20 -10.81 5.80
CA ASP A 54 0.13 -10.54 4.39
C ASP A 54 1.15 -9.41 4.26
N GLU A 55 1.99 -9.53 3.21
CA GLU A 55 3.13 -8.64 2.95
C GLU A 55 2.66 -7.40 2.18
N ILE A 56 2.11 -6.44 2.92
CA ILE A 56 1.60 -5.19 2.37
C ILE A 56 2.75 -4.15 2.30
N GLU A 57 3.39 -4.01 1.14
CA GLU A 57 4.49 -3.05 0.94
C GLU A 57 3.93 -1.75 0.38
N ILE A 58 3.95 -0.68 1.18
CA ILE A 58 3.42 0.63 0.76
C ILE A 58 4.59 1.53 0.33
N LEU A 59 4.73 1.69 -0.97
CA LEU A 59 5.84 2.41 -1.61
C LEU A 59 5.32 3.56 -2.47
N THR A 60 6.23 4.32 -3.07
CA THR A 60 5.88 5.39 -4.02
C THR A 60 6.25 4.92 -5.43
N PRO A 61 5.25 4.70 -6.35
CA PRO A 61 5.51 4.17 -7.70
C PRO A 61 6.31 5.17 -8.56
N ARG A 62 7.54 4.75 -8.97
CA ARG A 62 8.52 5.56 -9.75
C ARG A 62 9.13 6.70 -8.91
N GLN A 63 10.46 6.62 -8.67
CA GLN A 63 11.24 7.69 -8.02
C GLN A 63 10.86 7.85 -6.52
N GLY A 64 10.60 6.70 -5.88
CA GLY A 64 10.18 6.66 -4.47
C GLY A 64 11.26 6.16 -3.52
N GLY A 65 12.39 5.67 -4.09
CA GLY A 65 13.58 5.29 -3.29
C GLY A 65 14.12 6.44 -2.44
N LEU A 66 14.11 7.64 -3.02
CA LEU A 66 14.54 8.89 -2.36
C LEU A 66 13.32 9.80 -2.16
N GLU A 67 12.20 9.16 -1.74
CA GLU A 67 10.94 9.85 -1.39
C GLU A 67 11.22 10.97 -0.37
N HIS A 68 10.72 12.18 -0.63
CA HIS A 68 10.96 13.36 0.20
C HIS A 68 9.89 13.41 1.30
N HIS A 69 10.12 12.60 2.36
CA HIS A 69 9.19 12.40 3.48
C HIS A 69 8.82 13.73 4.15
N HIS A 70 7.62 14.23 3.84
CA HIS A 70 7.07 15.47 4.39
C HIS A 70 6.03 15.15 5.48
N HIS A 71 6.19 13.96 6.12
CA HIS A 71 5.36 13.49 7.24
C HIS A 71 5.54 14.45 8.43
N HIS A 72 4.41 14.88 9.06
CA HIS A 72 4.42 15.90 10.14
C HIS A 72 5.38 15.51 11.29
N HIS A 73 5.32 14.24 11.69
CA HIS A 73 6.21 13.65 12.71
C HIS A 73 6.62 12.23 12.25
N MET A 1 -5.90 -7.21 13.22
CA MET A 1 -4.92 -8.28 12.97
C MET A 1 -3.53 -7.69 12.63
N LEU A 2 -2.49 -8.52 12.77
CA LEU A 2 -1.08 -8.13 12.57
C LEU A 2 -0.67 -8.37 11.09
N VAL A 3 -0.34 -7.29 10.36
CA VAL A 3 0.11 -7.37 8.95
C VAL A 3 1.42 -6.58 8.75
N THR A 4 2.33 -7.15 7.93
CA THR A 4 3.61 -6.53 7.59
C THR A 4 3.39 -5.32 6.66
N ILE A 5 3.52 -4.11 7.20
CA ILE A 5 3.42 -2.86 6.41
C ILE A 5 4.83 -2.29 6.16
N ASN A 6 5.32 -2.44 4.90
CA ASN A 6 6.62 -1.90 4.40
C ASN A 6 7.83 -2.54 5.12
N GLY A 7 7.67 -3.82 5.50
CA GLY A 7 8.72 -4.56 6.22
C GLY A 7 8.63 -4.39 7.74
N GLU A 8 7.62 -3.63 8.20
CA GLU A 8 7.36 -3.43 9.62
C GLU A 8 5.92 -3.89 9.93
N GLN A 9 5.79 -4.94 10.76
CA GLN A 9 4.48 -5.51 11.13
C GLN A 9 3.69 -4.52 12.02
N ARG A 10 2.35 -4.51 11.89
CA ARG A 10 1.51 -3.52 12.60
C ARG A 10 0.11 -4.09 12.87
N GLU A 11 -0.40 -3.80 14.08
CA GLU A 11 -1.72 -4.20 14.55
C GLU A 11 -2.77 -3.21 14.00
N VAL A 12 -3.46 -3.63 12.91
CA VAL A 12 -4.48 -2.81 12.20
C VAL A 12 -5.83 -3.54 12.19
N GLN A 13 -6.92 -2.79 11.99
CA GLN A 13 -8.28 -3.33 11.79
C GLN A 13 -8.75 -3.05 10.35
N SER A 14 -7.83 -2.57 9.50
CA SER A 14 -8.09 -2.29 8.09
C SER A 14 -8.21 -3.61 7.29
N ALA A 15 -9.46 -4.08 7.14
CA ALA A 15 -9.80 -5.28 6.35
C ALA A 15 -9.78 -4.97 4.84
N SER A 16 -9.54 -3.70 4.48
CA SER A 16 -9.38 -3.24 3.08
C SER A 16 -8.09 -2.42 2.95
N VAL A 17 -7.48 -2.48 1.76
CA VAL A 17 -6.26 -1.74 1.42
C VAL A 17 -6.54 -0.21 1.40
N ALA A 18 -7.77 0.17 0.99
CA ALA A 18 -8.22 1.58 0.96
C ALA A 18 -8.19 2.20 2.36
N ALA A 19 -8.82 1.49 3.31
CA ALA A 19 -8.87 1.92 4.72
C ALA A 19 -7.48 2.03 5.33
N LEU A 20 -6.59 1.10 4.93
CA LEU A 20 -5.22 1.03 5.46
C LEU A 20 -4.38 2.23 4.98
N MET A 21 -4.33 2.45 3.65
CA MET A 21 -3.48 3.49 3.05
C MET A 21 -4.02 4.91 3.38
N THR A 22 -5.35 5.06 3.47
CA THR A 22 -5.98 6.34 3.88
C THR A 22 -5.69 6.65 5.37
N GLU A 23 -5.66 5.59 6.21
CA GLU A 23 -5.28 5.70 7.64
C GLU A 23 -3.82 6.19 7.77
N LEU A 24 -2.94 5.54 6.99
CA LEU A 24 -1.50 5.85 6.94
C LEU A 24 -1.23 7.15 6.14
N ASP A 25 -2.29 7.69 5.50
CA ASP A 25 -2.29 8.98 4.78
C ASP A 25 -1.26 8.97 3.63
N CYS A 26 -1.43 7.95 2.76
CA CYS A 26 -0.60 7.72 1.57
C CYS A 26 -1.43 7.90 0.27
N THR A 27 -2.45 8.78 0.33
CA THR A 27 -3.34 9.05 -0.82
C THR A 27 -2.84 10.26 -1.63
N ASP A 28 -1.95 11.06 -1.02
CA ASP A 28 -1.37 12.28 -1.66
C ASP A 28 -0.33 11.92 -2.75
N GLY A 29 0.20 12.96 -3.44
CA GLY A 29 1.32 12.81 -4.38
C GLY A 29 1.10 11.73 -5.44
N HIS A 30 1.92 10.68 -5.34
CA HIS A 30 1.78 9.42 -6.09
C HIS A 30 2.30 8.29 -5.19
N TYR A 31 1.38 7.49 -4.62
CA TYR A 31 1.74 6.31 -3.80
C TYR A 31 0.88 5.11 -4.20
N ALA A 32 1.53 3.95 -4.35
CA ALA A 32 0.90 2.67 -4.69
C ALA A 32 1.12 1.69 -3.52
N VAL A 33 0.70 0.44 -3.70
CA VAL A 33 0.84 -0.61 -2.68
C VAL A 33 1.10 -1.96 -3.35
N ALA A 34 1.72 -2.88 -2.62
CA ALA A 34 1.98 -4.24 -3.05
C ALA A 34 1.56 -5.22 -1.95
N LEU A 35 0.39 -5.84 -2.13
CA LEU A 35 -0.18 -6.79 -1.16
C LEU A 35 0.39 -8.18 -1.46
N ASN A 36 1.18 -8.71 -0.50
CA ASN A 36 2.00 -9.93 -0.68
C ASN A 36 2.96 -9.80 -1.88
N TYR A 37 3.47 -8.55 -2.05
CA TYR A 37 4.42 -8.13 -3.13
C TYR A 37 3.74 -8.00 -4.51
N ASP A 38 2.44 -8.30 -4.58
CA ASP A 38 1.63 -8.12 -5.81
C ASP A 38 0.90 -6.77 -5.73
N VAL A 39 1.14 -5.90 -6.72
CA VAL A 39 0.68 -4.49 -6.69
C VAL A 39 -0.84 -4.38 -6.84
N VAL A 40 -1.47 -3.56 -5.97
CA VAL A 40 -2.91 -3.25 -6.05
C VAL A 40 -3.09 -1.84 -6.68
N PRO A 41 -3.89 -1.71 -7.80
CA PRO A 41 -4.28 -0.39 -8.36
C PRO A 41 -5.18 0.40 -7.37
N ARG A 42 -5.17 1.74 -7.48
CA ARG A 42 -5.86 2.65 -6.55
C ARG A 42 -7.38 2.47 -6.57
N GLY A 43 -7.93 2.36 -7.79
CA GLY A 43 -9.36 2.08 -7.99
C GLY A 43 -9.77 0.67 -7.55
N LYS A 44 -8.78 -0.14 -7.13
CA LYS A 44 -8.99 -1.48 -6.60
C LYS A 44 -8.65 -1.61 -5.09
N TRP A 45 -8.02 -0.57 -4.47
CA TRP A 45 -7.65 -0.61 -3.01
C TRP A 45 -8.86 -0.99 -2.13
N ASP A 46 -10.04 -0.44 -2.51
CA ASP A 46 -11.31 -0.69 -1.82
C ASP A 46 -11.81 -2.13 -2.08
N GLU A 47 -11.68 -2.58 -3.35
CA GLU A 47 -12.10 -3.91 -3.81
C GLU A 47 -11.17 -5.04 -3.32
N THR A 48 -10.00 -4.68 -2.80
CA THR A 48 -8.98 -5.64 -2.37
C THR A 48 -8.96 -5.74 -0.83
N PRO A 49 -9.33 -6.93 -0.25
CA PRO A 49 -9.25 -7.17 1.21
C PRO A 49 -7.81 -7.44 1.70
N VAL A 50 -7.58 -7.22 3.01
CA VAL A 50 -6.33 -7.53 3.72
C VAL A 50 -6.63 -8.56 4.81
N THR A 51 -5.74 -9.54 4.97
CA THR A 51 -5.83 -10.58 6.01
C THR A 51 -4.51 -10.62 6.81
N ALA A 52 -4.54 -11.29 7.97
CA ALA A 52 -3.40 -11.36 8.91
C ALA A 52 -2.17 -12.03 8.27
N GLY A 53 -1.02 -11.37 8.40
CA GLY A 53 0.26 -11.90 7.92
C GLY A 53 0.62 -11.48 6.50
N ASP A 54 -0.23 -10.63 5.86
CA ASP A 54 0.06 -10.09 4.51
C ASP A 54 1.16 -9.02 4.55
N GLU A 55 1.97 -8.95 3.47
CA GLU A 55 2.99 -7.91 3.28
C GLU A 55 2.39 -6.75 2.46
N ILE A 56 1.83 -5.73 3.15
CA ILE A 56 1.35 -4.50 2.50
C ILE A 56 2.57 -3.58 2.38
N GLU A 57 3.20 -3.62 1.22
CA GLU A 57 4.36 -2.80 0.90
C GLU A 57 3.88 -1.56 0.13
N ILE A 58 3.77 -0.42 0.82
CA ILE A 58 3.30 0.81 0.19
C ILE A 58 4.44 1.34 -0.67
N LEU A 59 4.28 1.13 -1.98
CA LEU A 59 5.24 1.57 -2.98
C LEU A 59 5.19 3.10 -3.05
N THR A 60 6.37 3.70 -3.01
CA THR A 60 6.56 5.13 -3.15
C THR A 60 7.23 5.36 -4.53
N PRO A 61 6.42 5.47 -5.64
CA PRO A 61 6.97 5.64 -7.00
C PRO A 61 7.77 6.96 -7.12
N ARG A 62 9.07 6.83 -7.43
CA ARG A 62 10.00 7.96 -7.62
C ARG A 62 9.59 8.76 -8.87
N GLN A 63 8.89 9.89 -8.65
CA GLN A 63 8.25 10.70 -9.71
C GLN A 63 7.23 9.83 -10.48
N GLY A 64 6.04 9.65 -9.86
CA GLY A 64 4.97 8.80 -10.40
C GLY A 64 4.37 9.36 -11.68
N GLY A 65 4.93 8.93 -12.84
CA GLY A 65 4.56 9.45 -14.15
C GLY A 65 4.79 10.96 -14.26
N LEU A 66 3.74 11.76 -13.96
CA LEU A 66 3.80 13.22 -13.92
C LEU A 66 4.68 13.69 -12.75
N GLU A 67 5.93 14.03 -13.09
CA GLU A 67 6.88 14.72 -12.19
C GLU A 67 6.26 16.07 -11.75
N HIS A 68 6.52 16.45 -10.49
CA HIS A 68 5.89 17.62 -9.86
C HIS A 68 6.90 18.32 -8.95
N HIS A 69 7.60 19.30 -9.53
CA HIS A 69 8.53 20.18 -8.81
C HIS A 69 7.70 21.19 -8.00
N HIS A 70 8.01 21.31 -6.70
CA HIS A 70 7.36 22.26 -5.78
C HIS A 70 7.63 23.72 -6.23
N HIS A 71 6.55 24.37 -6.76
CA HIS A 71 6.54 25.79 -7.19
C HIS A 71 5.11 26.16 -7.61
N HIS A 72 4.62 27.30 -7.11
CA HIS A 72 3.30 27.89 -7.50
C HIS A 72 3.46 29.40 -7.76
N HIS A 73 2.32 30.06 -8.05
CA HIS A 73 2.28 31.50 -8.39
C HIS A 73 2.04 32.35 -7.12
N MET A 1 -6.29 -6.78 13.08
CA MET A 1 -5.41 -7.89 12.64
C MET A 1 -3.94 -7.42 12.55
N LEU A 2 -3.01 -8.28 13.00
CA LEU A 2 -1.56 -8.02 12.90
C LEU A 2 -1.07 -8.39 11.48
N VAL A 3 -0.63 -7.39 10.73
CA VAL A 3 -0.15 -7.54 9.33
C VAL A 3 1.32 -7.11 9.22
N THR A 4 1.89 -7.19 8.00
CA THR A 4 3.27 -6.78 7.74
C THR A 4 3.27 -5.63 6.71
N ILE A 5 3.41 -4.38 7.20
CA ILE A 5 3.47 -3.18 6.35
C ILE A 5 4.94 -2.72 6.23
N ASN A 6 5.44 -2.64 4.97
CA ASN A 6 6.82 -2.17 4.65
C ASN A 6 7.89 -3.05 5.34
N GLY A 7 7.58 -4.35 5.54
CA GLY A 7 8.51 -5.30 6.17
C GLY A 7 8.42 -5.32 7.70
N GLU A 8 7.59 -4.45 8.29
CA GLU A 8 7.37 -4.35 9.75
C GLU A 8 6.01 -4.95 10.12
N GLN A 9 5.97 -5.75 11.20
CA GLN A 9 4.71 -6.29 11.75
C GLN A 9 4.00 -5.18 12.56
N ARG A 10 2.83 -4.73 12.06
CA ARG A 10 2.03 -3.66 12.67
C ARG A 10 0.56 -4.10 12.75
N GLU A 11 -0.10 -3.83 13.89
CA GLU A 11 -1.53 -4.13 14.09
C GLU A 11 -2.38 -3.01 13.43
N VAL A 12 -3.38 -3.40 12.64
CA VAL A 12 -4.28 -2.47 11.93
C VAL A 12 -5.75 -2.89 12.10
N GLN A 13 -6.66 -1.92 11.97
CA GLN A 13 -8.11 -2.17 12.09
C GLN A 13 -8.72 -2.42 10.71
N SER A 14 -8.31 -1.60 9.73
CA SER A 14 -8.87 -1.61 8.37
C SER A 14 -8.73 -2.97 7.68
N ALA A 15 -9.88 -3.55 7.29
CA ALA A 15 -9.97 -4.80 6.51
C ALA A 15 -9.97 -4.52 4.99
N SER A 16 -9.91 -3.23 4.62
CA SER A 16 -9.80 -2.77 3.22
C SER A 16 -8.47 -2.04 3.05
N VAL A 17 -7.82 -2.24 1.89
CA VAL A 17 -6.54 -1.60 1.54
C VAL A 17 -6.74 -0.08 1.28
N ALA A 18 -7.90 0.30 0.71
CA ALA A 18 -8.25 1.73 0.51
C ALA A 18 -8.34 2.45 1.86
N ALA A 19 -9.14 1.87 2.77
CA ALA A 19 -9.34 2.39 4.12
C ALA A 19 -8.01 2.43 4.90
N LEU A 20 -7.17 1.39 4.71
CA LEU A 20 -5.89 1.28 5.42
C LEU A 20 -4.91 2.37 4.98
N MET A 21 -4.78 2.58 3.66
CA MET A 21 -3.88 3.59 3.11
C MET A 21 -4.39 5.00 3.46
N THR A 22 -5.71 5.16 3.67
CA THR A 22 -6.28 6.44 4.17
C THR A 22 -5.86 6.69 5.63
N GLU A 23 -5.89 5.61 6.46
CA GLU A 23 -5.45 5.69 7.87
C GLU A 23 -3.95 5.98 7.97
N LEU A 24 -3.17 5.39 7.05
CA LEU A 24 -1.70 5.56 6.97
C LEU A 24 -1.32 6.88 6.24
N ASP A 25 -2.33 7.50 5.57
CA ASP A 25 -2.18 8.78 4.83
C ASP A 25 -1.20 8.61 3.65
N CYS A 26 -1.46 7.57 2.86
CA CYS A 26 -0.66 7.17 1.68
C CYS A 26 -1.55 7.12 0.42
N THR A 27 -2.52 8.03 0.32
CA THR A 27 -3.49 8.06 -0.80
C THR A 27 -3.29 9.27 -1.75
N ASP A 28 -2.38 10.19 -1.38
CA ASP A 28 -2.27 11.51 -2.05
C ASP A 28 -0.92 11.70 -2.76
N GLY A 29 0.17 11.80 -1.99
CA GLY A 29 1.48 12.25 -2.52
C GLY A 29 2.31 11.15 -3.15
N HIS A 30 1.79 10.58 -4.28
CA HIS A 30 2.48 9.56 -5.09
C HIS A 30 2.87 8.32 -4.24
N TYR A 31 1.87 7.51 -3.86
CA TYR A 31 2.09 6.26 -3.10
C TYR A 31 1.36 5.10 -3.77
N ALA A 32 1.97 3.92 -3.72
CA ALA A 32 1.44 2.67 -4.27
C ALA A 32 1.59 1.56 -3.23
N VAL A 33 0.64 0.63 -3.24
CA VAL A 33 0.65 -0.54 -2.35
C VAL A 33 1.01 -1.78 -3.18
N ALA A 34 1.90 -2.60 -2.64
CA ALA A 34 2.26 -3.89 -3.20
C ALA A 34 1.85 -4.97 -2.20
N LEU A 35 0.71 -5.63 -2.46
CA LEU A 35 0.16 -6.65 -1.58
C LEU A 35 0.76 -8.00 -1.98
N ASN A 36 1.57 -8.55 -1.06
CA ASN A 36 2.32 -9.81 -1.26
C ASN A 36 3.22 -9.70 -2.50
N TYR A 37 3.88 -8.52 -2.60
CA TYR A 37 4.84 -8.16 -3.66
C TYR A 37 4.17 -8.02 -5.05
N ASP A 38 2.85 -7.79 -5.05
CA ASP A 38 2.06 -7.52 -6.27
C ASP A 38 1.31 -6.19 -6.09
N VAL A 39 1.66 -5.19 -6.91
CA VAL A 39 1.06 -3.85 -6.85
C VAL A 39 -0.45 -3.89 -7.19
N VAL A 40 -1.25 -3.30 -6.29
CA VAL A 40 -2.72 -3.24 -6.41
C VAL A 40 -3.14 -1.90 -7.04
N PRO A 41 -3.95 -1.90 -8.15
CA PRO A 41 -4.43 -0.65 -8.79
C PRO A 41 -5.43 0.13 -7.90
N ARG A 42 -5.36 1.48 -8.00
CA ARG A 42 -6.15 2.45 -7.20
C ARG A 42 -7.66 2.12 -7.13
N GLY A 43 -8.25 1.84 -8.30
CA GLY A 43 -9.69 1.56 -8.42
C GLY A 43 -10.15 0.28 -7.72
N LYS A 44 -9.19 -0.60 -7.35
CA LYS A 44 -9.49 -1.90 -6.70
C LYS A 44 -9.11 -1.90 -5.20
N TRP A 45 -8.40 -0.85 -4.71
CA TRP A 45 -7.94 -0.76 -3.28
C TRP A 45 -9.06 -1.11 -2.27
N ASP A 46 -10.28 -0.62 -2.57
CA ASP A 46 -11.48 -0.82 -1.73
C ASP A 46 -11.94 -2.29 -1.78
N GLU A 47 -11.89 -2.87 -2.99
CA GLU A 47 -12.28 -4.27 -3.28
C GLU A 47 -11.19 -5.26 -2.81
N THR A 48 -10.00 -4.74 -2.47
CA THR A 48 -8.86 -5.53 -2.03
C THR A 48 -8.86 -5.62 -0.49
N PRO A 49 -9.00 -6.86 0.11
CA PRO A 49 -9.00 -7.03 1.57
C PRO A 49 -7.58 -7.07 2.17
N VAL A 50 -7.51 -6.73 3.47
CA VAL A 50 -6.32 -6.89 4.30
C VAL A 50 -6.47 -8.22 5.08
N THR A 51 -5.37 -8.98 5.20
CA THR A 51 -5.34 -10.32 5.82
C THR A 51 -4.21 -10.38 6.85
N ALA A 52 -4.44 -11.02 8.00
CA ALA A 52 -3.44 -11.10 9.08
C ALA A 52 -2.15 -11.81 8.61
N GLY A 53 -1.05 -11.04 8.57
CA GLY A 53 0.27 -11.54 8.18
C GLY A 53 0.55 -11.41 6.68
N ASP A 54 -0.17 -10.52 5.97
CA ASP A 54 0.11 -10.23 4.54
C ASP A 54 1.21 -9.17 4.42
N GLU A 55 1.79 -9.00 3.22
CA GLU A 55 2.90 -8.05 2.98
C GLU A 55 2.39 -6.83 2.22
N ILE A 56 1.87 -5.84 2.97
CA ILE A 56 1.37 -4.56 2.41
C ILE A 56 2.54 -3.58 2.34
N GLU A 57 3.15 -3.47 1.14
CA GLU A 57 4.37 -2.69 0.93
C GLU A 57 4.03 -1.38 0.22
N ILE A 58 3.99 -0.29 0.98
CA ILE A 58 3.63 1.04 0.48
C ILE A 58 4.90 1.82 0.18
N LEU A 59 5.20 1.96 -1.12
CA LEU A 59 6.37 2.70 -1.64
C LEU A 59 5.92 3.91 -2.47
N THR A 60 6.90 4.69 -2.96
CA THR A 60 6.65 5.85 -3.83
C THR A 60 6.98 5.46 -5.30
N PRO A 61 5.94 5.18 -6.17
CA PRO A 61 6.17 4.75 -7.57
C PRO A 61 6.79 5.88 -8.41
N ARG A 62 7.83 5.54 -9.18
CA ARG A 62 8.57 6.52 -9.99
C ARG A 62 7.78 6.87 -11.27
N GLN A 63 6.97 5.88 -11.75
CA GLN A 63 5.89 6.06 -12.75
C GLN A 63 6.47 6.08 -14.17
N GLY A 64 7.33 7.06 -14.45
CA GLY A 64 8.12 7.08 -15.68
C GLY A 64 9.37 6.23 -15.51
N GLY A 65 9.17 4.89 -15.51
CA GLY A 65 10.24 3.90 -15.27
C GLY A 65 11.47 4.04 -16.18
N LEU A 66 12.47 4.80 -15.70
CA LEU A 66 13.77 4.98 -16.38
C LEU A 66 14.90 5.21 -15.33
N GLU A 67 14.54 5.17 -14.02
CA GLU A 67 15.48 5.38 -12.89
C GLU A 67 16.63 4.35 -12.94
N HIS A 68 16.24 3.09 -13.18
CA HIS A 68 17.16 1.95 -13.37
C HIS A 68 16.71 1.14 -14.60
N HIS A 69 17.55 0.16 -15.00
CA HIS A 69 17.22 -0.81 -16.07
C HIS A 69 16.34 -1.93 -15.49
N HIS A 70 15.90 -2.85 -16.35
CA HIS A 70 15.02 -3.98 -15.97
C HIS A 70 15.84 -5.01 -15.17
N HIS A 71 15.86 -4.83 -13.84
CA HIS A 71 16.57 -5.74 -12.91
C HIS A 71 15.61 -6.85 -12.44
N HIS A 72 15.53 -7.92 -13.26
CA HIS A 72 14.69 -9.12 -13.04
C HIS A 72 13.18 -8.82 -13.17
N HIS A 73 12.35 -9.89 -13.15
CA HIS A 73 10.88 -9.81 -13.16
C HIS A 73 10.31 -11.18 -12.72
N MET A 1 -5.90 -6.84 13.39
CA MET A 1 -5.01 -7.99 13.13
C MET A 1 -3.63 -7.51 12.68
N LEU A 2 -2.60 -8.30 13.04
CA LEU A 2 -1.20 -7.97 12.78
C LEU A 2 -0.83 -8.29 11.31
N VAL A 3 -0.42 -7.25 10.57
CA VAL A 3 0.05 -7.35 9.18
C VAL A 3 1.47 -6.76 9.08
N THR A 4 2.21 -7.06 7.99
CA THR A 4 3.58 -6.57 7.80
C THR A 4 3.59 -5.45 6.74
N ILE A 5 3.63 -4.19 7.21
CA ILE A 5 3.59 -3.00 6.34
C ILE A 5 5.00 -2.44 6.19
N ASN A 6 5.58 -2.57 4.98
CA ASN A 6 6.93 -2.06 4.63
C ASN A 6 8.06 -2.72 5.46
N GLY A 7 7.79 -3.92 5.99
CA GLY A 7 8.73 -4.63 6.86
C GLY A 7 8.58 -4.25 8.34
N GLU A 8 7.52 -3.50 8.65
CA GLU A 8 7.13 -3.17 10.03
C GLU A 8 5.92 -4.03 10.41
N GLN A 9 5.98 -4.68 11.58
CA GLN A 9 4.84 -5.39 12.14
C GLN A 9 3.90 -4.37 12.82
N ARG A 10 2.68 -4.21 12.25
CA ARG A 10 1.68 -3.26 12.76
C ARG A 10 0.29 -3.91 12.76
N GLU A 11 -0.40 -3.82 13.89
CA GLU A 11 -1.79 -4.26 14.04
C GLU A 11 -2.75 -3.16 13.53
N VAL A 12 -3.68 -3.56 12.65
CA VAL A 12 -4.65 -2.64 12.01
C VAL A 12 -6.06 -3.26 12.04
N GLN A 13 -7.09 -2.42 11.90
CA GLN A 13 -8.52 -2.83 11.94
C GLN A 13 -9.16 -2.65 10.57
N SER A 14 -8.46 -1.96 9.68
CA SER A 14 -8.91 -1.65 8.33
C SER A 14 -9.03 -2.93 7.48
N ALA A 15 -10.28 -3.37 7.27
CA ALA A 15 -10.60 -4.53 6.43
C ALA A 15 -10.39 -4.23 4.93
N SER A 16 -10.32 -2.94 4.57
CA SER A 16 -10.07 -2.47 3.20
C SER A 16 -8.63 -1.98 3.06
N VAL A 17 -8.01 -2.23 1.88
CA VAL A 17 -6.68 -1.68 1.55
C VAL A 17 -6.76 -0.15 1.38
N ALA A 18 -7.91 0.35 0.85
CA ALA A 18 -8.15 1.80 0.72
C ALA A 18 -8.19 2.48 2.10
N ALA A 19 -8.90 1.81 3.04
CA ALA A 19 -9.01 2.28 4.43
C ALA A 19 -7.65 2.21 5.14
N LEU A 20 -6.85 1.19 4.79
CA LEU A 20 -5.49 1.02 5.34
C LEU A 20 -4.54 2.11 4.82
N MET A 21 -4.64 2.43 3.53
CA MET A 21 -3.83 3.48 2.89
C MET A 21 -4.26 4.86 3.42
N THR A 22 -5.53 5.01 3.82
CA THR A 22 -6.04 6.24 4.45
C THR A 22 -5.65 6.30 5.94
N GLU A 23 -5.52 5.12 6.56
CA GLU A 23 -5.08 4.97 7.96
C GLU A 23 -3.60 5.37 8.09
N LEU A 24 -2.82 5.01 7.06
CA LEU A 24 -1.38 5.27 6.98
C LEU A 24 -1.08 6.52 6.15
N ASP A 25 -2.14 7.29 5.78
CA ASP A 25 -2.07 8.55 4.97
C ASP A 25 -1.27 8.40 3.66
N CYS A 26 -1.17 7.14 3.18
CA CYS A 26 -0.49 6.78 1.93
C CYS A 26 -1.47 6.89 0.73
N THR A 27 -2.56 7.65 0.88
CA THR A 27 -3.51 7.95 -0.20
C THR A 27 -3.14 9.29 -0.83
N ASP A 28 -2.91 10.31 0.02
CA ASP A 28 -2.61 11.68 -0.42
C ASP A 28 -1.16 11.78 -0.89
N GLY A 29 -0.98 11.99 -2.20
CA GLY A 29 0.33 12.15 -2.82
C GLY A 29 0.69 11.04 -3.78
N HIS A 30 1.93 11.05 -4.27
CA HIS A 30 2.45 10.00 -5.16
C HIS A 30 2.75 8.73 -4.34
N TYR A 31 1.72 7.88 -4.14
CA TYR A 31 1.87 6.60 -3.40
C TYR A 31 1.11 5.46 -4.09
N ALA A 32 1.57 4.24 -3.82
CA ALA A 32 1.02 2.99 -4.34
C ALA A 32 1.21 1.89 -3.28
N VAL A 33 0.56 0.74 -3.48
CA VAL A 33 0.70 -0.42 -2.56
C VAL A 33 0.98 -1.69 -3.38
N ALA A 34 1.74 -2.61 -2.78
CA ALA A 34 2.03 -3.93 -3.33
C ALA A 34 1.67 -4.97 -2.28
N LEU A 35 0.55 -5.66 -2.49
CA LEU A 35 0.09 -6.70 -1.59
C LEU A 35 0.72 -8.02 -2.05
N ASN A 36 1.66 -8.51 -1.22
CA ASN A 36 2.42 -9.74 -1.48
C ASN A 36 3.17 -9.67 -2.82
N TYR A 37 3.94 -8.57 -2.99
CA TYR A 37 4.79 -8.28 -4.18
C TYR A 37 3.96 -7.93 -5.43
N ASP A 38 2.63 -7.96 -5.33
CA ASP A 38 1.72 -7.66 -6.45
C ASP A 38 1.14 -6.26 -6.25
N VAL A 39 1.55 -5.30 -7.10
CA VAL A 39 1.14 -3.90 -6.97
C VAL A 39 -0.35 -3.73 -7.29
N VAL A 40 -1.11 -3.33 -6.28
CA VAL A 40 -2.56 -3.13 -6.36
C VAL A 40 -2.83 -1.70 -6.86
N PRO A 41 -3.57 -1.52 -8.00
CA PRO A 41 -3.98 -0.18 -8.50
C PRO A 41 -5.06 0.44 -7.58
N ARG A 42 -5.22 1.78 -7.65
CA ARG A 42 -6.16 2.52 -6.78
C ARG A 42 -7.62 2.08 -7.01
N GLY A 43 -7.93 1.73 -8.27
CA GLY A 43 -9.24 1.19 -8.64
C GLY A 43 -9.54 -0.18 -8.03
N LYS A 44 -8.56 -0.78 -7.33
CA LYS A 44 -8.73 -2.02 -6.57
C LYS A 44 -8.45 -1.87 -5.06
N TRP A 45 -7.96 -0.69 -4.59
CA TRP A 45 -7.63 -0.51 -3.13
C TRP A 45 -8.86 -0.81 -2.23
N ASP A 46 -10.03 -0.28 -2.61
CA ASP A 46 -11.29 -0.52 -1.88
C ASP A 46 -11.78 -1.96 -2.13
N GLU A 47 -11.62 -2.41 -3.38
CA GLU A 47 -12.06 -3.75 -3.83
C GLU A 47 -11.25 -4.89 -3.18
N THR A 48 -10.03 -4.59 -2.72
CA THR A 48 -9.11 -5.57 -2.14
C THR A 48 -9.18 -5.52 -0.60
N PRO A 49 -9.41 -6.66 0.09
CA PRO A 49 -9.38 -6.72 1.57
C PRO A 49 -7.96 -6.86 2.16
N VAL A 50 -7.86 -6.65 3.49
CA VAL A 50 -6.62 -6.83 4.27
C VAL A 50 -6.84 -7.98 5.27
N THR A 51 -5.97 -8.99 5.25
CA THR A 51 -5.98 -10.09 6.25
C THR A 51 -4.63 -10.19 6.94
N ALA A 52 -4.65 -10.84 8.11
CA ALA A 52 -3.50 -11.00 9.00
C ALA A 52 -2.37 -11.82 8.37
N GLY A 53 -1.12 -11.41 8.64
CA GLY A 53 0.07 -12.15 8.19
C GLY A 53 0.53 -11.76 6.80
N ASP A 54 -0.30 -11.02 6.03
CA ASP A 54 0.05 -10.60 4.66
C ASP A 54 1.05 -9.45 4.64
N GLU A 55 1.93 -9.47 3.63
CA GLU A 55 3.01 -8.50 3.47
C GLU A 55 2.55 -7.34 2.56
N ILE A 56 2.19 -6.24 3.19
CA ILE A 56 1.68 -5.05 2.51
C ILE A 56 2.83 -4.04 2.36
N GLU A 57 3.46 -4.04 1.19
CA GLU A 57 4.61 -3.18 0.87
C GLU A 57 4.14 -1.91 0.14
N ILE A 58 4.16 -0.77 0.83
CA ILE A 58 3.67 0.50 0.27
C ILE A 58 4.84 1.29 -0.33
N LEU A 59 4.82 1.48 -1.65
CA LEU A 59 5.89 2.15 -2.39
C LEU A 59 5.35 3.34 -3.17
N THR A 60 6.20 4.31 -3.46
CA THR A 60 5.87 5.46 -4.30
C THR A 60 6.04 5.07 -5.79
N PRO A 61 5.22 5.60 -6.75
CA PRO A 61 5.51 5.47 -8.20
C PRO A 61 6.94 5.96 -8.51
N ARG A 62 7.67 5.15 -9.30
CA ARG A 62 9.12 5.29 -9.53
C ARG A 62 9.87 4.92 -8.23
N GLN A 63 9.98 3.60 -7.98
CA GLN A 63 10.64 3.04 -6.79
C GLN A 63 11.29 1.68 -7.14
N GLY A 64 12.27 1.25 -6.33
CA GLY A 64 13.00 0.00 -6.54
C GLY A 64 14.36 0.06 -5.89
N GLY A 65 15.42 -0.23 -6.66
CA GLY A 65 16.80 -0.18 -6.18
C GLY A 65 17.40 -1.57 -5.98
N LEU A 66 18.72 -1.61 -5.74
CA LEU A 66 19.47 -2.87 -5.54
C LEU A 66 19.95 -3.00 -4.08
N GLU A 67 19.46 -2.11 -3.20
CA GLU A 67 19.83 -2.07 -1.78
C GLU A 67 19.33 -3.33 -1.05
N HIS A 68 20.28 -4.22 -0.68
CA HIS A 68 19.99 -5.52 -0.02
C HIS A 68 19.07 -6.39 -0.90
N HIS A 69 19.23 -6.30 -2.24
CA HIS A 69 18.36 -6.99 -3.20
C HIS A 69 18.60 -8.52 -3.13
N HIS A 70 17.84 -9.20 -2.28
CA HIS A 70 17.85 -10.66 -2.13
C HIS A 70 16.90 -11.29 -3.15
N HIS A 71 17.42 -12.18 -4.01
CA HIS A 71 16.63 -12.91 -5.01
C HIS A 71 15.77 -13.98 -4.31
N HIS A 72 14.61 -14.31 -4.89
CA HIS A 72 13.77 -15.40 -4.38
C HIS A 72 14.27 -16.74 -4.95
N HIS A 73 14.44 -17.71 -4.07
CA HIS A 73 14.83 -19.08 -4.42
C HIS A 73 13.56 -19.88 -4.78
N MET A 1 -6.15 -7.03 12.91
CA MET A 1 -5.09 -7.91 12.39
C MET A 1 -3.74 -7.18 12.38
N LEU A 2 -2.69 -7.83 12.92
CA LEU A 2 -1.31 -7.35 12.84
C LEU A 2 -0.75 -7.77 11.47
N VAL A 3 -0.48 -6.78 10.60
CA VAL A 3 0.02 -7.01 9.21
C VAL A 3 1.48 -6.56 9.10
N THR A 4 2.17 -6.96 8.01
CA THR A 4 3.59 -6.63 7.79
C THR A 4 3.72 -5.66 6.60
N ILE A 5 3.88 -4.37 6.91
CA ILE A 5 4.00 -3.30 5.91
C ILE A 5 5.46 -2.79 5.89
N ASN A 6 6.13 -2.94 4.72
CA ASN A 6 7.51 -2.45 4.47
C ASN A 6 8.56 -3.17 5.34
N GLY A 7 8.25 -4.40 5.78
CA GLY A 7 9.13 -5.18 6.65
C GLY A 7 8.92 -4.92 8.13
N GLU A 8 8.01 -3.97 8.44
CA GLU A 8 7.61 -3.61 9.81
C GLU A 8 6.21 -4.19 10.08
N GLN A 9 5.86 -4.44 11.35
CA GLN A 9 4.53 -4.95 11.72
C GLN A 9 3.69 -3.81 12.34
N ARG A 10 2.41 -3.73 11.94
CA ARG A 10 1.46 -2.71 12.39
C ARG A 10 0.07 -3.35 12.57
N GLU A 11 -0.56 -3.09 13.73
CA GLU A 11 -1.92 -3.57 14.03
C GLU A 11 -2.94 -2.61 13.37
N VAL A 12 -3.84 -3.19 12.55
CA VAL A 12 -4.87 -2.44 11.78
C VAL A 12 -6.23 -3.15 11.87
N GLN A 13 -7.30 -2.41 11.55
CA GLN A 13 -8.68 -2.91 11.47
C GLN A 13 -9.31 -2.45 10.13
N SER A 14 -8.42 -2.18 9.17
CA SER A 14 -8.74 -1.55 7.88
C SER A 14 -9.83 -2.30 7.08
N ALA A 15 -9.65 -3.63 6.97
CA ALA A 15 -10.51 -4.56 6.20
C ALA A 15 -10.24 -4.47 4.68
N SER A 16 -10.24 -3.25 4.14
CA SER A 16 -9.91 -2.97 2.73
C SER A 16 -8.55 -2.28 2.66
N VAL A 17 -7.86 -2.48 1.52
CA VAL A 17 -6.55 -1.89 1.25
C VAL A 17 -6.66 -0.33 1.11
N ALA A 18 -7.87 0.15 0.74
CA ALA A 18 -8.19 1.60 0.71
C ALA A 18 -8.11 2.20 2.11
N ALA A 19 -8.89 1.60 3.02
CA ALA A 19 -8.94 1.99 4.45
C ALA A 19 -7.55 1.87 5.11
N LEU A 20 -6.75 0.91 4.60
CA LEU A 20 -5.37 0.70 5.03
C LEU A 20 -4.49 1.92 4.67
N MET A 21 -4.50 2.31 3.37
CA MET A 21 -3.67 3.43 2.87
C MET A 21 -4.09 4.78 3.49
N THR A 22 -5.38 4.87 3.89
CA THR A 22 -5.94 6.05 4.58
C THR A 22 -5.45 6.10 6.06
N GLU A 23 -5.38 4.92 6.70
CA GLU A 23 -4.85 4.75 8.07
C GLU A 23 -3.36 5.18 8.07
N LEU A 24 -2.65 4.69 7.04
CA LEU A 24 -1.20 4.93 6.83
C LEU A 24 -0.94 6.39 6.36
N ASP A 25 -2.03 7.11 5.97
CA ASP A 25 -1.98 8.48 5.42
C ASP A 25 -1.22 8.52 4.06
N CYS A 26 -1.01 7.34 3.49
CA CYS A 26 -0.32 7.14 2.21
C CYS A 26 -1.38 7.00 1.09
N THR A 27 -2.46 7.78 1.21
CA THR A 27 -3.53 7.84 0.20
C THR A 27 -3.56 9.22 -0.48
N ASP A 28 -3.12 10.26 0.25
CA ASP A 28 -3.17 11.66 -0.23
C ASP A 28 -1.96 11.94 -1.15
N GLY A 29 -2.11 11.60 -2.44
CA GLY A 29 -1.08 11.85 -3.45
C GLY A 29 -0.85 10.66 -4.35
N HIS A 30 0.31 10.66 -5.06
CA HIS A 30 0.71 9.60 -5.99
C HIS A 30 1.39 8.46 -5.21
N TYR A 31 0.58 7.58 -4.60
CA TYR A 31 1.09 6.41 -3.87
C TYR A 31 0.56 5.11 -4.49
N ALA A 32 1.30 4.04 -4.24
CA ALA A 32 0.92 2.69 -4.63
C ALA A 32 1.11 1.77 -3.41
N VAL A 33 0.37 0.70 -3.40
CA VAL A 33 0.46 -0.33 -2.38
C VAL A 33 0.75 -1.66 -3.08
N ALA A 34 1.45 -2.53 -2.38
CA ALA A 34 1.79 -3.84 -2.89
C ALA A 34 1.34 -4.90 -1.86
N LEU A 35 0.19 -5.51 -2.12
CA LEU A 35 -0.40 -6.56 -1.26
C LEU A 35 0.14 -7.90 -1.77
N ASN A 36 0.84 -8.64 -0.89
CA ASN A 36 1.62 -9.87 -1.24
C ASN A 36 2.83 -9.45 -2.12
N TYR A 37 3.23 -8.16 -1.98
CA TYR A 37 4.24 -7.46 -2.82
C TYR A 37 3.76 -7.22 -4.27
N ASP A 38 2.50 -7.58 -4.58
CA ASP A 38 1.89 -7.36 -5.90
C ASP A 38 1.15 -6.01 -5.90
N VAL A 39 1.47 -5.15 -6.88
CA VAL A 39 0.96 -3.77 -6.96
C VAL A 39 -0.56 -3.77 -7.21
N VAL A 40 -1.30 -3.27 -6.21
CA VAL A 40 -2.75 -3.12 -6.28
C VAL A 40 -3.08 -1.74 -6.92
N PRO A 41 -3.82 -1.71 -8.08
CA PRO A 41 -4.26 -0.44 -8.72
C PRO A 41 -5.18 0.36 -7.75
N ARG A 42 -5.05 1.70 -7.77
CA ARG A 42 -5.72 2.59 -6.79
C ARG A 42 -7.25 2.41 -6.78
N GLY A 43 -7.83 2.25 -7.98
CA GLY A 43 -9.26 2.02 -8.14
C GLY A 43 -9.78 0.75 -7.47
N LYS A 44 -8.89 -0.24 -7.26
CA LYS A 44 -9.25 -1.54 -6.63
C LYS A 44 -8.80 -1.63 -5.16
N TRP A 45 -8.20 -0.56 -4.60
CA TRP A 45 -7.80 -0.51 -3.16
C TRP A 45 -9.00 -0.91 -2.25
N ASP A 46 -10.20 -0.40 -2.59
CA ASP A 46 -11.46 -0.71 -1.87
C ASP A 46 -11.86 -2.18 -2.07
N GLU A 47 -11.85 -2.62 -3.35
CA GLU A 47 -12.35 -3.95 -3.78
C GLU A 47 -11.46 -5.08 -3.22
N THR A 48 -10.19 -4.76 -2.95
CA THR A 48 -9.19 -5.72 -2.52
C THR A 48 -9.10 -5.70 -0.97
N PRO A 49 -9.38 -6.85 -0.27
CA PRO A 49 -9.25 -6.95 1.20
C PRO A 49 -7.79 -7.10 1.69
N VAL A 50 -7.61 -6.93 3.02
CA VAL A 50 -6.31 -7.13 3.71
C VAL A 50 -6.34 -8.47 4.48
N THR A 51 -5.19 -9.17 4.57
CA THR A 51 -5.06 -10.46 5.29
C THR A 51 -4.25 -10.25 6.59
N ALA A 52 -4.55 -11.05 7.63
CA ALA A 52 -3.85 -11.01 8.93
C ALA A 52 -2.39 -11.46 8.76
N GLY A 53 -1.44 -10.54 9.00
CA GLY A 53 -0.02 -10.84 8.84
C GLY A 53 0.38 -11.00 7.40
N ASP A 54 -0.18 -10.14 6.54
CA ASP A 54 0.09 -10.17 5.09
C ASP A 54 1.41 -9.44 4.77
N GLU A 55 2.08 -9.89 3.71
CA GLU A 55 3.34 -9.29 3.24
C GLU A 55 3.03 -8.09 2.31
N ILE A 56 2.75 -6.95 2.95
CA ILE A 56 2.38 -5.69 2.28
C ILE A 56 3.62 -4.76 2.18
N GLU A 57 3.64 -3.87 1.19
CA GLU A 57 4.71 -2.88 1.01
C GLU A 57 4.14 -1.63 0.31
N ILE A 58 4.30 -0.45 0.92
CA ILE A 58 3.87 0.82 0.31
C ILE A 58 4.93 1.25 -0.71
N LEU A 59 4.60 1.10 -1.98
CA LEU A 59 5.42 1.58 -3.08
C LEU A 59 5.11 3.05 -3.33
N THR A 60 6.12 3.93 -3.18
CA THR A 60 5.99 5.33 -3.57
C THR A 60 6.56 5.43 -5.00
N PRO A 61 5.67 5.45 -6.06
CA PRO A 61 6.11 5.37 -7.47
C PRO A 61 7.02 6.54 -7.86
N ARG A 62 8.25 6.18 -8.23
CA ARG A 62 9.35 7.12 -8.49
C ARG A 62 9.27 7.65 -9.94
N GLN A 63 9.14 6.70 -10.89
CA GLN A 63 8.87 6.95 -12.33
C GLN A 63 10.16 7.29 -13.12
N GLY A 64 10.89 8.34 -12.67
CA GLY A 64 12.19 8.70 -13.26
C GLY A 64 13.29 7.74 -12.81
N GLY A 65 13.27 6.53 -13.41
CA GLY A 65 14.03 5.39 -12.91
C GLY A 65 13.12 4.48 -12.10
N LEU A 66 13.00 3.21 -12.50
CA LEU A 66 12.11 2.23 -11.87
C LEU A 66 12.87 0.89 -11.78
N GLU A 67 13.23 0.49 -10.56
CA GLU A 67 13.79 -0.85 -10.27
C GLU A 67 12.65 -1.80 -9.89
N HIS A 68 12.81 -3.09 -10.20
CA HIS A 68 11.78 -4.13 -9.99
C HIS A 68 11.87 -4.73 -8.56
N HIS A 69 13.00 -4.45 -7.87
CA HIS A 69 13.41 -5.12 -6.60
C HIS A 69 13.87 -6.56 -6.89
N HIS A 70 15.17 -6.84 -6.60
CA HIS A 70 15.75 -8.19 -6.73
C HIS A 70 15.05 -9.16 -5.78
N HIS A 71 14.76 -10.39 -6.25
CA HIS A 71 14.07 -11.41 -5.44
C HIS A 71 15.00 -11.88 -4.29
N HIS A 72 14.91 -11.18 -3.15
CA HIS A 72 15.59 -11.55 -1.90
C HIS A 72 14.87 -12.75 -1.27
N HIS A 73 15.64 -13.67 -0.69
CA HIS A 73 15.13 -14.89 -0.04
C HIS A 73 16.12 -15.36 1.04
N MET A 1 -5.65 -7.02 13.04
CA MET A 1 -4.92 -8.03 12.23
C MET A 1 -3.44 -7.66 12.14
N LEU A 2 -2.55 -8.54 12.64
CA LEU A 2 -1.10 -8.30 12.60
C LEU A 2 -0.57 -8.62 11.19
N VAL A 3 -0.31 -7.57 10.42
CA VAL A 3 0.25 -7.64 9.05
C VAL A 3 1.59 -6.89 9.02
N THR A 4 2.49 -7.30 8.12
CA THR A 4 3.79 -6.65 7.91
C THR A 4 3.62 -5.48 6.91
N ILE A 5 3.66 -4.24 7.41
CA ILE A 5 3.51 -3.03 6.58
C ILE A 5 4.88 -2.40 6.28
N ASN A 6 5.34 -2.57 5.02
CA ASN A 6 6.59 -1.95 4.49
C ASN A 6 7.84 -2.54 5.20
N GLY A 7 7.68 -3.77 5.75
CA GLY A 7 8.71 -4.42 6.56
C GLY A 7 8.51 -4.22 8.07
N GLU A 8 7.66 -3.26 8.45
CA GLU A 8 7.34 -2.97 9.86
C GLU A 8 6.01 -3.66 10.24
N GLN A 9 6.07 -4.70 11.09
CA GLN A 9 4.87 -5.47 11.47
C GLN A 9 3.99 -4.63 12.40
N ARG A 10 2.79 -4.29 11.92
CA ARG A 10 1.83 -3.44 12.62
C ARG A 10 0.44 -4.12 12.60
N GLU A 11 -0.33 -3.97 13.69
CA GLU A 11 -1.72 -4.41 13.75
C GLU A 11 -2.60 -3.33 13.07
N VAL A 12 -3.58 -3.75 12.26
CA VAL A 12 -4.47 -2.81 11.52
C VAL A 12 -5.91 -2.93 12.00
N GLN A 13 -6.66 -1.82 11.86
CA GLN A 13 -8.12 -1.78 12.03
C GLN A 13 -8.78 -2.01 10.66
N SER A 14 -8.15 -1.42 9.62
CA SER A 14 -8.63 -1.50 8.23
C SER A 14 -8.51 -2.94 7.68
N ALA A 15 -9.67 -3.50 7.28
CA ALA A 15 -9.74 -4.81 6.60
C ALA A 15 -9.79 -4.65 5.06
N SER A 16 -9.76 -3.39 4.56
CA SER A 16 -9.67 -3.08 3.12
C SER A 16 -8.43 -2.20 2.88
N VAL A 17 -7.82 -2.35 1.69
CA VAL A 17 -6.57 -1.65 1.32
C VAL A 17 -6.81 -0.12 1.14
N ALA A 18 -8.03 0.27 0.69
CA ALA A 18 -8.41 1.70 0.54
C ALA A 18 -8.37 2.43 1.89
N ALA A 19 -9.07 1.84 2.88
CA ALA A 19 -9.12 2.35 4.25
C ALA A 19 -7.74 2.28 4.92
N LEU A 20 -6.94 1.27 4.50
CA LEU A 20 -5.59 1.04 5.04
C LEU A 20 -4.61 2.12 4.59
N MET A 21 -4.64 2.45 3.30
CA MET A 21 -3.75 3.48 2.71
C MET A 21 -4.13 4.89 3.22
N THR A 22 -5.40 5.05 3.63
CA THR A 22 -5.86 6.25 4.34
C THR A 22 -5.35 6.24 5.81
N GLU A 23 -5.44 5.06 6.45
CA GLU A 23 -5.06 4.83 7.86
C GLU A 23 -3.56 5.11 8.07
N LEU A 24 -2.76 4.71 7.07
CA LEU A 24 -1.29 4.87 7.07
C LEU A 24 -0.87 6.24 6.48
N ASP A 25 -1.87 6.97 5.93
CA ASP A 25 -1.71 8.32 5.35
C ASP A 25 -0.70 8.29 4.16
N CYS A 26 -0.84 7.25 3.34
CA CYS A 26 -0.05 7.05 2.11
C CYS A 26 -0.97 6.95 0.89
N THR A 27 -2.05 7.74 0.90
CA THR A 27 -3.02 7.81 -0.22
C THR A 27 -3.11 9.26 -0.75
N ASP A 28 -2.30 10.18 -0.17
CA ASP A 28 -2.41 11.63 -0.39
C ASP A 28 -2.17 12.02 -1.86
N GLY A 29 -0.95 11.73 -2.35
CA GLY A 29 -0.56 12.10 -3.72
C GLY A 29 -0.29 10.90 -4.60
N HIS A 30 0.86 10.91 -5.31
CA HIS A 30 1.26 9.86 -6.24
C HIS A 30 1.83 8.67 -5.42
N TYR A 31 0.93 7.76 -5.00
CA TYR A 31 1.27 6.57 -4.20
C TYR A 31 0.56 5.33 -4.71
N ALA A 32 1.19 4.20 -4.47
CA ALA A 32 0.69 2.86 -4.78
C ALA A 32 0.96 1.95 -3.58
N VAL A 33 0.61 0.68 -3.72
CA VAL A 33 0.81 -0.33 -2.68
C VAL A 33 1.02 -1.69 -3.33
N ALA A 34 1.62 -2.63 -2.59
CA ALA A 34 1.79 -4.01 -3.03
C ALA A 34 1.38 -4.96 -1.90
N LEU A 35 0.24 -5.64 -2.10
CA LEU A 35 -0.31 -6.61 -1.13
C LEU A 35 0.30 -7.98 -1.46
N ASN A 36 1.13 -8.49 -0.53
CA ASN A 36 1.95 -9.71 -0.72
C ASN A 36 2.90 -9.55 -1.93
N TYR A 37 3.42 -8.30 -2.08
CA TYR A 37 4.37 -7.90 -3.15
C TYR A 37 3.69 -7.82 -4.55
N ASP A 38 2.34 -7.84 -4.57
CA ASP A 38 1.53 -7.65 -5.80
C ASP A 38 0.98 -6.23 -5.82
N VAL A 39 1.46 -5.40 -6.77
CA VAL A 39 1.08 -3.99 -6.86
C VAL A 39 -0.42 -3.85 -7.16
N VAL A 40 -1.16 -3.34 -6.16
CA VAL A 40 -2.60 -3.12 -6.27
C VAL A 40 -2.83 -1.69 -6.80
N PRO A 41 -3.53 -1.51 -7.97
CA PRO A 41 -3.92 -0.17 -8.48
C PRO A 41 -4.98 0.48 -7.57
N ARG A 42 -4.99 1.84 -7.54
CA ARG A 42 -5.84 2.63 -6.60
C ARG A 42 -7.33 2.34 -6.75
N GLY A 43 -7.78 2.14 -8.00
CA GLY A 43 -9.18 1.83 -8.30
C GLY A 43 -9.62 0.42 -7.92
N LYS A 44 -8.71 -0.34 -7.28
CA LYS A 44 -9.01 -1.68 -6.74
C LYS A 44 -8.74 -1.77 -5.23
N TRP A 45 -8.10 -0.73 -4.63
CA TRP A 45 -7.76 -0.71 -3.19
C TRP A 45 -8.98 -1.07 -2.28
N ASP A 46 -10.15 -0.55 -2.68
CA ASP A 46 -11.43 -0.82 -2.00
C ASP A 46 -11.88 -2.27 -2.21
N GLU A 47 -11.74 -2.75 -3.46
CA GLU A 47 -12.11 -4.13 -3.86
C GLU A 47 -11.13 -5.18 -3.31
N THR A 48 -9.96 -4.73 -2.84
CA THR A 48 -8.89 -5.62 -2.38
C THR A 48 -8.92 -5.67 -0.83
N PRO A 49 -9.10 -6.88 -0.21
CA PRO A 49 -9.11 -7.04 1.27
C PRO A 49 -7.68 -7.19 1.87
N VAL A 50 -7.62 -7.06 3.20
CA VAL A 50 -6.39 -7.24 4.02
C VAL A 50 -6.69 -8.32 5.07
N THR A 51 -5.82 -9.33 5.17
CA THR A 51 -5.93 -10.40 6.19
C THR A 51 -4.61 -10.47 6.98
N ALA A 52 -4.72 -10.88 8.26
CA ALA A 52 -3.56 -11.02 9.17
C ALA A 52 -2.52 -11.99 8.60
N GLY A 53 -1.25 -11.54 8.51
CA GLY A 53 -0.16 -12.32 7.93
C GLY A 53 0.26 -11.86 6.54
N ASP A 54 -0.46 -10.85 5.98
CA ASP A 54 -0.10 -10.25 4.68
C ASP A 54 1.05 -9.27 4.82
N GLU A 55 1.79 -9.08 3.72
CA GLU A 55 2.91 -8.14 3.62
C GLU A 55 2.51 -6.97 2.71
N ILE A 56 1.93 -5.91 3.34
CA ILE A 56 1.49 -4.68 2.65
C ILE A 56 2.67 -3.71 2.59
N GLU A 57 3.39 -3.67 1.46
CA GLU A 57 4.49 -2.71 1.27
C GLU A 57 3.99 -1.52 0.45
N ILE A 58 4.17 -0.34 1.00
CA ILE A 58 3.71 0.91 0.40
C ILE A 58 4.74 1.41 -0.60
N LEU A 59 4.28 1.65 -1.83
CA LEU A 59 5.12 2.09 -2.94
C LEU A 59 4.92 3.59 -3.18
N THR A 60 6.03 4.32 -3.26
CA THR A 60 6.08 5.65 -3.82
C THR A 60 6.68 5.50 -5.22
N PRO A 61 5.81 5.36 -6.29
CA PRO A 61 6.29 4.97 -7.65
C PRO A 61 7.08 6.12 -8.29
N ARG A 62 8.37 5.86 -8.53
CA ARG A 62 9.31 6.80 -9.12
C ARG A 62 9.69 6.26 -10.51
N GLN A 63 10.61 5.27 -10.53
CA GLN A 63 10.90 4.46 -11.73
C GLN A 63 10.50 3.01 -11.41
N GLY A 64 9.21 2.69 -11.60
CA GLY A 64 8.67 1.37 -11.32
C GLY A 64 8.15 0.66 -12.57
N GLY A 65 7.18 1.29 -13.25
CA GLY A 65 6.55 0.74 -14.46
C GLY A 65 7.47 0.81 -15.67
N LEU A 66 8.32 1.86 -15.69
CA LEU A 66 9.38 2.06 -16.69
C LEU A 66 10.72 2.18 -15.94
N GLU A 67 11.38 1.04 -15.70
CA GLU A 67 12.72 0.99 -15.08
C GLU A 67 13.57 -0.09 -15.76
N HIS A 68 14.76 -0.35 -15.18
CA HIS A 68 15.60 -1.51 -15.53
C HIS A 68 16.11 -2.16 -14.22
N HIS A 69 15.49 -1.76 -13.09
CA HIS A 69 15.85 -2.19 -11.73
C HIS A 69 17.32 -1.85 -11.40
N HIS A 70 18.27 -2.72 -11.83
CA HIS A 70 19.70 -2.66 -11.39
C HIS A 70 19.76 -2.90 -9.86
N HIS A 71 20.81 -2.38 -9.17
CA HIS A 71 20.77 -2.32 -7.70
C HIS A 71 19.77 -1.21 -7.28
N HIS A 72 18.51 -1.63 -7.14
CA HIS A 72 17.38 -0.78 -6.76
C HIS A 72 16.23 -1.69 -6.31
N HIS A 73 15.59 -1.29 -5.20
CA HIS A 73 14.39 -1.95 -4.67
C HIS A 73 13.35 -0.87 -4.33
N MET A 1 -5.80 -7.28 13.29
CA MET A 1 -5.07 -7.99 12.20
C MET A 1 -3.63 -7.51 12.15
N LEU A 2 -2.70 -8.30 12.70
CA LEU A 2 -1.27 -7.97 12.73
C LEU A 2 -0.66 -8.28 11.34
N VAL A 3 -0.56 -7.23 10.51
CA VAL A 3 -0.10 -7.31 9.12
C VAL A 3 1.29 -6.65 8.99
N THR A 4 2.19 -7.27 8.22
CA THR A 4 3.56 -6.77 8.08
C THR A 4 3.61 -5.68 7.00
N ILE A 5 3.61 -4.42 7.42
CA ILE A 5 3.59 -3.24 6.54
C ILE A 5 5.03 -2.70 6.37
N ASN A 6 5.62 -2.90 5.17
CA ASN A 6 6.98 -2.38 4.79
C ASN A 6 8.08 -3.08 5.61
N GLY A 7 7.86 -4.37 5.92
CA GLY A 7 8.76 -5.15 6.78
C GLY A 7 8.65 -4.80 8.26
N GLU A 8 7.61 -4.02 8.61
CA GLU A 8 7.31 -3.59 9.98
C GLU A 8 5.86 -3.98 10.30
N GLN A 9 5.66 -4.95 11.20
CA GLN A 9 4.31 -5.41 11.59
C GLN A 9 3.53 -4.32 12.32
N ARG A 10 2.23 -4.27 12.06
CA ARG A 10 1.30 -3.30 12.63
C ARG A 10 -0.10 -3.94 12.70
N GLU A 11 -0.71 -3.87 13.89
CA GLU A 11 -2.05 -4.42 14.13
C GLU A 11 -3.10 -3.38 13.67
N VAL A 12 -3.89 -3.75 12.66
CA VAL A 12 -4.91 -2.86 12.04
C VAL A 12 -6.27 -3.57 12.04
N GLN A 13 -7.33 -2.77 11.99
CA GLN A 13 -8.73 -3.26 11.92
C GLN A 13 -9.30 -2.97 10.52
N SER A 14 -8.57 -2.13 9.75
CA SER A 14 -8.90 -1.76 8.37
C SER A 14 -9.01 -3.01 7.47
N ALA A 15 -10.25 -3.45 7.23
CA ALA A 15 -10.55 -4.66 6.43
C ALA A 15 -10.37 -4.41 4.92
N SER A 16 -10.29 -3.13 4.53
CA SER A 16 -10.04 -2.69 3.15
C SER A 16 -8.68 -1.99 3.06
N VAL A 17 -7.95 -2.22 1.95
CA VAL A 17 -6.64 -1.60 1.69
C VAL A 17 -6.81 -0.09 1.41
N ALA A 18 -7.99 0.29 0.90
CA ALA A 18 -8.36 1.71 0.73
C ALA A 18 -8.41 2.40 2.11
N ALA A 19 -9.20 1.83 3.03
CA ALA A 19 -9.33 2.33 4.41
C ALA A 19 -7.98 2.30 5.15
N LEU A 20 -7.14 1.29 4.80
CA LEU A 20 -5.82 1.11 5.40
C LEU A 20 -4.87 2.25 5.00
N MET A 21 -4.76 2.53 3.69
CA MET A 21 -3.83 3.57 3.17
C MET A 21 -4.37 4.98 3.45
N THR A 22 -5.69 5.10 3.73
CA THR A 22 -6.29 6.33 4.28
C THR A 22 -5.77 6.55 5.71
N GLU A 23 -5.76 5.46 6.49
CA GLU A 23 -5.33 5.46 7.91
C GLU A 23 -3.82 5.73 8.04
N LEU A 24 -3.04 5.13 7.13
CA LEU A 24 -1.57 5.28 7.09
C LEU A 24 -1.18 6.60 6.39
N ASP A 25 -2.19 7.25 5.75
CA ASP A 25 -2.07 8.55 5.06
C ASP A 25 -1.08 8.46 3.88
N CYS A 26 -1.10 7.28 3.23
CA CYS A 26 -0.23 6.94 2.10
C CYS A 26 -0.95 7.17 0.75
N THR A 27 -1.70 8.28 0.67
CA THR A 27 -2.44 8.65 -0.57
C THR A 27 -1.84 9.93 -1.23
N ASP A 28 -0.69 10.42 -0.70
CA ASP A 28 -0.03 11.67 -1.16
C ASP A 28 0.33 11.62 -2.66
N GLY A 29 -0.40 12.42 -3.47
CA GLY A 29 -0.13 12.54 -4.90
C GLY A 29 -0.49 11.29 -5.68
N HIS A 30 0.49 10.36 -5.84
CA HIS A 30 0.29 9.12 -6.61
C HIS A 30 1.14 7.99 -5.98
N TYR A 31 0.64 7.44 -4.87
CA TYR A 31 1.21 6.27 -4.15
C TYR A 31 0.57 4.96 -4.61
N ALA A 32 1.13 3.85 -4.12
CA ALA A 32 0.66 2.49 -4.41
C ALA A 32 1.02 1.54 -3.26
N VAL A 33 0.45 0.34 -3.30
CA VAL A 33 0.68 -0.72 -2.32
C VAL A 33 1.06 -2.00 -3.05
N ALA A 34 2.04 -2.75 -2.52
CA ALA A 34 2.37 -4.09 -3.01
C ALA A 34 1.90 -5.11 -1.98
N LEU A 35 0.79 -5.79 -2.28
CA LEU A 35 0.31 -6.89 -1.45
C LEU A 35 0.94 -8.18 -1.97
N ASN A 36 1.91 -8.72 -1.19
CA ASN A 36 2.67 -9.95 -1.52
C ASN A 36 3.47 -9.77 -2.83
N TYR A 37 3.99 -8.53 -2.98
CA TYR A 37 4.83 -8.07 -4.12
C TYR A 37 4.02 -7.87 -5.41
N ASP A 38 2.67 -7.90 -5.28
CA ASP A 38 1.75 -7.54 -6.37
C ASP A 38 1.18 -6.15 -6.07
N VAL A 39 1.59 -5.16 -6.87
CA VAL A 39 1.14 -3.77 -6.71
C VAL A 39 -0.32 -3.65 -7.15
N VAL A 40 -1.17 -3.17 -6.24
CA VAL A 40 -2.61 -3.01 -6.45
C VAL A 40 -2.91 -1.59 -6.96
N PRO A 41 -3.65 -1.45 -8.11
CA PRO A 41 -4.18 -0.14 -8.58
C PRO A 41 -5.04 0.58 -7.49
N ARG A 42 -4.98 1.92 -7.46
CA ARG A 42 -5.63 2.76 -6.42
C ARG A 42 -7.16 2.56 -6.38
N GLY A 43 -7.77 2.51 -7.57
CA GLY A 43 -9.21 2.29 -7.71
C GLY A 43 -9.64 0.84 -7.47
N LYS A 44 -8.71 0.02 -6.94
CA LYS A 44 -8.94 -1.39 -6.61
C LYS A 44 -8.56 -1.68 -5.14
N TRP A 45 -7.95 -0.68 -4.44
CA TRP A 45 -7.62 -0.78 -2.99
C TRP A 45 -8.87 -1.15 -2.15
N ASP A 46 -10.03 -0.66 -2.59
CA ASP A 46 -11.34 -0.94 -1.97
C ASP A 46 -11.77 -2.40 -2.24
N GLU A 47 -11.49 -2.86 -3.47
CA GLU A 47 -11.76 -4.25 -3.91
C GLU A 47 -10.80 -5.25 -3.23
N THR A 48 -9.69 -4.74 -2.68
CA THR A 48 -8.67 -5.58 -2.02
C THR A 48 -8.91 -5.59 -0.50
N PRO A 49 -9.27 -6.76 0.12
CA PRO A 49 -9.27 -6.91 1.59
C PRO A 49 -7.85 -6.98 2.19
N VAL A 50 -7.73 -6.62 3.48
CA VAL A 50 -6.50 -6.76 4.28
C VAL A 50 -6.64 -8.01 5.16
N THR A 51 -5.65 -8.90 5.15
CA THR A 51 -5.65 -10.13 5.96
C THR A 51 -4.36 -10.22 6.77
N ALA A 52 -4.51 -10.59 8.06
CA ALA A 52 -3.41 -10.66 9.05
C ALA A 52 -2.29 -11.64 8.61
N GLY A 53 -1.03 -11.18 8.75
CA GLY A 53 0.15 -11.99 8.44
C GLY A 53 0.69 -11.81 7.02
N ASP A 54 -0.02 -11.03 6.17
CA ASP A 54 0.42 -10.76 4.77
C ASP A 54 1.32 -9.52 4.68
N GLU A 55 2.01 -9.41 3.53
CA GLU A 55 3.06 -8.41 3.29
C GLU A 55 2.47 -7.21 2.53
N ILE A 56 2.34 -6.08 3.22
CA ILE A 56 1.79 -4.84 2.67
C ILE A 56 2.91 -3.78 2.55
N GLU A 57 3.48 -3.68 1.35
CA GLU A 57 4.53 -2.68 1.04
C GLU A 57 3.89 -1.40 0.50
N ILE A 58 4.47 -0.26 0.83
CA ILE A 58 3.99 1.06 0.36
C ILE A 58 5.11 1.73 -0.43
N LEU A 59 4.85 1.92 -1.73
CA LEU A 59 5.82 2.43 -2.70
C LEU A 59 5.11 3.47 -3.58
N THR A 60 5.87 4.39 -4.16
CA THR A 60 5.33 5.46 -5.01
C THR A 60 6.04 5.45 -6.41
N PRO A 61 5.48 4.72 -7.43
CA PRO A 61 6.12 4.59 -8.75
C PRO A 61 6.10 5.92 -9.52
N ARG A 62 7.30 6.46 -9.81
CA ARG A 62 7.46 7.76 -10.48
C ARG A 62 6.95 7.71 -11.93
N GLN A 63 7.27 6.63 -12.68
CA GLN A 63 6.73 6.41 -14.04
C GLN A 63 5.23 6.01 -13.98
N GLY A 64 4.83 5.40 -12.84
CA GLY A 64 3.48 4.86 -12.68
C GLY A 64 2.47 5.89 -12.15
N GLY A 65 2.64 7.17 -12.57
CA GLY A 65 1.69 8.24 -12.28
C GLY A 65 0.46 8.22 -13.19
N LEU A 66 0.31 9.27 -14.00
CA LEU A 66 -0.84 9.44 -14.92
C LEU A 66 -0.43 10.37 -16.06
N GLU A 67 0.28 9.79 -17.03
CA GLU A 67 0.71 10.49 -18.25
C GLU A 67 1.22 9.48 -19.30
N HIS A 68 0.94 9.79 -20.57
CA HIS A 68 1.48 9.05 -21.73
C HIS A 68 2.22 10.04 -22.66
N HIS A 69 2.31 11.34 -22.26
CA HIS A 69 2.96 12.39 -23.08
C HIS A 69 4.50 12.40 -22.87
N HIS A 70 5.09 11.20 -22.87
CA HIS A 70 6.52 10.94 -22.85
C HIS A 70 6.74 9.55 -23.48
N HIS A 71 7.44 9.51 -24.62
CA HIS A 71 7.73 8.28 -25.35
C HIS A 71 9.18 8.33 -25.86
N HIS A 72 9.95 7.27 -25.58
CA HIS A 72 11.36 7.16 -26.01
C HIS A 72 11.44 6.62 -27.45
N HIS A 73 10.50 5.73 -27.79
CA HIS A 73 10.26 5.30 -29.17
C HIS A 73 9.25 6.27 -29.81
N MET A 1 -6.09 -6.83 12.34
CA MET A 1 -5.13 -7.83 11.85
C MET A 1 -3.70 -7.25 11.86
N LEU A 2 -2.75 -8.04 12.38
CA LEU A 2 -1.33 -7.70 12.41
C LEU A 2 -0.73 -8.13 11.06
N VAL A 3 -0.28 -7.14 10.26
CA VAL A 3 0.17 -7.33 8.87
C VAL A 3 1.51 -6.62 8.62
N THR A 4 2.43 -7.25 7.88
CA THR A 4 3.72 -6.66 7.52
C THR A 4 3.49 -5.48 6.55
N ILE A 5 3.54 -4.25 7.09
CA ILE A 5 3.35 -3.01 6.31
C ILE A 5 4.71 -2.34 6.08
N ASN A 6 5.24 -2.46 4.85
CA ASN A 6 6.55 -1.88 4.43
C ASN A 6 7.70 -2.49 5.26
N GLY A 7 7.53 -3.77 5.67
CA GLY A 7 8.51 -4.47 6.50
C GLY A 7 8.31 -4.26 7.99
N GLU A 8 7.36 -3.37 8.33
CA GLU A 8 7.04 -3.04 9.72
C GLU A 8 5.70 -3.69 10.08
N GLN A 9 5.73 -4.77 10.88
CA GLN A 9 4.51 -5.48 11.30
C GLN A 9 3.63 -4.52 12.12
N ARG A 10 2.53 -4.10 11.50
CA ARG A 10 1.67 -3.03 11.98
C ARG A 10 0.27 -3.62 12.24
N GLU A 11 -0.20 -3.51 13.49
CA GLU A 11 -1.52 -3.97 13.91
C GLU A 11 -2.57 -2.91 13.52
N VAL A 12 -3.45 -3.26 12.57
CA VAL A 12 -4.50 -2.37 12.03
C VAL A 12 -5.88 -3.03 12.16
N GLN A 13 -6.97 -2.28 11.91
CA GLN A 13 -8.36 -2.81 11.92
C GLN A 13 -9.11 -2.41 10.64
N SER A 14 -8.35 -2.01 9.61
CA SER A 14 -8.90 -1.70 8.27
C SER A 14 -8.77 -2.94 7.38
N ALA A 15 -9.93 -3.56 7.09
CA ALA A 15 -10.02 -4.75 6.21
C ALA A 15 -10.05 -4.36 4.72
N SER A 16 -10.00 -3.06 4.44
CA SER A 16 -9.88 -2.50 3.08
C SER A 16 -8.49 -1.88 2.92
N VAL A 17 -7.84 -2.15 1.77
CA VAL A 17 -6.51 -1.57 1.45
C VAL A 17 -6.64 -0.05 1.19
N ALA A 18 -7.84 0.40 0.75
CA ALA A 18 -8.17 1.83 0.60
C ALA A 18 -8.18 2.50 1.98
N ALA A 19 -9.01 1.93 2.88
CA ALA A 19 -9.14 2.40 4.27
C ALA A 19 -7.80 2.32 5.02
N LEU A 20 -6.96 1.36 4.63
CA LEU A 20 -5.64 1.13 5.19
C LEU A 20 -4.68 2.27 4.80
N MET A 21 -4.55 2.56 3.50
CA MET A 21 -3.63 3.61 3.01
C MET A 21 -4.15 5.02 3.37
N THR A 22 -5.46 5.13 3.63
CA THR A 22 -6.06 6.39 4.16
C THR A 22 -5.72 6.54 5.67
N GLU A 23 -5.72 5.40 6.40
CA GLU A 23 -5.32 5.34 7.82
C GLU A 23 -3.84 5.73 7.98
N LEU A 24 -3.02 5.25 7.04
CA LEU A 24 -1.57 5.45 7.03
C LEU A 24 -1.18 6.78 6.33
N ASP A 25 -2.20 7.50 5.78
CA ASP A 25 -2.05 8.78 5.02
C ASP A 25 -1.19 8.62 3.75
N CYS A 26 -1.06 7.37 3.28
CA CYS A 26 -0.28 6.98 2.08
C CYS A 26 -1.15 7.09 0.80
N THR A 27 -2.23 7.88 0.87
CA THR A 27 -3.11 8.20 -0.26
C THR A 27 -2.76 9.59 -0.81
N ASP A 28 -2.06 10.39 0.02
CA ASP A 28 -1.64 11.77 -0.32
C ASP A 28 -0.26 11.72 -0.96
N GLY A 29 -0.13 12.34 -2.15
CA GLY A 29 1.10 12.27 -2.93
C GLY A 29 1.18 11.01 -3.78
N HIS A 30 2.33 10.79 -4.44
CA HIS A 30 2.53 9.61 -5.29
C HIS A 30 2.98 8.39 -4.45
N TYR A 31 2.00 7.63 -3.95
CA TYR A 31 2.23 6.37 -3.20
C TYR A 31 1.39 5.24 -3.79
N ALA A 32 1.93 4.03 -3.73
CA ALA A 32 1.30 2.81 -4.22
C ALA A 32 1.50 1.69 -3.19
N VAL A 33 0.66 0.67 -3.27
CA VAL A 33 0.71 -0.51 -2.39
C VAL A 33 0.97 -1.78 -3.21
N ALA A 34 1.67 -2.75 -2.62
CA ALA A 34 1.92 -4.05 -3.21
C ALA A 34 1.56 -5.16 -2.20
N LEU A 35 0.38 -5.79 -2.39
CA LEU A 35 -0.06 -6.90 -1.56
C LEU A 35 0.45 -8.22 -2.16
N ASN A 36 1.21 -8.99 -1.34
CA ASN A 36 1.81 -10.30 -1.72
C ASN A 36 2.85 -10.11 -2.84
N TYR A 37 3.62 -9.01 -2.73
CA TYR A 37 4.70 -8.62 -3.67
C TYR A 37 4.15 -8.25 -5.07
N ASP A 38 2.86 -7.91 -5.12
CA ASP A 38 2.13 -7.57 -6.36
C ASP A 38 1.36 -6.27 -6.15
N VAL A 39 1.61 -5.25 -7.00
CA VAL A 39 1.01 -3.91 -6.87
C VAL A 39 -0.52 -3.97 -7.11
N VAL A 40 -1.28 -3.44 -6.14
CA VAL A 40 -2.75 -3.37 -6.18
C VAL A 40 -3.18 -2.06 -6.88
N PRO A 41 -4.03 -2.11 -7.95
CA PRO A 41 -4.57 -0.87 -8.60
C PRO A 41 -5.47 -0.06 -7.65
N ARG A 42 -5.46 1.28 -7.79
CA ARG A 42 -6.24 2.20 -6.91
C ARG A 42 -7.75 1.93 -6.97
N GLY A 43 -8.24 1.64 -8.18
CA GLY A 43 -9.65 1.26 -8.40
C GLY A 43 -10.03 -0.05 -7.72
N LYS A 44 -9.01 -0.84 -7.28
CA LYS A 44 -9.23 -2.10 -6.55
C LYS A 44 -8.93 -1.97 -5.05
N TRP A 45 -8.21 -0.90 -4.61
CA TRP A 45 -7.80 -0.73 -3.17
C TRP A 45 -8.98 -1.00 -2.20
N ASP A 46 -10.15 -0.46 -2.57
CA ASP A 46 -11.40 -0.55 -1.78
C ASP A 46 -11.93 -2.00 -1.70
N GLU A 47 -11.91 -2.73 -2.84
CA GLU A 47 -12.43 -4.11 -2.93
C GLU A 47 -11.34 -5.18 -2.61
N THR A 48 -10.11 -4.74 -2.36
CA THR A 48 -9.00 -5.63 -1.99
C THR A 48 -8.98 -5.78 -0.46
N PRO A 49 -9.23 -7.01 0.10
CA PRO A 49 -9.26 -7.22 1.56
C PRO A 49 -7.85 -7.27 2.19
N VAL A 50 -7.76 -6.92 3.48
CA VAL A 50 -6.54 -7.01 4.30
C VAL A 50 -6.67 -8.22 5.26
N THR A 51 -5.75 -9.19 5.13
CA THR A 51 -5.71 -10.40 5.98
C THR A 51 -4.37 -10.47 6.72
N ALA A 52 -4.41 -11.04 7.94
CA ALA A 52 -3.28 -11.05 8.88
C ALA A 52 -2.06 -11.82 8.35
N GLY A 53 -0.88 -11.20 8.45
CA GLY A 53 0.39 -11.84 8.07
C GLY A 53 0.79 -11.66 6.61
N ASP A 54 -0.05 -10.97 5.82
CA ASP A 54 0.25 -10.70 4.38
C ASP A 54 1.17 -9.49 4.22
N GLU A 55 1.90 -9.48 3.09
CA GLU A 55 2.95 -8.50 2.77
C GLU A 55 2.30 -7.29 2.09
N ILE A 56 1.94 -6.27 2.89
CA ILE A 56 1.37 -5.03 2.40
C ILE A 56 2.50 -4.00 2.32
N GLU A 57 3.05 -3.84 1.12
CA GLU A 57 4.22 -2.99 0.90
C GLU A 57 3.75 -1.60 0.50
N ILE A 58 4.06 -0.60 1.32
CA ILE A 58 3.75 0.80 0.99
C ILE A 58 5.02 1.42 0.43
N LEU A 59 4.99 1.87 -0.83
CA LEU A 59 6.16 2.45 -1.50
C LEU A 59 5.76 3.75 -2.22
N THR A 60 6.75 4.54 -2.62
CA THR A 60 6.56 5.79 -3.38
C THR A 60 7.15 5.60 -4.81
N PRO A 61 6.29 5.32 -5.84
CA PRO A 61 6.76 5.09 -7.23
C PRO A 61 7.37 6.35 -7.86
N ARG A 62 8.56 6.19 -8.49
CA ARG A 62 9.32 7.26 -9.16
C ARG A 62 9.68 8.39 -8.15
N GLN A 63 10.69 8.12 -7.33
CA GLN A 63 11.18 9.04 -6.29
C GLN A 63 12.70 8.89 -6.17
N GLY A 64 13.15 7.62 -6.06
CA GLY A 64 14.58 7.27 -6.04
C GLY A 64 15.25 7.50 -4.68
N GLY A 65 15.17 8.73 -4.16
CA GLY A 65 15.89 9.15 -2.97
C GLY A 65 15.85 10.65 -2.82
N LEU A 66 15.75 11.38 -3.96
CA LEU A 66 15.61 12.82 -3.98
C LEU A 66 14.13 13.21 -3.78
N GLU A 67 13.86 13.84 -2.64
CA GLU A 67 12.56 14.46 -2.31
C GLU A 67 12.16 15.45 -3.40
N HIS A 68 11.39 14.99 -4.39
CA HIS A 68 10.95 15.79 -5.54
C HIS A 68 9.93 16.89 -5.11
N HIS A 69 9.10 16.57 -4.10
CA HIS A 69 8.08 17.50 -3.56
C HIS A 69 7.58 16.99 -2.20
N HIS A 70 8.04 17.64 -1.12
CA HIS A 70 7.64 17.32 0.27
C HIS A 70 7.50 18.61 1.10
N HIS A 71 6.75 18.52 2.21
CA HIS A 71 6.49 19.66 3.12
C HIS A 71 7.68 19.85 4.06
N HIS A 72 8.69 20.59 3.57
CA HIS A 72 9.87 21.01 4.37
C HIS A 72 9.45 22.14 5.31
N HIS A 73 8.80 23.17 4.72
CA HIS A 73 8.24 24.32 5.45
C HIS A 73 7.09 24.94 4.60
N MET A 1 -5.78 -6.63 13.20
CA MET A 1 -5.14 -7.79 12.57
C MET A 1 -3.64 -7.49 12.33
N LEU A 2 -2.76 -8.38 12.84
CA LEU A 2 -1.30 -8.18 12.75
C LEU A 2 -0.83 -8.59 11.34
N VAL A 3 -0.48 -7.58 10.54
CA VAL A 3 0.09 -7.75 9.20
C VAL A 3 1.56 -7.28 9.23
N THR A 4 2.25 -7.39 8.09
CA THR A 4 3.65 -6.93 7.95
C THR A 4 3.70 -5.78 6.92
N ILE A 5 3.97 -4.54 7.38
CA ILE A 5 4.01 -3.35 6.51
C ILE A 5 5.48 -2.91 6.31
N ASN A 6 5.96 -3.02 5.06
CA ASN A 6 7.31 -2.57 4.62
C ASN A 6 8.43 -3.40 5.29
N GLY A 7 8.10 -4.65 5.68
CA GLY A 7 9.04 -5.57 6.34
C GLY A 7 9.02 -5.44 7.87
N GLU A 8 8.10 -4.59 8.38
CA GLU A 8 7.93 -4.35 9.83
C GLU A 8 6.47 -4.67 10.20
N GLN A 9 6.27 -5.70 11.03
CA GLN A 9 4.94 -6.14 11.45
C GLN A 9 4.26 -5.10 12.35
N ARG A 10 3.02 -4.77 11.99
CA ARG A 10 2.19 -3.80 12.71
C ARG A 10 0.70 -4.19 12.55
N GLU A 11 -0.09 -4.01 13.62
CA GLU A 11 -1.52 -4.36 13.62
C GLU A 11 -2.32 -3.21 12.95
N VAL A 12 -3.30 -3.57 12.11
CA VAL A 12 -4.18 -2.60 11.45
C VAL A 12 -5.66 -2.92 11.77
N GLN A 13 -6.46 -1.85 11.90
CA GLN A 13 -7.90 -1.94 12.21
C GLN A 13 -8.69 -1.91 10.88
N SER A 14 -8.04 -1.36 9.84
CA SER A 14 -8.58 -1.31 8.49
C SER A 14 -8.43 -2.68 7.81
N ALA A 15 -9.57 -3.35 7.60
CA ALA A 15 -9.64 -4.66 6.93
C ALA A 15 -9.85 -4.50 5.41
N SER A 16 -9.40 -3.34 4.86
CA SER A 16 -9.40 -3.07 3.41
C SER A 16 -8.18 -2.20 3.06
N VAL A 17 -7.65 -2.38 1.83
CA VAL A 17 -6.42 -1.70 1.35
C VAL A 17 -6.64 -0.19 1.13
N ALA A 18 -7.83 0.22 0.65
CA ALA A 18 -8.18 1.65 0.48
C ALA A 18 -8.19 2.37 1.83
N ALA A 19 -8.97 1.80 2.76
CA ALA A 19 -9.11 2.31 4.14
C ALA A 19 -7.75 2.32 4.87
N LEU A 20 -6.89 1.35 4.52
CA LEU A 20 -5.53 1.22 5.06
C LEU A 20 -4.64 2.39 4.59
N MET A 21 -4.58 2.61 3.27
CA MET A 21 -3.72 3.65 2.68
C MET A 21 -4.24 5.05 3.02
N THR A 22 -5.53 5.17 3.32
CA THR A 22 -6.11 6.42 3.84
C THR A 22 -5.72 6.62 5.32
N GLU A 23 -5.65 5.51 6.07
CA GLU A 23 -5.28 5.51 7.50
C GLU A 23 -3.79 5.87 7.67
N LEU A 24 -2.96 5.47 6.69
CA LEU A 24 -1.49 5.70 6.69
C LEU A 24 -1.12 7.02 6.00
N ASP A 25 -2.14 7.79 5.55
CA ASP A 25 -1.96 9.09 4.84
C ASP A 25 -1.27 8.92 3.47
N CYS A 26 -1.34 7.69 2.95
CA CYS A 26 -0.70 7.29 1.69
C CYS A 26 -1.68 7.45 0.51
N THR A 27 -2.49 8.52 0.55
CA THR A 27 -3.51 8.78 -0.48
C THR A 27 -3.59 10.29 -0.81
N ASP A 28 -2.91 11.14 -0.02
CA ASP A 28 -2.97 12.61 -0.18
C ASP A 28 -2.38 13.07 -1.53
N GLY A 29 -1.31 12.38 -1.96
CA GLY A 29 -0.69 12.61 -3.27
C GLY A 29 -0.85 11.39 -4.15
N HIS A 30 0.27 10.92 -4.74
CA HIS A 30 0.33 9.77 -5.65
C HIS A 30 1.19 8.66 -5.02
N TYR A 31 0.53 7.63 -4.47
CA TYR A 31 1.18 6.47 -3.83
C TYR A 31 0.58 5.18 -4.37
N ALA A 32 1.35 4.09 -4.29
CA ALA A 32 0.91 2.74 -4.68
C ALA A 32 1.10 1.79 -3.49
N VAL A 33 0.60 0.57 -3.62
CA VAL A 33 0.72 -0.48 -2.60
C VAL A 33 1.11 -1.79 -3.28
N ALA A 34 2.01 -2.55 -2.64
CA ALA A 34 2.35 -3.91 -3.03
C ALA A 34 1.80 -4.87 -1.96
N LEU A 35 0.72 -5.58 -2.29
CA LEU A 35 0.16 -6.62 -1.44
C LEU A 35 0.77 -7.97 -1.87
N ASN A 36 1.53 -8.58 -0.94
CA ASN A 36 2.20 -9.88 -1.12
C ASN A 36 3.16 -9.87 -2.34
N TYR A 37 3.84 -8.73 -2.53
CA TYR A 37 4.86 -8.52 -3.59
C TYR A 37 4.22 -8.40 -5.00
N ASP A 38 2.98 -7.87 -5.06
CA ASP A 38 2.31 -7.48 -6.33
C ASP A 38 1.60 -6.14 -6.14
N VAL A 39 1.87 -5.17 -7.06
CA VAL A 39 1.32 -3.81 -6.98
C VAL A 39 -0.18 -3.82 -7.32
N VAL A 40 -0.98 -3.44 -6.33
CA VAL A 40 -2.43 -3.31 -6.44
C VAL A 40 -2.74 -1.90 -6.99
N PRO A 41 -3.43 -1.78 -8.17
CA PRO A 41 -3.91 -0.49 -8.69
C PRO A 41 -5.06 0.07 -7.81
N ARG A 42 -5.23 1.41 -7.86
CA ARG A 42 -6.18 2.14 -6.99
C ARG A 42 -7.64 1.69 -7.19
N GLY A 43 -7.96 1.29 -8.43
CA GLY A 43 -9.30 0.79 -8.81
C GLY A 43 -9.68 -0.54 -8.15
N LYS A 44 -8.74 -1.14 -7.40
CA LYS A 44 -8.96 -2.39 -6.64
C LYS A 44 -8.98 -2.13 -5.13
N TRP A 45 -8.30 -1.06 -4.65
CA TRP A 45 -8.03 -0.85 -3.19
C TRP A 45 -9.28 -1.03 -2.29
N ASP A 46 -10.42 -0.44 -2.70
CA ASP A 46 -11.70 -0.55 -1.96
C ASP A 46 -12.19 -2.00 -1.95
N GLU A 47 -12.17 -2.61 -3.14
CA GLU A 47 -12.65 -3.98 -3.39
C GLU A 47 -11.66 -5.05 -2.86
N THR A 48 -10.45 -4.62 -2.49
CA THR A 48 -9.38 -5.52 -2.00
C THR A 48 -9.32 -5.41 -0.46
N PRO A 49 -9.69 -6.50 0.30
CA PRO A 49 -9.56 -6.52 1.76
C PRO A 49 -8.11 -6.76 2.24
N VAL A 50 -7.92 -6.59 3.56
CA VAL A 50 -6.68 -6.91 4.28
C VAL A 50 -7.01 -7.98 5.33
N THR A 51 -6.21 -9.06 5.37
CA THR A 51 -6.30 -10.10 6.40
C THR A 51 -4.96 -10.18 7.14
N ALA A 52 -5.00 -10.69 8.39
CA ALA A 52 -3.81 -10.87 9.24
C ALA A 52 -2.74 -11.71 8.54
N GLY A 53 -1.47 -11.25 8.63
CA GLY A 53 -0.33 -11.98 8.08
C GLY A 53 0.14 -11.44 6.73
N ASP A 54 -0.70 -10.63 6.04
CA ASP A 54 -0.38 -10.10 4.69
C ASP A 54 0.89 -9.22 4.71
N GLU A 55 1.83 -9.54 3.81
CA GLU A 55 3.03 -8.73 3.59
C GLU A 55 2.65 -7.52 2.71
N ILE A 56 2.18 -6.46 3.37
CA ILE A 56 1.75 -5.21 2.74
C ILE A 56 2.96 -4.27 2.64
N GLU A 57 2.97 -3.42 1.62
CA GLU A 57 4.02 -2.44 1.38
C GLU A 57 3.42 -1.19 0.75
N ILE A 58 3.82 0.00 1.20
CA ILE A 58 3.39 1.27 0.59
C ILE A 58 4.52 1.83 -0.28
N LEU A 59 4.30 1.82 -1.58
CA LEU A 59 5.19 2.45 -2.57
C LEU A 59 4.94 3.96 -2.62
N THR A 60 6.02 4.73 -2.69
CA THR A 60 6.00 6.16 -2.96
C THR A 60 6.67 6.37 -4.34
N PRO A 61 5.86 6.28 -5.47
CA PRO A 61 6.41 6.36 -6.84
C PRO A 61 7.00 7.77 -7.12
N ARG A 62 8.34 7.83 -7.30
CA ARG A 62 9.07 9.10 -7.46
C ARG A 62 10.39 8.87 -8.25
N GLN A 63 10.63 7.60 -8.63
CA GLN A 63 11.88 7.15 -9.30
C GLN A 63 11.54 6.21 -10.48
N GLY A 64 10.24 6.10 -10.80
CA GLY A 64 9.76 5.28 -11.90
C GLY A 64 9.62 6.07 -13.19
N GLY A 65 9.71 5.36 -14.32
CA GLY A 65 9.52 5.96 -15.63
C GLY A 65 8.07 6.36 -15.86
N LEU A 66 7.83 7.65 -16.17
CA LEU A 66 6.48 8.19 -16.41
C LEU A 66 5.88 7.58 -17.70
N GLU A 67 6.63 7.71 -18.80
CA GLU A 67 6.29 7.08 -20.08
C GLU A 67 6.84 5.64 -20.12
N HIS A 68 8.07 5.48 -19.57
CA HIS A 68 8.75 4.18 -19.44
C HIS A 68 7.97 3.28 -18.47
N HIS A 69 7.05 2.48 -19.03
CA HIS A 69 6.26 1.49 -18.26
C HIS A 69 6.95 0.13 -18.31
N HIS A 70 6.59 -0.74 -17.35
CA HIS A 70 7.18 -2.08 -17.22
C HIS A 70 6.68 -2.97 -18.37
N HIS A 71 7.64 -3.56 -19.13
CA HIS A 71 7.33 -4.37 -20.33
C HIS A 71 6.56 -5.67 -19.98
N HIS A 72 6.64 -6.10 -18.71
CA HIS A 72 5.89 -7.26 -18.17
C HIS A 72 4.62 -6.76 -17.47
N HIS A 73 4.78 -6.08 -16.32
CA HIS A 73 3.65 -5.51 -15.54
C HIS A 73 4.18 -4.60 -14.41
N MET A 1 -6.42 -7.27 12.44
CA MET A 1 -5.40 -8.28 12.10
C MET A 1 -3.97 -7.70 12.19
N LEU A 2 -3.01 -8.51 12.67
CA LEU A 2 -1.59 -8.13 12.68
C LEU A 2 -1.02 -8.41 11.28
N VAL A 3 -0.65 -7.34 10.59
CA VAL A 3 -0.08 -7.35 9.22
C VAL A 3 1.41 -6.99 9.24
N THR A 4 2.05 -6.97 8.06
CA THR A 4 3.45 -6.59 7.90
C THR A 4 3.58 -5.51 6.81
N ILE A 5 3.74 -4.24 7.23
CA ILE A 5 3.87 -3.09 6.33
C ILE A 5 5.34 -2.65 6.27
N ASN A 6 5.93 -2.69 5.04
CA ASN A 6 7.35 -2.32 4.76
C ASN A 6 8.34 -3.22 5.51
N GLY A 7 7.95 -4.48 5.75
CA GLY A 7 8.80 -5.47 6.44
C GLY A 7 8.69 -5.40 7.96
N GLU A 8 7.90 -4.45 8.47
CA GLU A 8 7.70 -4.21 9.91
C GLU A 8 6.24 -4.56 10.27
N GLN A 9 6.05 -5.33 11.35
CA GLN A 9 4.73 -5.84 11.76
C GLN A 9 3.93 -4.76 12.51
N ARG A 10 2.73 -4.42 11.99
CA ARG A 10 1.77 -3.49 12.63
C ARG A 10 0.41 -4.18 12.69
N GLU A 11 -0.37 -3.92 13.74
CA GLU A 11 -1.75 -4.41 13.83
C GLU A 11 -2.71 -3.35 13.29
N VAL A 12 -3.43 -3.68 12.21
CA VAL A 12 -4.49 -2.82 11.62
C VAL A 12 -5.86 -3.50 11.80
N GLN A 13 -6.92 -2.77 11.41
CA GLN A 13 -8.31 -3.27 11.42
C GLN A 13 -9.11 -2.58 10.31
N SER A 14 -8.39 -1.98 9.34
CA SER A 14 -8.97 -1.18 8.25
C SER A 14 -9.87 -2.03 7.31
N ALA A 15 -9.52 -3.33 7.17
CA ALA A 15 -10.25 -4.34 6.34
C ALA A 15 -10.00 -4.15 4.83
N SER A 16 -10.08 -2.91 4.34
CA SER A 16 -9.81 -2.54 2.94
C SER A 16 -8.43 -1.88 2.83
N VAL A 17 -7.75 -2.11 1.69
CA VAL A 17 -6.45 -1.47 1.37
C VAL A 17 -6.63 0.05 1.12
N ALA A 18 -7.81 0.44 0.59
CA ALA A 18 -8.18 1.87 0.42
C ALA A 18 -8.27 2.54 1.79
N ALA A 19 -9.12 1.95 2.66
CA ALA A 19 -9.30 2.41 4.05
C ALA A 19 -7.98 2.44 4.82
N LEU A 20 -7.07 1.50 4.48
CA LEU A 20 -5.75 1.38 5.09
C LEU A 20 -4.86 2.58 4.75
N MET A 21 -4.63 2.79 3.45
CA MET A 21 -3.71 3.85 2.96
C MET A 21 -4.30 5.27 3.18
N THR A 22 -5.63 5.36 3.34
CA THR A 22 -6.32 6.61 3.73
C THR A 22 -6.01 6.95 5.21
N GLU A 23 -6.06 5.90 6.06
CA GLU A 23 -5.86 6.04 7.52
C GLU A 23 -4.38 6.28 7.86
N LEU A 24 -3.49 5.70 7.03
CA LEU A 24 -2.03 5.92 7.14
C LEU A 24 -1.61 7.26 6.51
N ASP A 25 -2.58 7.89 5.78
CA ASP A 25 -2.39 9.19 5.10
C ASP A 25 -1.30 9.09 3.99
N CYS A 26 -1.23 7.90 3.37
CA CYS A 26 -0.27 7.57 2.29
C CYS A 26 -1.01 7.52 0.93
N THR A 27 -1.99 8.42 0.72
CA THR A 27 -2.83 8.41 -0.49
C THR A 27 -2.91 9.82 -1.14
N ASP A 28 -1.89 10.66 -0.85
CA ASP A 28 -1.81 12.07 -1.30
C ASP A 28 -1.89 12.18 -2.84
N GLY A 29 -0.86 11.61 -3.51
CA GLY A 29 -0.74 11.66 -4.96
C GLY A 29 -0.23 10.34 -5.52
N HIS A 30 1.05 10.31 -5.93
CA HIS A 30 1.68 9.12 -6.53
C HIS A 30 2.20 8.18 -5.42
N TYR A 31 1.27 7.38 -4.87
CA TYR A 31 1.54 6.38 -3.83
C TYR A 31 0.78 5.09 -4.18
N ALA A 32 1.51 3.99 -4.29
CA ALA A 32 0.93 2.66 -4.60
C ALA A 32 1.18 1.71 -3.43
N VAL A 33 0.73 0.47 -3.56
CA VAL A 33 0.91 -0.58 -2.55
C VAL A 33 1.22 -1.91 -3.23
N ALA A 34 2.05 -2.74 -2.59
CA ALA A 34 2.30 -4.11 -3.02
C ALA A 34 1.82 -5.04 -1.90
N LEU A 35 0.62 -5.58 -2.07
CA LEU A 35 0.01 -6.52 -1.11
C LEU A 35 0.39 -7.94 -1.51
N ASN A 36 1.11 -8.66 -0.62
CA ASN A 36 1.66 -10.02 -0.90
C ASN A 36 2.57 -10.02 -2.16
N TYR A 37 3.27 -8.88 -2.36
CA TYR A 37 4.18 -8.62 -3.52
C TYR A 37 3.38 -8.47 -4.84
N ASP A 38 2.06 -8.26 -4.74
CA ASP A 38 1.18 -7.96 -5.87
C ASP A 38 0.74 -6.49 -5.75
N VAL A 39 1.14 -5.66 -6.71
CA VAL A 39 0.89 -4.22 -6.68
C VAL A 39 -0.57 -3.93 -7.08
N VAL A 40 -1.30 -3.30 -6.17
CA VAL A 40 -2.75 -3.07 -6.31
C VAL A 40 -3.00 -1.60 -6.75
N PRO A 41 -3.81 -1.36 -7.83
CA PRO A 41 -4.22 0.02 -8.25
C PRO A 41 -5.36 0.59 -7.36
N ARG A 42 -5.50 1.93 -7.36
CA ARG A 42 -6.52 2.65 -6.57
C ARG A 42 -7.94 2.10 -6.80
N GLY A 43 -8.27 1.84 -8.08
CA GLY A 43 -9.58 1.31 -8.48
C GLY A 43 -9.94 -0.02 -7.83
N LYS A 44 -8.92 -0.77 -7.36
CA LYS A 44 -9.11 -2.08 -6.72
C LYS A 44 -8.96 -2.01 -5.19
N TRP A 45 -8.24 -0.96 -4.66
CA TRP A 45 -7.92 -0.83 -3.21
C TRP A 45 -9.15 -1.10 -2.28
N ASP A 46 -10.31 -0.57 -2.69
CA ASP A 46 -11.60 -0.75 -1.97
C ASP A 46 -12.00 -2.24 -1.91
N GLU A 47 -11.95 -2.89 -3.07
CA GLU A 47 -12.37 -4.31 -3.23
C GLU A 47 -11.29 -5.28 -2.71
N THR A 48 -10.06 -4.77 -2.50
CA THR A 48 -8.91 -5.59 -2.10
C THR A 48 -8.84 -5.62 -0.56
N PRO A 49 -8.98 -6.83 0.08
CA PRO A 49 -8.97 -6.96 1.55
C PRO A 49 -7.53 -7.04 2.13
N VAL A 50 -7.41 -6.71 3.44
CA VAL A 50 -6.15 -6.80 4.20
C VAL A 50 -6.20 -8.06 5.08
N THR A 51 -5.10 -8.83 5.13
CA THR A 51 -5.08 -10.18 5.73
C THR A 51 -4.05 -10.26 6.88
N ALA A 52 -4.35 -11.10 7.89
CA ALA A 52 -3.42 -11.36 9.01
C ALA A 52 -2.13 -12.03 8.52
N GLY A 53 -1.00 -11.31 8.64
CA GLY A 53 0.33 -11.84 8.28
C GLY A 53 0.60 -11.78 6.79
N ASP A 54 0.05 -10.76 6.12
CA ASP A 54 0.33 -10.50 4.69
C ASP A 54 1.67 -9.75 4.51
N GLU A 55 2.08 -9.54 3.26
CA GLU A 55 3.32 -8.79 2.94
C GLU A 55 2.97 -7.46 2.21
N ILE A 56 2.62 -6.42 2.99
CA ILE A 56 2.31 -5.08 2.46
C ILE A 56 3.63 -4.28 2.29
N GLU A 57 3.72 -3.51 1.22
CA GLU A 57 4.85 -2.59 0.97
C GLU A 57 4.26 -1.31 0.34
N ILE A 58 4.32 -0.18 1.07
CA ILE A 58 3.81 1.10 0.57
C ILE A 58 4.84 1.67 -0.41
N LEU A 59 4.48 1.58 -1.69
CA LEU A 59 5.29 2.11 -2.79
C LEU A 59 5.11 3.62 -2.91
N THR A 60 6.22 4.32 -3.13
CA THR A 60 6.23 5.73 -3.53
C THR A 60 6.89 5.81 -4.92
N PRO A 61 6.10 5.59 -6.03
CA PRO A 61 6.65 5.60 -7.40
C PRO A 61 7.26 6.97 -7.78
N ARG A 62 8.58 6.97 -8.03
CA ARG A 62 9.33 8.13 -8.48
C ARG A 62 10.71 7.65 -8.97
N GLN A 63 11.64 7.40 -8.00
CA GLN A 63 13.00 6.85 -8.22
C GLN A 63 13.91 7.92 -8.89
N GLY A 64 13.69 8.12 -10.20
CA GLY A 64 14.41 9.14 -10.98
C GLY A 64 15.92 8.87 -11.10
N GLY A 65 16.66 9.92 -11.50
CA GLY A 65 18.12 9.88 -11.62
C GLY A 65 18.76 10.44 -10.37
N LEU A 66 18.78 9.60 -9.31
CA LEU A 66 19.21 9.97 -7.96
C LEU A 66 18.30 11.08 -7.38
N GLU A 67 17.13 10.66 -6.86
CA GLU A 67 16.13 11.53 -6.22
C GLU A 67 16.78 12.45 -5.15
N HIS A 68 16.43 13.74 -5.19
CA HIS A 68 17.08 14.77 -4.36
C HIS A 68 16.54 14.75 -2.93
N HIS A 69 17.19 13.98 -2.06
CA HIS A 69 16.97 13.97 -0.61
C HIS A 69 18.26 14.46 0.13
N HIS A 70 19.31 14.77 -0.67
CA HIS A 70 20.64 15.19 -0.19
C HIS A 70 21.34 14.05 0.59
N HIS A 71 22.26 13.35 -0.10
CA HIS A 71 23.04 12.24 0.48
C HIS A 71 23.93 12.75 1.63
N HIS A 72 23.81 12.08 2.78
CA HIS A 72 24.58 12.37 4.00
C HIS A 72 25.99 11.74 3.86
N HIS A 73 26.85 12.46 3.14
CA HIS A 73 28.21 12.00 2.80
C HIS A 73 29.11 13.24 2.56
N MET A 1 -5.82 -6.72 12.94
CA MET A 1 -5.02 -7.69 12.20
C MET A 1 -3.55 -7.23 12.13
N LEU A 2 -2.63 -8.12 12.56
CA LEU A 2 -1.19 -7.88 12.53
C LEU A 2 -0.68 -8.14 11.11
N VAL A 3 -0.52 -7.07 10.32
CA VAL A 3 -0.10 -7.15 8.91
C VAL A 3 1.31 -6.56 8.75
N THR A 4 2.12 -7.12 7.83
CA THR A 4 3.52 -6.71 7.66
C THR A 4 3.58 -5.47 6.74
N ILE A 5 3.73 -4.28 7.35
CA ILE A 5 3.75 -3.00 6.62
C ILE A 5 5.22 -2.59 6.38
N ASN A 6 5.65 -2.69 5.10
CA ASN A 6 7.01 -2.31 4.65
C ASN A 6 8.09 -3.17 5.36
N GLY A 7 7.77 -4.45 5.60
CA GLY A 7 8.67 -5.38 6.26
C GLY A 7 8.60 -5.34 7.79
N GLU A 8 7.79 -4.41 8.32
CA GLU A 8 7.61 -4.21 9.78
C GLU A 8 6.14 -4.48 10.13
N GLN A 9 5.89 -5.57 10.87
CA GLN A 9 4.53 -5.99 11.25
C GLN A 9 3.90 -4.97 12.22
N ARG A 10 2.78 -4.37 11.78
CA ARG A 10 1.96 -3.42 12.54
C ARG A 10 0.53 -3.97 12.65
N GLU A 11 -0.07 -3.80 13.83
CA GLU A 11 -1.47 -4.16 14.06
C GLU A 11 -2.34 -3.00 13.54
N VAL A 12 -3.30 -3.30 12.63
CA VAL A 12 -4.22 -2.31 12.04
C VAL A 12 -5.67 -2.81 12.11
N GLN A 13 -6.63 -1.87 12.10
CA GLN A 13 -8.07 -2.18 12.19
C GLN A 13 -8.69 -2.35 10.79
N SER A 14 -8.07 -1.70 9.79
CA SER A 14 -8.58 -1.66 8.41
C SER A 14 -8.43 -3.03 7.71
N ALA A 15 -9.59 -3.64 7.38
CA ALA A 15 -9.69 -4.90 6.59
C ALA A 15 -9.90 -4.59 5.09
N SER A 16 -9.72 -3.32 4.70
CA SER A 16 -9.75 -2.86 3.29
C SER A 16 -8.46 -2.06 3.03
N VAL A 17 -7.85 -2.27 1.85
CA VAL A 17 -6.61 -1.59 1.44
C VAL A 17 -6.87 -0.08 1.22
N ALA A 18 -8.08 0.28 0.71
CA ALA A 18 -8.51 1.68 0.55
C ALA A 18 -8.48 2.40 1.89
N ALA A 19 -9.22 1.84 2.86
CA ALA A 19 -9.32 2.38 4.23
C ALA A 19 -7.96 2.36 4.94
N LEU A 20 -7.14 1.32 4.62
CA LEU A 20 -5.83 1.13 5.24
C LEU A 20 -4.90 2.28 4.87
N MET A 21 -4.74 2.51 3.55
CA MET A 21 -3.85 3.57 3.05
C MET A 21 -4.42 4.97 3.36
N THR A 22 -5.75 5.09 3.51
CA THR A 22 -6.39 6.34 3.99
C THR A 22 -6.00 6.63 5.45
N GLU A 23 -5.97 5.56 6.27
CA GLU A 23 -5.61 5.61 7.69
C GLU A 23 -4.11 5.95 7.87
N LEU A 24 -3.28 5.37 6.97
CA LEU A 24 -1.80 5.48 7.03
C LEU A 24 -1.28 6.75 6.29
N ASP A 25 -2.23 7.62 5.83
CA ASP A 25 -1.92 8.89 5.12
C ASP A 25 -1.07 8.63 3.85
N CYS A 26 -1.49 7.61 3.11
CA CYS A 26 -0.90 7.15 1.85
C CYS A 26 -1.95 7.15 0.72
N THR A 27 -3.06 7.88 0.91
CA THR A 27 -4.14 7.99 -0.10
C THR A 27 -4.01 9.32 -0.89
N ASP A 28 -2.77 9.83 -0.94
CA ASP A 28 -2.41 11.09 -1.64
C ASP A 28 -2.66 10.98 -3.15
N GLY A 29 -2.62 9.74 -3.67
CA GLY A 29 -2.89 9.46 -5.09
C GLY A 29 -1.68 8.89 -5.80
N HIS A 30 -0.51 9.49 -5.53
CA HIS A 30 0.76 9.11 -6.21
C HIS A 30 1.45 7.94 -5.48
N TYR A 31 0.79 7.44 -4.41
CA TYR A 31 1.23 6.24 -3.67
C TYR A 31 0.61 4.99 -4.30
N ALA A 32 1.28 3.86 -4.08
CA ALA A 32 0.80 2.53 -4.46
C ALA A 32 1.02 1.59 -3.27
N VAL A 33 0.47 0.39 -3.40
CA VAL A 33 0.63 -0.68 -2.41
C VAL A 33 1.05 -1.96 -3.14
N ALA A 34 1.78 -2.82 -2.44
CA ALA A 34 2.17 -4.13 -2.92
C ALA A 34 1.71 -5.17 -1.91
N LEU A 35 0.58 -5.82 -2.20
CA LEU A 35 0.02 -6.86 -1.34
C LEU A 35 0.64 -8.19 -1.78
N ASN A 36 1.51 -8.74 -0.92
CA ASN A 36 2.34 -9.94 -1.21
C ASN A 36 3.13 -9.74 -2.52
N TYR A 37 3.78 -8.56 -2.62
CA TYR A 37 4.64 -8.14 -3.77
C TYR A 37 3.82 -7.77 -5.04
N ASP A 38 2.51 -8.05 -5.05
CA ASP A 38 1.61 -7.71 -6.18
C ASP A 38 1.14 -6.27 -6.02
N VAL A 39 1.51 -5.39 -6.96
CA VAL A 39 1.15 -3.97 -6.94
C VAL A 39 -0.34 -3.78 -7.27
N VAL A 40 -1.09 -3.26 -6.31
CA VAL A 40 -2.52 -2.98 -6.46
C VAL A 40 -2.70 -1.46 -6.70
N PRO A 41 -3.29 -1.04 -7.86
CA PRO A 41 -3.63 0.39 -8.15
C PRO A 41 -4.89 0.86 -7.36
N ARG A 42 -5.07 2.21 -7.33
CA ARG A 42 -6.11 2.90 -6.51
C ARG A 42 -7.53 2.35 -6.75
N GLY A 43 -7.85 2.08 -8.02
CA GLY A 43 -9.17 1.60 -8.44
C GLY A 43 -9.57 0.26 -7.82
N LYS A 44 -8.58 -0.53 -7.36
CA LYS A 44 -8.82 -1.85 -6.75
C LYS A 44 -8.56 -1.86 -5.24
N TRP A 45 -8.00 -0.75 -4.67
CA TRP A 45 -7.75 -0.65 -3.19
C TRP A 45 -9.03 -0.98 -2.40
N ASP A 46 -10.16 -0.47 -2.92
CA ASP A 46 -11.52 -0.68 -2.38
C ASP A 46 -11.93 -2.16 -2.46
N GLU A 47 -11.59 -2.78 -3.59
CA GLU A 47 -11.96 -4.18 -3.92
C GLU A 47 -10.98 -5.21 -3.30
N THR A 48 -9.85 -4.73 -2.79
CA THR A 48 -8.79 -5.57 -2.22
C THR A 48 -8.88 -5.53 -0.69
N PRO A 49 -9.25 -6.68 -0.02
CA PRO A 49 -9.27 -6.76 1.45
C PRO A 49 -7.85 -6.91 2.06
N VAL A 50 -7.79 -6.86 3.40
CA VAL A 50 -6.56 -7.00 4.20
C VAL A 50 -6.77 -8.15 5.22
N THR A 51 -5.71 -8.94 5.49
CA THR A 51 -5.71 -9.99 6.52
C THR A 51 -4.35 -10.04 7.23
N ALA A 52 -4.36 -10.44 8.52
CA ALA A 52 -3.14 -10.57 9.35
C ALA A 52 -2.12 -11.53 8.69
N GLY A 53 -0.87 -11.04 8.52
CA GLY A 53 0.22 -11.84 7.95
C GLY A 53 0.70 -11.36 6.58
N ASP A 54 -0.15 -10.61 5.84
CA ASP A 54 0.17 -10.21 4.44
C ASP A 54 1.31 -9.19 4.38
N GLU A 55 2.15 -9.36 3.34
CA GLU A 55 3.31 -8.50 3.05
C GLU A 55 2.82 -7.24 2.31
N ILE A 56 2.31 -6.28 3.08
CA ILE A 56 1.77 -5.02 2.56
C ILE A 56 2.91 -3.98 2.52
N GLU A 57 3.51 -3.84 1.35
CA GLU A 57 4.60 -2.90 1.09
C GLU A 57 4.02 -1.66 0.41
N ILE A 58 3.92 -0.56 1.15
CA ILE A 58 3.41 0.71 0.61
C ILE A 58 4.51 1.33 -0.25
N LEU A 59 4.32 1.24 -1.56
CA LEU A 59 5.24 1.77 -2.55
C LEU A 59 5.04 3.28 -2.75
N THR A 60 6.15 3.99 -2.96
CA THR A 60 6.17 5.31 -3.56
C THR A 60 6.84 5.16 -4.94
N PRO A 61 6.02 4.94 -6.03
CA PRO A 61 6.52 4.78 -7.41
C PRO A 61 7.47 5.93 -7.83
N ARG A 62 8.67 5.57 -8.32
CA ARG A 62 9.73 6.53 -8.69
C ARG A 62 9.22 7.50 -9.78
N GLN A 63 8.61 6.93 -10.82
CA GLN A 63 7.82 7.67 -11.80
C GLN A 63 6.35 7.66 -11.34
N GLY A 64 6.00 8.64 -10.50
CA GLY A 64 4.64 8.77 -9.96
C GLY A 64 3.97 10.08 -10.39
N GLY A 65 4.70 10.90 -11.18
CA GLY A 65 4.21 12.20 -11.64
C GLY A 65 4.27 12.28 -13.16
N LEU A 66 3.10 12.42 -13.80
CA LEU A 66 2.94 12.34 -15.27
C LEU A 66 3.53 13.59 -15.95
N GLU A 67 4.83 13.50 -16.30
CA GLU A 67 5.62 14.64 -16.84
C GLU A 67 5.04 15.20 -18.15
N HIS A 68 4.82 14.32 -19.16
CA HIS A 68 4.20 14.73 -20.45
C HIS A 68 2.73 15.19 -20.24
N HIS A 69 2.56 16.51 -20.20
CA HIS A 69 1.29 17.19 -19.90
C HIS A 69 1.24 18.52 -20.67
N HIS A 70 0.59 18.49 -21.84
CA HIS A 70 0.47 19.64 -22.77
C HIS A 70 -0.45 19.30 -23.96
N HIS A 71 -1.45 18.41 -23.73
CA HIS A 71 -2.37 17.95 -24.80
C HIS A 71 -3.85 18.24 -24.43
N HIS A 72 -4.07 19.37 -23.73
CA HIS A 72 -5.42 19.87 -23.33
C HIS A 72 -6.10 18.93 -22.29
N HIS A 73 -5.29 18.38 -21.35
CA HIS A 73 -5.79 17.46 -20.32
C HIS A 73 -4.90 17.57 -19.04
N MET A 1 -6.35 -7.04 12.17
CA MET A 1 -5.38 -8.08 11.76
C MET A 1 -3.96 -7.54 11.79
N LEU A 2 -3.01 -8.35 12.30
CA LEU A 2 -1.58 -7.98 12.32
C LEU A 2 -0.97 -8.30 10.95
N VAL A 3 -0.40 -7.28 10.29
CA VAL A 3 0.17 -7.38 8.94
C VAL A 3 1.51 -6.60 8.85
N THR A 4 2.45 -7.12 8.06
CA THR A 4 3.75 -6.48 7.83
C THR A 4 3.60 -5.33 6.81
N ILE A 5 3.57 -4.09 7.30
CA ILE A 5 3.40 -2.90 6.46
C ILE A 5 4.76 -2.21 6.23
N ASN A 6 5.30 -2.38 5.00
CA ASN A 6 6.52 -1.71 4.52
C ASN A 6 7.73 -2.05 5.41
N GLY A 7 7.80 -3.36 5.77
CA GLY A 7 8.90 -3.90 6.58
C GLY A 7 8.60 -3.95 8.07
N GLU A 8 7.60 -3.18 8.52
CA GLU A 8 7.23 -3.07 9.95
C GLU A 8 5.89 -3.78 10.20
N GLN A 9 5.90 -4.85 11.02
CA GLN A 9 4.67 -5.55 11.44
C GLN A 9 3.88 -4.67 12.42
N ARG A 10 2.57 -4.53 12.17
CA ARG A 10 1.66 -3.75 13.02
C ARG A 10 0.24 -4.29 12.91
N GLU A 11 -0.51 -4.30 14.03
CA GLU A 11 -1.91 -4.72 14.05
C GLU A 11 -2.81 -3.55 13.63
N VAL A 12 -3.67 -3.78 12.63
CA VAL A 12 -4.54 -2.76 12.04
C VAL A 12 -6.03 -3.16 12.20
N GLN A 13 -6.89 -2.15 12.00
CA GLN A 13 -8.36 -2.33 11.91
C GLN A 13 -8.80 -2.24 10.43
N SER A 14 -7.82 -2.01 9.54
CA SER A 14 -8.02 -1.93 8.09
C SER A 14 -8.41 -3.31 7.51
N ALA A 15 -9.73 -3.50 7.29
CA ALA A 15 -10.26 -4.70 6.63
C ALA A 15 -10.09 -4.61 5.10
N SER A 16 -9.80 -3.39 4.59
CA SER A 16 -9.54 -3.12 3.16
C SER A 16 -8.21 -2.38 3.01
N VAL A 17 -7.60 -2.54 1.82
CA VAL A 17 -6.31 -1.93 1.48
C VAL A 17 -6.42 -0.39 1.43
N ALA A 18 -7.56 0.11 0.89
CA ALA A 18 -7.84 1.56 0.84
C ALA A 18 -7.92 2.14 2.25
N ALA A 19 -8.56 1.39 3.16
CA ALA A 19 -8.68 1.75 4.59
C ALA A 19 -7.30 1.96 5.24
N LEU A 20 -6.34 1.09 4.89
CA LEU A 20 -4.95 1.17 5.37
C LEU A 20 -4.26 2.43 4.85
N MET A 21 -4.42 2.70 3.55
CA MET A 21 -3.82 3.87 2.87
C MET A 21 -4.46 5.19 3.38
N THR A 22 -5.70 5.12 3.88
CA THR A 22 -6.40 6.27 4.49
C THR A 22 -5.83 6.57 5.89
N GLU A 23 -5.66 5.49 6.70
CA GLU A 23 -5.12 5.58 8.08
C GLU A 23 -3.73 6.23 8.09
N LEU A 24 -2.88 5.75 7.17
CA LEU A 24 -1.47 6.15 7.07
C LEU A 24 -1.29 7.43 6.24
N ASP A 25 -2.42 8.01 5.77
CA ASP A 25 -2.46 9.25 4.93
C ASP A 25 -1.72 9.01 3.59
N CYS A 26 -1.57 7.73 3.23
CA CYS A 26 -0.75 7.27 2.11
C CYS A 26 -1.58 7.12 0.82
N THR A 27 -2.83 7.61 0.84
CA THR A 27 -3.73 7.58 -0.31
C THR A 27 -3.74 8.94 -1.03
N ASP A 28 -3.46 10.00 -0.26
CA ASP A 28 -3.54 11.40 -0.72
C ASP A 28 -2.56 11.69 -1.88
N GLY A 29 -1.26 11.54 -1.62
CA GLY A 29 -0.21 11.83 -2.61
C GLY A 29 -0.05 10.72 -3.64
N HIS A 30 1.06 10.79 -4.42
CA HIS A 30 1.32 9.83 -5.53
C HIS A 30 2.03 8.57 -5.00
N TYR A 31 1.33 7.83 -4.14
CA TYR A 31 1.83 6.59 -3.53
C TYR A 31 1.14 5.37 -4.16
N ALA A 32 1.67 4.20 -3.82
CA ALA A 32 1.17 2.90 -4.27
C ALA A 32 1.34 1.87 -3.16
N VAL A 33 0.80 0.67 -3.37
CA VAL A 33 0.87 -0.43 -2.40
C VAL A 33 1.12 -1.75 -3.12
N ALA A 34 1.96 -2.60 -2.52
CA ALA A 34 2.30 -3.92 -3.04
C ALA A 34 1.84 -4.98 -2.04
N LEU A 35 0.70 -5.60 -2.34
CA LEU A 35 0.11 -6.66 -1.52
C LEU A 35 0.60 -8.02 -2.06
N ASN A 36 1.40 -8.72 -1.24
CA ASN A 36 1.99 -10.04 -1.59
C ASN A 36 2.97 -9.90 -2.79
N TYR A 37 3.71 -8.74 -2.79
CA TYR A 37 4.65 -8.29 -3.87
C TYR A 37 3.92 -7.66 -5.07
N ASP A 38 2.61 -7.88 -5.20
CA ASP A 38 1.83 -7.49 -6.38
C ASP A 38 1.15 -6.15 -6.12
N VAL A 39 1.46 -5.12 -6.93
CA VAL A 39 0.89 -3.77 -6.79
C VAL A 39 -0.63 -3.78 -7.10
N VAL A 40 -1.40 -3.26 -6.15
CA VAL A 40 -2.87 -3.16 -6.25
C VAL A 40 -3.22 -1.75 -6.77
N PRO A 41 -3.89 -1.59 -7.95
CA PRO A 41 -4.36 -0.26 -8.44
C PRO A 41 -5.35 0.41 -7.46
N ARG A 42 -5.46 1.76 -7.52
CA ARG A 42 -6.32 2.55 -6.61
C ARG A 42 -7.81 2.15 -6.74
N GLY A 43 -8.23 1.90 -7.99
CA GLY A 43 -9.58 1.40 -8.28
C GLY A 43 -9.86 0.03 -7.66
N LYS A 44 -8.78 -0.70 -7.31
CA LYS A 44 -8.85 -2.02 -6.65
C LYS A 44 -8.60 -1.89 -5.12
N TRP A 45 -7.95 -0.78 -4.64
CA TRP A 45 -7.62 -0.60 -3.18
C TRP A 45 -8.85 -0.87 -2.29
N ASP A 46 -9.98 -0.27 -2.69
CA ASP A 46 -11.28 -0.40 -2.02
C ASP A 46 -11.82 -1.85 -2.15
N GLU A 47 -11.73 -2.38 -3.37
CA GLU A 47 -12.25 -3.70 -3.74
C GLU A 47 -11.43 -4.87 -3.15
N THR A 48 -10.21 -4.57 -2.67
CA THR A 48 -9.27 -5.58 -2.16
C THR A 48 -9.24 -5.55 -0.60
N PRO A 49 -9.40 -6.73 0.08
CA PRO A 49 -9.33 -6.81 1.55
C PRO A 49 -7.87 -6.96 2.07
N VAL A 50 -7.74 -6.93 3.41
CA VAL A 50 -6.49 -7.20 4.14
C VAL A 50 -6.69 -8.44 5.03
N THR A 51 -5.80 -9.42 4.89
CA THR A 51 -5.82 -10.69 5.64
C THR A 51 -4.67 -10.70 6.66
N ALA A 52 -4.89 -11.31 7.84
CA ALA A 52 -3.86 -11.44 8.88
C ALA A 52 -2.62 -12.20 8.37
N GLY A 53 -1.46 -11.52 8.37
CA GLY A 53 -0.20 -12.12 7.91
C GLY A 53 0.30 -11.56 6.57
N ASP A 54 -0.47 -10.64 5.95
CA ASP A 54 -0.11 -10.06 4.64
C ASP A 54 1.11 -9.12 4.73
N GLU A 55 2.07 -9.35 3.81
CA GLU A 55 3.20 -8.45 3.58
C GLU A 55 2.73 -7.34 2.62
N ILE A 56 2.26 -6.24 3.21
CA ILE A 56 1.76 -5.07 2.50
C ILE A 56 2.86 -3.99 2.47
N GLU A 57 3.63 -3.91 1.39
CA GLU A 57 4.73 -2.93 1.27
C GLU A 57 4.27 -1.73 0.49
N ILE A 58 4.32 -0.54 1.11
CA ILE A 58 3.97 0.71 0.43
C ILE A 58 5.13 1.10 -0.48
N LEU A 59 4.83 1.24 -1.78
CA LEU A 59 5.81 1.67 -2.79
C LEU A 59 5.42 3.04 -3.32
N THR A 60 6.42 3.88 -3.60
CA THR A 60 6.22 5.16 -4.27
C THR A 60 6.97 5.08 -5.62
N PRO A 61 6.28 4.57 -6.69
CA PRO A 61 6.96 4.15 -7.95
C PRO A 61 7.47 5.35 -8.77
N ARG A 62 8.35 5.08 -9.77
CA ARG A 62 9.03 6.11 -10.58
C ARG A 62 8.04 6.97 -11.38
N GLN A 63 7.55 8.01 -10.71
CA GLN A 63 6.45 8.90 -11.15
C GLN A 63 6.15 9.82 -9.97
N GLY A 64 5.77 9.22 -8.84
CA GLY A 64 5.63 9.92 -7.57
C GLY A 64 6.89 9.80 -6.72
N GLY A 65 7.78 8.85 -7.10
CA GLY A 65 9.02 8.57 -6.35
C GLY A 65 10.17 9.49 -6.76
N LEU A 66 9.83 10.59 -7.45
CA LEU A 66 10.77 11.64 -7.82
C LEU A 66 10.78 12.69 -6.71
N GLU A 67 11.80 12.62 -5.84
CA GLU A 67 11.99 13.57 -4.71
C GLU A 67 12.24 15.02 -5.22
N HIS A 68 11.14 15.69 -5.57
CA HIS A 68 11.10 17.08 -6.02
C HIS A 68 9.74 17.64 -5.59
N HIS A 69 9.68 18.93 -5.23
CA HIS A 69 8.49 19.53 -4.56
C HIS A 69 7.21 19.48 -5.45
N HIS A 70 6.48 18.36 -5.32
CA HIS A 70 5.13 18.16 -5.88
C HIS A 70 4.09 18.64 -4.85
N HIS A 71 4.49 18.63 -3.56
CA HIS A 71 3.61 18.97 -2.41
C HIS A 71 4.36 19.82 -1.36
N HIS A 72 3.61 20.73 -0.72
CA HIS A 72 4.10 21.61 0.38
C HIS A 72 2.94 22.51 0.86
N HIS A 73 2.23 23.10 -0.13
CA HIS A 73 1.16 24.10 0.09
C HIS A 73 1.78 25.38 0.69
N MET A 1 -5.51 -6.58 13.42
CA MET A 1 -5.06 -7.29 12.21
C MET A 1 -3.55 -7.06 12.04
N LEU A 2 -2.75 -8.05 12.48
CA LEU A 2 -1.29 -8.01 12.41
C LEU A 2 -0.82 -8.36 10.99
N VAL A 3 -0.40 -7.35 10.24
CA VAL A 3 0.15 -7.49 8.87
C VAL A 3 1.54 -6.82 8.82
N THR A 4 2.49 -7.47 8.12
CA THR A 4 3.83 -6.94 7.93
C THR A 4 3.79 -5.84 6.84
N ILE A 5 3.77 -4.56 7.28
CA ILE A 5 3.77 -3.40 6.38
C ILE A 5 5.20 -2.86 6.22
N ASN A 6 5.73 -2.98 4.98
CA ASN A 6 7.05 -2.45 4.56
C ASN A 6 8.19 -3.07 5.39
N GLY A 7 8.02 -4.35 5.74
CA GLY A 7 9.02 -5.11 6.50
C GLY A 7 8.85 -5.01 8.01
N GLU A 8 7.89 -4.21 8.48
CA GLU A 8 7.59 -4.05 9.91
C GLU A 8 6.25 -4.71 10.27
N GLN A 9 6.24 -5.54 11.34
CA GLN A 9 5.01 -6.16 11.88
C GLN A 9 4.15 -5.07 12.53
N ARG A 10 3.08 -4.66 11.81
CA ARG A 10 2.21 -3.54 12.21
C ARG A 10 0.76 -4.03 12.34
N GLU A 11 0.17 -3.83 13.53
CA GLU A 11 -1.21 -4.22 13.82
C GLU A 11 -2.13 -3.05 13.45
N VAL A 12 -2.82 -3.20 12.32
CA VAL A 12 -3.81 -2.21 11.82
C VAL A 12 -5.23 -2.76 12.02
N GLN A 13 -6.22 -1.86 12.00
CA GLN A 13 -7.64 -2.21 12.20
C GLN A 13 -8.42 -2.15 10.86
N SER A 14 -7.70 -1.77 9.78
CA SER A 14 -8.26 -1.64 8.43
C SER A 14 -8.44 -3.02 7.78
N ALA A 15 -9.70 -3.37 7.48
CA ALA A 15 -10.07 -4.60 6.74
C ALA A 15 -10.15 -4.35 5.22
N SER A 16 -9.85 -3.10 4.81
CA SER A 16 -9.81 -2.69 3.39
C SER A 16 -8.45 -2.05 3.08
N VAL A 17 -7.93 -2.31 1.87
CA VAL A 17 -6.65 -1.73 1.41
C VAL A 17 -6.82 -0.22 1.11
N ALA A 18 -8.05 0.19 0.74
CA ALA A 18 -8.40 1.62 0.59
C ALA A 18 -8.27 2.33 1.93
N ALA A 19 -8.96 1.80 2.96
CA ALA A 19 -8.94 2.35 4.32
C ALA A 19 -7.57 2.17 4.99
N LEU A 20 -6.78 1.17 4.52
CA LEU A 20 -5.39 0.97 4.93
C LEU A 20 -4.57 2.20 4.53
N MET A 21 -4.57 2.49 3.23
CA MET A 21 -3.84 3.62 2.64
C MET A 21 -4.38 4.97 3.17
N THR A 22 -5.69 5.03 3.46
CA THR A 22 -6.35 6.25 4.00
C THR A 22 -5.83 6.53 5.42
N GLU A 23 -5.76 5.46 6.23
CA GLU A 23 -5.35 5.53 7.64
C GLU A 23 -3.85 5.86 7.76
N LEU A 24 -3.07 5.41 6.76
CA LEU A 24 -1.62 5.66 6.67
C LEU A 24 -1.32 6.94 5.85
N ASP A 25 -2.41 7.60 5.34
CA ASP A 25 -2.37 8.93 4.69
C ASP A 25 -1.56 8.93 3.37
N CYS A 26 -1.69 7.84 2.60
CA CYS A 26 -1.05 7.64 1.29
C CYS A 26 -2.11 7.47 0.18
N THR A 27 -3.30 8.06 0.38
CA THR A 27 -4.39 8.07 -0.62
C THR A 27 -4.38 9.39 -1.43
N ASP A 28 -3.23 10.09 -1.43
CA ASP A 28 -3.05 11.35 -2.17
C ASP A 28 -3.25 11.14 -3.68
N GLY A 29 -2.79 9.97 -4.18
CA GLY A 29 -2.96 9.58 -5.59
C GLY A 29 -1.72 8.95 -6.17
N HIS A 30 -0.59 9.69 -6.07
CA HIS A 30 0.71 9.26 -6.64
C HIS A 30 1.43 8.21 -5.75
N TYR A 31 0.71 7.62 -4.78
CA TYR A 31 1.21 6.52 -3.94
C TYR A 31 0.54 5.21 -4.34
N ALA A 32 1.26 4.12 -4.14
CA ALA A 32 0.81 2.77 -4.47
C ALA A 32 0.98 1.89 -3.23
N VAL A 33 0.38 0.72 -3.30
CA VAL A 33 0.44 -0.29 -2.25
C VAL A 33 0.74 -1.64 -2.93
N ALA A 34 1.46 -2.52 -2.23
CA ALA A 34 1.84 -3.83 -2.77
C ALA A 34 1.44 -4.93 -1.78
N LEU A 35 0.43 -5.71 -2.16
CA LEU A 35 -0.04 -6.85 -1.37
C LEU A 35 0.78 -8.07 -1.81
N ASN A 36 1.67 -8.52 -0.90
CA ASN A 36 2.56 -9.68 -1.11
C ASN A 36 3.49 -9.44 -2.32
N TYR A 37 4.17 -8.26 -2.30
CA TYR A 37 5.19 -7.85 -3.30
C TYR A 37 4.60 -7.48 -4.69
N ASP A 38 3.26 -7.44 -4.80
CA ASP A 38 2.57 -7.11 -6.08
C ASP A 38 1.62 -5.93 -5.87
N VAL A 39 1.77 -4.91 -6.74
CA VAL A 39 1.03 -3.66 -6.65
C VAL A 39 -0.49 -3.87 -6.87
N VAL A 40 -1.28 -3.24 -6.01
CA VAL A 40 -2.75 -3.18 -6.15
C VAL A 40 -3.09 -1.85 -6.86
N PRO A 41 -3.80 -1.88 -8.03
CA PRO A 41 -4.27 -0.62 -8.71
C PRO A 41 -5.22 0.21 -7.80
N ARG A 42 -5.25 1.54 -8.04
CA ARG A 42 -5.93 2.54 -7.18
C ARG A 42 -7.42 2.20 -6.94
N GLY A 43 -8.17 1.99 -8.03
CA GLY A 43 -9.60 1.69 -7.95
C GLY A 43 -9.90 0.30 -7.36
N LYS A 44 -8.85 -0.51 -7.18
CA LYS A 44 -8.95 -1.89 -6.69
C LYS A 44 -8.68 -1.92 -5.16
N TRP A 45 -8.10 -0.82 -4.60
CA TRP A 45 -7.80 -0.70 -3.14
C TRP A 45 -9.05 -0.99 -2.30
N ASP A 46 -10.18 -0.41 -2.73
CA ASP A 46 -11.50 -0.59 -2.07
C ASP A 46 -12.01 -2.03 -2.26
N GLU A 47 -11.77 -2.59 -3.46
CA GLU A 47 -12.18 -3.95 -3.83
C GLU A 47 -11.32 -5.04 -3.17
N THR A 48 -10.10 -4.65 -2.75
CA THR A 48 -9.14 -5.59 -2.13
C THR A 48 -9.19 -5.39 -0.61
N PRO A 49 -9.58 -6.41 0.19
CA PRO A 49 -9.48 -6.35 1.67
C PRO A 49 -8.03 -6.56 2.17
N VAL A 50 -7.79 -6.23 3.45
CA VAL A 50 -6.56 -6.59 4.17
C VAL A 50 -6.87 -7.84 5.02
N THR A 51 -5.94 -8.79 5.11
CA THR A 51 -6.06 -9.99 5.96
C THR A 51 -4.76 -10.20 6.73
N ALA A 52 -4.87 -10.59 8.01
CA ALA A 52 -3.73 -10.80 8.91
C ALA A 52 -2.87 -11.98 8.44
N GLY A 53 -1.55 -11.86 8.63
CA GLY A 53 -0.60 -12.87 8.20
C GLY A 53 -0.02 -12.60 6.82
N ASP A 54 -0.61 -11.61 6.09
CA ASP A 54 -0.07 -11.18 4.79
C ASP A 54 0.99 -10.08 4.97
N GLU A 55 1.78 -9.87 3.91
CA GLU A 55 2.93 -8.97 3.92
C GLU A 55 2.74 -7.89 2.83
N ILE A 56 2.28 -6.72 3.28
CA ILE A 56 1.96 -5.55 2.42
C ILE A 56 3.10 -4.51 2.53
N GLU A 57 3.31 -3.68 1.50
CA GLU A 57 4.31 -2.58 1.56
C GLU A 57 3.81 -1.39 0.74
N ILE A 58 4.00 -0.16 1.25
CA ILE A 58 3.61 1.06 0.52
C ILE A 58 4.73 1.45 -0.44
N LEU A 59 4.38 1.51 -1.73
CA LEU A 59 5.28 1.94 -2.79
C LEU A 59 5.12 3.44 -3.01
N THR A 60 6.24 4.18 -2.94
CA THR A 60 6.31 5.60 -3.25
C THR A 60 7.07 5.74 -4.59
N PRO A 61 6.34 5.66 -5.76
CA PRO A 61 6.97 5.55 -7.10
C PRO A 61 7.84 6.78 -7.45
N ARG A 62 9.15 6.53 -7.71
CA ARG A 62 10.18 7.55 -8.06
C ARG A 62 10.60 8.41 -6.84
N GLN A 63 9.96 8.18 -5.69
CA GLN A 63 10.15 8.98 -4.46
C GLN A 63 11.08 8.26 -3.47
N GLY A 64 11.68 9.03 -2.56
CA GLY A 64 12.68 8.51 -1.63
C GLY A 64 14.05 8.50 -2.28
N GLY A 65 14.30 7.46 -3.13
CA GLY A 65 15.57 7.30 -3.83
C GLY A 65 16.56 6.48 -3.01
N LEU A 66 17.04 5.35 -3.58
CA LEU A 66 17.96 4.42 -2.90
C LEU A 66 19.23 5.13 -2.42
N GLU A 67 20.12 5.48 -3.37
CA GLU A 67 21.35 6.24 -3.12
C GLU A 67 22.13 5.67 -1.92
N HIS A 68 22.49 4.36 -2.03
CA HIS A 68 23.10 3.55 -0.94
C HIS A 68 24.15 4.34 -0.13
N HIS A 69 23.70 4.84 1.05
CA HIS A 69 24.47 5.76 1.91
C HIS A 69 25.80 5.11 2.31
N HIS A 70 26.90 5.65 1.77
CA HIS A 70 28.26 5.17 2.05
C HIS A 70 28.65 5.62 3.47
N HIS A 71 28.69 4.66 4.41
CA HIS A 71 29.00 4.92 5.83
C HIS A 71 30.47 5.35 6.00
N HIS A 72 31.37 4.67 5.25
CA HIS A 72 32.84 4.84 5.28
C HIS A 72 33.47 4.22 6.53
N HIS A 73 33.06 4.71 7.72
CA HIS A 73 33.64 4.36 9.04
C HIS A 73 35.07 4.95 9.15
#